data_3TIB
#
_entry.id   3TIB
#
_cell.length_a   90.454
_cell.length_b   140.180
_cell.length_c   90.298
_cell.angle_alpha   90.00
_cell.angle_beta   101.22
_cell.angle_gamma   90.00
#
_symmetry.space_group_name_H-M   'P 1 21 1'
#
loop_
_entity.id
_entity.type
_entity.pdbx_description
1 polymer Neuraminidase
2 branched 2-acetamido-2-deoxy-beta-D-glucopyranose-(1-4)-2-acetamido-2-deoxy-beta-D-glucopyranose
3 branched alpha-D-mannopyranose-(1-3)-beta-D-mannopyranose-(1-4)-2-acetamido-2-deoxy-beta-D-glucopyranose-(1-4)-2-acetamido-2-deoxy-beta-D-glucopyranose
4 non-polymer 'CALCIUM ION'
5 non-polymer '5-acetamido-2,6-anhydro-4-carbamimidamido-3,4,5-trideoxy-7-O-methyl-9-O-octanoyl-D-glycero-D-galacto-non-2-enonic acid'
6 water water
#
_entity_poly.entity_id   1
_entity_poly.type   'polypeptide(L)'
_entity_poly.pdbx_seq_one_letter_code
;MNPNQKIITIGSVSLTIATVCFLMQIAILATTVTLHFKQHECDSPASNQVMPCEPIIIERNITEIVYLNNTTIEKEICPK
VVEYRNWSKPQCQITGFAPFSKDNSIRLSAGGDIWVTREPYVSCDPGKCYQFALGQGTTLDNKHSNDTVHDRIPHRTLLM
NELGVPFHLGTRQVCIAWSSSSCHDGKAWLHVCITGDDKNATASFIYDGRLVDSIGSWSQNILRTQESECVCINGTCTVV
MTDGSASGRADTRILFIEEGKIVHISPLSGSAQHIEECSCYPRYPGVRCICRDNWKGSNRPVVDINMEDYSIDSSYVCSG
LVGDTPRNDDSSSNSNCRNPNNERGTQGVKGWAFDNGNDLWMGRTISKESRSGYETFKVIGGWSTPNSKSQVNRQVIVDN
NNWSGYSGIFSVEGKSCINRCFYVELIRGRPQETRVWWTSNSIVVFCGTSGTYGTGSWPDGANINFMPI
;
_entity_poly.pdbx_strand_id   A,B,C,D
#
# COMPACT_ATOMS: atom_id res chain seq x y z
N VAL A 82 22.56 7.96 10.59
CA VAL A 82 22.90 6.98 9.56
C VAL A 82 24.22 7.34 8.86
N GLU A 83 25.12 6.37 8.78
CA GLU A 83 26.45 6.58 8.23
C GLU A 83 26.60 6.00 6.82
N TYR A 84 27.60 6.47 6.09
CA TYR A 84 27.91 5.91 4.78
C TYR A 84 28.38 4.46 4.91
N ARG A 85 28.04 3.64 3.92
CA ARG A 85 28.53 2.26 3.86
C ARG A 85 29.99 2.24 3.46
N ASN A 86 30.76 1.35 4.07
CA ASN A 86 32.15 1.15 3.69
C ASN A 86 32.40 -0.24 3.11
N TRP A 87 31.49 -1.17 3.41
CA TRP A 87 31.64 -2.55 2.98
C TRP A 87 32.98 -3.14 3.44
N SER A 88 33.50 -2.63 4.55
CA SER A 88 34.83 -3.04 5.01
C SER A 88 34.76 -4.25 5.94
N LYS A 89 34.22 -5.33 5.42
CA LYS A 89 34.21 -6.60 6.13
C LYS A 89 34.66 -7.67 5.16
N PRO A 90 35.18 -8.79 5.69
CA PRO A 90 35.58 -9.88 4.81
C PRO A 90 34.37 -10.48 4.09
N GLN A 91 34.59 -11.03 2.91
CA GLN A 91 33.56 -11.72 2.16
C GLN A 91 33.20 -13.02 2.86
N CYS A 92 31.90 -13.32 2.95
CA CYS A 92 31.46 -14.57 3.57
C CYS A 92 32.06 -15.77 2.84
N GLN A 93 32.51 -16.76 3.60
CA GLN A 93 32.93 -18.03 3.00
C GLN A 93 31.68 -18.83 2.66
N ILE A 94 31.52 -19.19 1.39
CA ILE A 94 30.29 -19.85 0.95
C ILE A 94 30.53 -21.24 0.39
N THR A 95 29.52 -22.10 0.54
CA THR A 95 29.58 -23.47 0.04
C THR A 95 28.66 -23.61 -1.16
N GLY A 96 27.98 -22.54 -1.52
CA GLY A 96 26.98 -22.56 -2.56
C GLY A 96 25.90 -21.53 -2.28
N PHE A 97 24.71 -21.74 -2.82
CA PHE A 97 23.65 -20.75 -2.71
C PHE A 97 22.34 -21.38 -2.27
N ALA A 98 21.54 -20.61 -1.54
CA ALA A 98 20.27 -21.08 -1.01
C ALA A 98 19.13 -20.21 -1.55
N PRO A 99 17.94 -20.82 -1.73
CA PRO A 99 16.77 -20.10 -2.22
C PRO A 99 16.45 -18.89 -1.34
N PHE A 100 16.13 -17.76 -1.96
CA PHE A 100 15.88 -16.53 -1.22
C PHE A 100 14.55 -15.85 -1.58
N SER A 101 14.23 -15.80 -2.86
CA SER A 101 13.02 -15.10 -3.31
C SER A 101 12.57 -15.50 -4.71
N LYS A 102 11.29 -15.26 -5.00
CA LYS A 102 10.71 -15.55 -6.30
C LYS A 102 9.43 -14.74 -6.42
N ASP A 103 9.22 -14.05 -7.55
CA ASP A 103 8.06 -13.18 -7.61
C ASP A 103 6.86 -13.69 -8.43
N ASN A 104 7.04 -14.75 -9.20
CA ASN A 104 5.92 -15.40 -9.91
C ASN A 104 5.14 -14.43 -10.81
N SER A 105 5.81 -13.42 -11.34
CA SER A 105 5.15 -12.34 -12.08
C SER A 105 4.25 -12.81 -13.23
N ILE A 106 4.77 -13.68 -14.09
CA ILE A 106 4.05 -14.09 -15.28
C ILE A 106 2.79 -14.91 -14.95
N ARG A 107 2.93 -15.86 -14.02
CA ARG A 107 1.79 -16.65 -13.57
C ARG A 107 0.69 -15.74 -13.02
N LEU A 108 1.07 -14.71 -12.28
CA LEU A 108 0.10 -13.77 -11.70
C LEU A 108 -0.54 -12.89 -12.77
N SER A 109 0.19 -12.64 -13.86
CA SER A 109 -0.29 -11.75 -14.92
C SER A 109 -1.48 -12.35 -15.66
N ALA A 110 -1.65 -13.66 -15.53
CA ALA A 110 -2.75 -14.35 -16.19
C ALA A 110 -4.04 -14.19 -15.41
N GLY A 111 -3.96 -13.51 -14.26
CA GLY A 111 -5.12 -13.27 -13.42
C GLY A 111 -4.94 -12.08 -12.51
N GLY A 112 -4.60 -10.94 -13.09
CA GLY A 112 -4.35 -9.72 -12.33
C GLY A 112 -3.61 -8.71 -13.19
N ASP A 113 -3.55 -7.46 -12.74
CA ASP A 113 -2.85 -6.43 -13.50
C ASP A 113 -1.41 -6.27 -13.04
N ILE A 114 -0.49 -6.75 -13.88
CA ILE A 114 0.93 -6.77 -13.55
C ILE A 114 1.75 -6.11 -14.65
N TRP A 115 2.76 -5.34 -14.27
CA TRP A 115 3.60 -4.65 -15.21
C TRP A 115 4.32 -5.59 -16.17
N VAL A 116 4.39 -5.20 -17.43
CA VAL A 116 5.32 -5.83 -18.37
C VAL A 116 6.71 -5.24 -18.09
N THR A 117 7.70 -6.10 -17.93
CA THR A 117 9.05 -5.65 -17.60
C THR A 117 10.14 -6.44 -18.33
N ARG A 118 11.38 -5.95 -18.21
CA ARG A 118 12.58 -6.72 -18.52
C ARG A 118 13.76 -6.04 -17.83
N GLU A 119 14.93 -6.67 -17.88
CA GLU A 119 16.13 -6.15 -17.24
C GLU A 119 15.94 -5.83 -15.75
N PRO A 120 15.54 -6.84 -14.96
CA PRO A 120 15.37 -6.63 -13.52
C PRO A 120 16.71 -6.68 -12.79
N TYR A 121 16.74 -6.20 -11.57
CA TYR A 121 17.88 -6.42 -10.68
C TYR A 121 17.46 -6.21 -9.24
N VAL A 122 18.38 -6.49 -8.33
CA VAL A 122 18.11 -6.37 -6.90
C VAL A 122 19.18 -5.52 -6.24
N SER A 123 18.76 -4.68 -5.31
CA SER A 123 19.70 -3.93 -4.48
C SER A 123 19.08 -3.72 -3.11
N CYS A 124 19.92 -3.61 -2.09
CA CYS A 124 19.41 -3.52 -0.72
C CYS A 124 19.90 -2.26 -0.03
N ASP A 125 19.04 -1.64 0.77
CA ASP A 125 19.52 -0.63 1.71
C ASP A 125 19.94 -1.37 2.97
N PRO A 126 20.47 -0.65 3.97
CA PRO A 126 21.01 -1.39 5.13
C PRO A 126 19.96 -2.26 5.83
N GLY A 127 18.69 -1.99 5.56
CA GLY A 127 17.61 -2.71 6.21
C GLY A 127 16.98 -3.82 5.39
N LYS A 128 16.59 -3.52 4.16
CA LYS A 128 15.85 -4.49 3.35
C LYS A 128 16.17 -4.43 1.86
N CYS A 129 15.78 -5.49 1.16
CA CYS A 129 16.04 -5.61 -0.26
C CYS A 129 14.87 -5.12 -1.12
N TYR A 130 15.21 -4.61 -2.29
CA TYR A 130 14.23 -4.14 -3.26
C TYR A 130 14.52 -4.77 -4.62
N GLN A 131 13.47 -5.09 -5.34
CA GLN A 131 13.63 -5.52 -6.71
C GLN A 131 13.35 -4.35 -7.63
N PHE A 132 14.11 -4.28 -8.72
CA PHE A 132 13.95 -3.23 -9.71
C PHE A 132 13.69 -3.88 -11.05
N ALA A 133 13.13 -3.11 -11.97
CA ALA A 133 13.01 -3.56 -13.35
C ALA A 133 12.64 -2.39 -14.24
N LEU A 134 12.86 -2.55 -15.53
CA LEU A 134 12.43 -1.56 -16.49
C LEU A 134 11.04 -1.91 -17.02
N GLY A 135 10.05 -1.11 -16.65
CA GLY A 135 8.71 -1.29 -17.17
C GLY A 135 8.65 -1.02 -18.66
N GLN A 136 7.52 -1.39 -19.27
CA GLN A 136 7.26 -1.09 -20.68
C GLN A 136 6.08 -0.14 -20.79
N GLY A 137 5.75 0.51 -19.68
CA GLY A 137 4.65 1.46 -19.66
C GLY A 137 3.31 0.82 -19.90
N THR A 138 3.16 -0.43 -19.50
CA THR A 138 1.93 -1.17 -19.71
C THR A 138 1.88 -2.41 -18.81
N THR A 139 0.68 -2.89 -18.56
CA THR A 139 0.51 -4.18 -17.89
C THR A 139 0.44 -5.24 -18.98
N LEU A 140 0.39 -6.51 -18.57
CA LEU A 140 0.51 -7.62 -19.52
C LEU A 140 -0.81 -7.91 -20.23
N ASP A 141 -1.90 -7.99 -19.46
CA ASP A 141 -3.21 -8.19 -20.04
C ASP A 141 -3.76 -6.84 -20.51
N ASN A 142 -3.24 -6.38 -21.64
CA ASN A 142 -3.39 -4.99 -22.09
C ASN A 142 -2.91 -4.96 -23.53
N LYS A 143 -3.70 -4.38 -24.43
CA LYS A 143 -3.31 -4.35 -25.84
C LYS A 143 -1.97 -3.66 -26.06
N HIS A 144 -1.57 -2.79 -25.13
CA HIS A 144 -0.27 -2.13 -25.24
C HIS A 144 0.91 -3.06 -24.99
N SER A 145 0.65 -4.28 -24.52
CA SER A 145 1.74 -5.23 -24.30
C SER A 145 2.26 -5.79 -25.62
N ASN A 146 1.52 -5.54 -26.69
CA ASN A 146 1.90 -6.00 -28.02
C ASN A 146 3.24 -5.43 -28.45
N ASP A 147 4.16 -6.29 -28.88
CA ASP A 147 5.44 -5.86 -29.44
C ASP A 147 6.34 -5.17 -28.41
N THR A 148 6.33 -5.66 -27.17
CA THR A 148 7.19 -5.12 -26.12
C THR A 148 8.58 -5.76 -26.12
N VAL A 149 8.87 -6.53 -27.16
CA VAL A 149 10.21 -7.11 -27.30
C VAL A 149 11.26 -6.02 -27.49
N HIS A 150 10.83 -4.85 -27.98
CA HIS A 150 11.74 -3.74 -28.24
C HIS A 150 12.39 -3.16 -26.98
N ASP A 151 13.66 -2.81 -27.09
CA ASP A 151 14.47 -2.42 -25.94
C ASP A 151 14.25 -0.98 -25.46
N ARG A 152 13.93 -0.08 -26.37
CA ARG A 152 13.95 1.34 -26.04
C ARG A 152 12.76 2.10 -26.58
N ILE A 153 11.87 2.51 -25.67
CA ILE A 153 10.79 3.45 -25.99
C ILE A 153 10.71 4.50 -24.89
N PRO A 154 10.07 5.63 -25.17
CA PRO A 154 9.98 6.74 -24.20
C PRO A 154 9.22 6.38 -22.93
N HIS A 155 8.42 5.31 -22.98
CA HIS A 155 7.51 5.01 -21.88
C HIS A 155 8.11 4.06 -20.85
N ARG A 156 9.33 3.58 -21.11
CA ARG A 156 9.99 2.73 -20.14
C ARG A 156 10.36 3.55 -18.92
N THR A 157 10.11 2.98 -17.74
CA THR A 157 10.43 3.65 -16.49
C THR A 157 11.04 2.63 -15.54
N LEU A 158 11.85 3.10 -14.59
CA LEU A 158 12.41 2.22 -13.58
C LEU A 158 11.40 1.94 -12.47
N LEU A 159 11.08 0.66 -12.28
CA LEU A 159 10.13 0.25 -11.24
C LEU A 159 10.88 -0.17 -10.00
N MET A 160 10.31 0.09 -8.82
CA MET A 160 10.95 -0.25 -7.56
C MET A 160 9.95 -0.73 -6.49
N ASN A 161 10.10 -1.97 -6.06
CA ASN A 161 9.29 -2.55 -4.99
C ASN A 161 10.18 -3.22 -3.96
N GLU A 162 9.64 -3.50 -2.78
CA GLU A 162 10.32 -4.38 -1.85
C GLU A 162 10.43 -5.75 -2.51
N LEU A 163 11.56 -6.43 -2.30
CA LEU A 163 11.79 -7.74 -2.89
C LEU A 163 10.66 -8.69 -2.52
N GLY A 164 10.06 -9.33 -3.53
CA GLY A 164 8.98 -10.25 -3.28
C GLY A 164 7.59 -9.69 -3.49
N VAL A 165 7.49 -8.37 -3.67
CA VAL A 165 6.22 -7.75 -4.04
C VAL A 165 6.15 -7.67 -5.56
N PRO A 166 5.15 -8.34 -6.16
CA PRO A 166 5.01 -8.32 -7.62
C PRO A 166 4.81 -6.89 -8.09
N PHE A 167 5.18 -6.60 -9.34
CA PHE A 167 4.97 -5.27 -9.88
C PHE A 167 3.50 -5.04 -10.25
N HIS A 168 2.69 -4.77 -9.24
CA HIS A 168 1.28 -4.45 -9.44
C HIS A 168 1.14 -2.96 -9.73
N LEU A 169 -0.09 -2.49 -9.88
CA LEU A 169 -0.33 -1.09 -10.26
C LEU A 169 0.03 -0.05 -9.20
N GLY A 170 0.30 -0.50 -7.98
CA GLY A 170 0.71 0.41 -6.91
C GLY A 170 2.21 0.62 -6.90
N THR A 171 2.90 0.07 -7.89
CA THR A 171 4.36 0.16 -7.95
C THR A 171 4.80 1.57 -8.32
N ARG A 172 5.82 2.08 -7.63
CA ARG A 172 6.36 3.39 -7.95
C ARG A 172 7.33 3.39 -9.12
N GLN A 173 7.07 4.23 -10.10
CA GLN A 173 8.01 4.49 -11.17
C GLN A 173 9.00 5.56 -10.72
N VAL A 174 10.25 5.15 -10.57
CA VAL A 174 11.28 5.97 -9.93
C VAL A 174 11.86 7.03 -10.87
N CYS A 175 11.87 6.74 -12.16
CA CYS A 175 12.40 7.66 -13.14
C CYS A 175 12.16 7.11 -14.54
N ILE A 176 12.36 7.94 -15.56
CA ILE A 176 12.26 7.51 -16.93
C ILE A 176 13.57 6.83 -17.32
N ALA A 177 13.51 5.60 -17.80
CA ALA A 177 14.72 4.85 -18.12
C ALA A 177 14.49 3.65 -19.03
N TRP A 178 15.34 3.51 -20.05
CA TRP A 178 15.45 2.26 -20.77
C TRP A 178 16.81 1.60 -20.55
N SER A 179 17.56 2.20 -19.63
CA SER A 179 18.77 1.61 -19.06
C SER A 179 18.98 2.27 -17.71
N SER A 180 19.40 1.51 -16.70
CA SER A 180 19.51 2.10 -15.38
C SER A 180 20.42 1.34 -14.43
N SER A 181 20.67 1.99 -13.29
CA SER A 181 21.45 1.40 -12.23
C SER A 181 21.01 2.09 -10.94
N SER A 182 21.00 1.36 -9.84
CA SER A 182 20.63 1.92 -8.55
C SER A 182 21.53 1.39 -7.44
N CYS A 183 21.75 2.22 -6.43
CA CYS A 183 22.49 1.80 -5.24
C CYS A 183 22.21 2.72 -4.07
N HIS A 184 22.40 2.21 -2.87
CA HIS A 184 22.19 2.96 -1.64
C HIS A 184 23.53 3.15 -0.96
N ASP A 185 23.87 4.39 -0.62
CA ASP A 185 25.19 4.68 -0.07
C ASP A 185 25.22 4.63 1.46
N GLY A 186 24.11 4.23 2.05
CA GLY A 186 24.00 4.15 3.50
C GLY A 186 23.08 5.21 4.05
N LYS A 187 22.89 6.28 3.28
CA LYS A 187 22.02 7.39 3.68
C LYS A 187 20.81 7.51 2.76
N ALA A 188 21.03 7.36 1.46
CA ALA A 188 19.95 7.54 0.49
C ALA A 188 20.19 6.78 -0.80
N TRP A 189 19.12 6.61 -1.58
CA TRP A 189 19.19 5.94 -2.86
C TRP A 189 19.73 6.85 -3.96
N LEU A 190 20.59 6.27 -4.80
CA LEU A 190 21.01 6.89 -6.04
C LEU A 190 20.39 6.08 -7.18
N HIS A 191 19.81 6.78 -8.16
CA HIS A 191 19.32 6.13 -9.37
C HIS A 191 19.96 6.80 -10.57
N VAL A 192 20.47 5.99 -11.49
CA VAL A 192 21.03 6.46 -12.73
C VAL A 192 20.10 6.00 -13.85
N CYS A 193 19.54 6.94 -14.58
CA CYS A 193 18.48 6.62 -15.53
C CYS A 193 18.74 7.21 -16.90
N ILE A 194 18.72 6.34 -17.91
CA ILE A 194 18.99 6.78 -19.28
C ILE A 194 17.75 6.62 -20.15
N THR A 195 17.41 7.69 -20.86
CA THR A 195 16.26 7.66 -21.77
C THR A 195 16.52 8.65 -22.90
N GLY A 196 15.66 8.62 -23.92
CA GLY A 196 15.78 9.54 -25.03
C GLY A 196 16.25 8.89 -26.33
N ASP A 197 16.50 9.71 -27.35
CA ASP A 197 16.93 9.23 -28.66
C ASP A 197 18.18 8.35 -28.59
N ASP A 198 18.24 7.35 -29.48
CA ASP A 198 19.39 6.46 -29.57
C ASP A 198 20.71 7.22 -29.75
N LYS A 199 20.69 8.21 -30.63
CA LYS A 199 21.90 8.96 -30.99
C LYS A 199 22.20 10.14 -30.07
N ASN A 200 21.31 10.40 -29.11
CA ASN A 200 21.45 11.60 -28.28
C ASN A 200 20.73 11.43 -26.95
N ALA A 201 21.09 10.37 -26.22
CA ALA A 201 20.42 10.03 -24.97
C ALA A 201 20.87 10.94 -23.84
N THR A 202 20.08 10.97 -22.76
CA THR A 202 20.51 11.66 -21.55
C THR A 202 20.43 10.77 -20.32
N ALA A 203 21.48 10.78 -19.53
CA ALA A 203 21.49 10.08 -18.26
C ALA A 203 21.16 11.04 -17.13
N SER A 204 20.11 10.75 -16.36
CA SER A 204 19.76 11.54 -15.20
C SER A 204 20.27 10.88 -13.92
N PHE A 205 20.79 11.68 -12.99
CA PHE A 205 21.27 11.17 -11.72
C PHE A 205 20.40 11.68 -10.57
N ILE A 206 19.64 10.79 -9.97
CA ILE A 206 18.71 11.15 -8.92
C ILE A 206 19.21 10.65 -7.58
N TYR A 207 19.31 11.55 -6.61
CA TYR A 207 19.82 11.19 -5.29
C TYR A 207 18.91 11.72 -4.20
N ASP A 208 18.50 10.85 -3.29
CA ASP A 208 17.65 11.26 -2.18
C ASP A 208 16.38 11.92 -2.70
N GLY A 209 15.88 11.42 -3.82
CA GLY A 209 14.60 11.87 -4.34
C GLY A 209 14.62 13.16 -5.14
N ARG A 210 15.80 13.62 -5.56
CA ARG A 210 15.86 14.82 -6.38
C ARG A 210 16.93 14.71 -7.46
N LEU A 211 16.70 15.38 -8.59
CA LEU A 211 17.65 15.32 -9.69
C LEU A 211 18.84 16.21 -9.37
N VAL A 212 20.02 15.61 -9.32
CA VAL A 212 21.22 16.35 -8.93
C VAL A 212 22.15 16.62 -10.10
N ASP A 213 22.15 15.75 -11.10
CA ASP A 213 23.05 15.91 -12.23
C ASP A 213 22.52 15.19 -13.47
N SER A 214 23.18 15.40 -14.60
CA SER A 214 22.86 14.70 -15.83
C SER A 214 24.00 14.83 -16.81
N ILE A 215 24.13 13.87 -17.71
CA ILE A 215 25.15 13.93 -18.74
C ILE A 215 24.57 13.44 -20.07
N GLY A 216 25.01 14.04 -21.17
CA GLY A 216 24.55 13.66 -22.49
C GLY A 216 25.44 12.59 -23.11
N SER A 217 24.97 12.01 -24.21
CA SER A 217 25.71 10.98 -24.92
C SER A 217 27.04 11.51 -25.41
N TRP A 218 28.11 10.73 -25.24
CA TRP A 218 29.44 11.17 -25.69
C TRP A 218 29.92 10.51 -26.98
N SER A 219 29.20 9.49 -27.44
CA SER A 219 29.53 8.83 -28.71
C SER A 219 28.32 8.73 -29.64
N GLN A 220 27.21 9.31 -29.21
CA GLN A 220 26.01 9.35 -30.03
C GLN A 220 25.57 7.97 -30.54
N ASN A 221 25.68 6.96 -29.69
CA ASN A 221 25.27 5.62 -30.08
C ASN A 221 24.81 4.78 -28.88
N ILE A 222 23.60 5.08 -28.41
CA ILE A 222 22.97 4.31 -27.33
C ILE A 222 23.78 4.30 -26.03
N LEU A 223 23.86 5.44 -25.38
CA LEU A 223 24.42 5.54 -24.04
C LEU A 223 23.73 4.50 -23.16
N ARG A 224 24.49 3.75 -22.38
CA ARG A 224 23.92 2.64 -21.62
C ARG A 224 24.74 2.26 -20.39
N THR A 225 24.05 1.73 -19.38
CA THR A 225 24.72 1.41 -18.12
C THR A 225 24.50 -0.05 -17.67
N GLN A 226 24.60 -0.32 -16.38
CA GLN A 226 24.80 -1.68 -15.87
C GLN A 226 23.59 -2.63 -15.91
N GLU A 227 22.39 -2.10 -15.66
CA GLU A 227 21.19 -2.92 -15.44
C GLU A 227 21.34 -3.79 -14.19
N SER A 228 22.10 -3.28 -13.21
CA SER A 228 22.23 -3.92 -11.91
C SER A 228 22.71 -2.87 -10.92
N GLU A 229 22.93 -3.27 -9.66
CA GLU A 229 23.24 -2.28 -8.65
C GLU A 229 24.62 -1.67 -8.87
N CYS A 230 24.73 -0.37 -8.61
CA CYS A 230 26.04 0.26 -8.56
C CYS A 230 26.55 0.04 -7.14
N VAL A 231 27.76 0.50 -6.84
CA VAL A 231 28.26 0.34 -5.47
C VAL A 231 28.92 1.58 -4.90
N CYS A 232 28.70 1.78 -3.61
CA CYS A 232 29.16 2.97 -2.92
C CYS A 232 30.08 2.60 -1.78
N ILE A 233 31.17 3.35 -1.64
CA ILE A 233 32.06 3.22 -0.50
C ILE A 233 32.37 4.61 0.05
N ASN A 234 32.09 4.80 1.33
CA ASN A 234 32.35 6.06 2.01
C ASN A 234 31.77 7.27 1.31
N GLY A 235 30.53 7.14 0.82
CA GLY A 235 29.81 8.26 0.26
C GLY A 235 30.05 8.48 -1.23
N THR A 236 30.98 7.73 -1.80
CA THR A 236 31.24 7.82 -3.23
C THR A 236 30.73 6.57 -3.95
N CYS A 237 29.85 6.78 -4.92
CA CYS A 237 29.28 5.69 -5.70
C CYS A 237 29.94 5.62 -7.06
N THR A 238 30.13 4.42 -7.57
CA THR A 238 30.73 4.23 -8.88
C THR A 238 29.76 3.51 -9.81
N VAL A 239 29.77 3.89 -11.08
CA VAL A 239 28.89 3.26 -12.05
C VAL A 239 29.58 3.21 -13.41
N VAL A 240 29.39 2.10 -14.13
CA VAL A 240 30.04 1.91 -15.42
C VAL A 240 29.06 2.22 -16.56
N MET A 241 29.47 3.12 -17.45
CA MET A 241 28.64 3.50 -18.59
C MET A 241 29.39 3.31 -19.91
N THR A 242 28.68 2.86 -20.92
CA THR A 242 29.26 2.72 -22.25
C THR A 242 28.42 3.47 -23.29
N ASP A 243 29.10 3.97 -24.31
CA ASP A 243 28.44 4.64 -25.42
C ASP A 243 29.24 4.26 -26.66
N GLY A 244 28.56 3.84 -27.72
CA GLY A 244 29.26 3.42 -28.92
C GLY A 244 28.79 2.07 -29.44
N SER A 245 29.58 1.49 -30.34
CA SER A 245 29.19 0.27 -31.06
C SER A 245 28.87 -0.92 -30.17
N ALA A 246 27.87 -1.70 -30.59
CA ALA A 246 27.50 -2.94 -29.89
C ALA A 246 28.34 -4.12 -30.36
N SER A 247 28.98 -3.94 -31.51
CA SER A 247 29.78 -5.01 -32.13
C SER A 247 31.09 -4.46 -32.66
N GLY A 248 31.76 -3.66 -31.83
CA GLY A 248 33.00 -3.01 -32.21
C GLY A 248 33.51 -2.19 -31.06
N ARG A 249 34.69 -1.59 -31.21
CA ARG A 249 35.24 -0.76 -30.15
C ARG A 249 34.27 0.35 -29.76
N ALA A 250 34.06 0.50 -28.45
CA ALA A 250 33.15 1.51 -27.93
C ALA A 250 33.86 2.42 -26.94
N ASP A 251 33.12 3.37 -26.38
CA ASP A 251 33.69 4.31 -25.43
C ASP A 251 33.10 4.09 -24.04
N THR A 252 33.86 3.38 -23.19
CA THR A 252 33.41 3.05 -21.85
C THR A 252 34.04 3.96 -20.80
N ARG A 253 33.21 4.45 -19.88
CA ARG A 253 33.70 5.37 -18.86
C ARG A 253 33.18 4.98 -17.49
N ILE A 254 33.97 5.29 -16.46
CA ILE A 254 33.58 5.00 -15.09
C ILE A 254 33.32 6.29 -14.35
N LEU A 255 32.11 6.45 -13.84
CA LEU A 255 31.71 7.67 -13.15
C LEU A 255 31.78 7.50 -11.63
N PHE A 256 32.26 8.54 -10.97
CA PHE A 256 32.31 8.57 -9.52
C PHE A 256 31.35 9.66 -9.05
N ILE A 257 30.41 9.28 -8.22
CA ILE A 257 29.29 10.14 -7.88
C ILE A 257 29.15 10.32 -6.37
N GLU A 258 29.03 11.56 -5.94
CA GLU A 258 28.85 11.86 -4.51
C GLU A 258 27.55 12.63 -4.28
N GLU A 259 26.60 11.99 -3.61
CA GLU A 259 25.29 12.60 -3.37
C GLU A 259 24.64 13.09 -4.66
N GLY A 260 24.75 12.28 -5.71
CA GLY A 260 24.09 12.57 -6.97
C GLY A 260 24.95 13.37 -7.92
N LYS A 261 26.05 13.92 -7.42
CA LYS A 261 26.91 14.80 -8.21
C LYS A 261 28.13 14.08 -8.77
N ILE A 262 28.31 14.15 -10.09
CA ILE A 262 29.48 13.56 -10.73
C ILE A 262 30.75 14.33 -10.40
N VAL A 263 31.70 13.69 -9.73
CA VAL A 263 32.92 14.37 -9.30
C VAL A 263 34.16 13.98 -10.11
N HIS A 264 34.06 12.90 -10.88
CA HIS A 264 35.17 12.46 -11.69
C HIS A 264 34.69 11.42 -12.70
N ILE A 265 35.35 11.39 -13.85
CA ILE A 265 35.06 10.40 -14.87
C ILE A 265 36.37 9.84 -15.41
N SER A 266 36.54 8.52 -15.29
CA SER A 266 37.75 7.87 -15.77
C SER A 266 37.44 7.00 -16.98
N PRO A 267 38.23 7.13 -18.05
CA PRO A 267 38.10 6.25 -19.21
C PRO A 267 38.41 4.81 -18.82
N LEU A 268 37.80 3.85 -19.51
CA LEU A 268 38.17 2.46 -19.31
C LEU A 268 39.65 2.30 -19.66
N SER A 269 40.35 1.42 -18.94
CA SER A 269 41.75 1.17 -19.18
C SER A 269 42.06 -0.30 -18.86
N GLY A 270 43.11 -0.84 -19.47
CA GLY A 270 43.44 -2.24 -19.31
C GLY A 270 43.26 -3.00 -20.61
N SER A 271 43.06 -4.32 -20.53
CA SER A 271 42.99 -5.14 -21.73
C SER A 271 41.58 -5.58 -22.16
N ALA A 272 40.55 -5.23 -21.40
CA ALA A 272 39.19 -5.54 -21.83
C ALA A 272 38.86 -4.73 -23.08
N GLN A 273 38.35 -5.39 -24.12
CA GLN A 273 38.13 -4.73 -25.41
C GLN A 273 36.68 -4.33 -25.67
N HIS A 274 35.76 -4.84 -24.86
CA HIS A 274 34.36 -4.44 -24.96
C HIS A 274 33.65 -4.66 -23.63
N ILE A 275 32.89 -3.66 -23.20
CA ILE A 275 32.30 -3.68 -21.87
C ILE A 275 30.84 -3.23 -21.90
N GLU A 276 29.96 -4.10 -21.42
CA GLU A 276 28.55 -3.79 -21.31
C GLU A 276 27.97 -4.44 -20.06
N GLU A 277 26.95 -3.81 -19.49
CA GLU A 277 26.14 -4.42 -18.44
C GLU A 277 26.96 -5.09 -17.34
N CYS A 278 27.79 -4.28 -16.68
CA CYS A 278 28.63 -4.79 -15.59
C CYS A 278 27.83 -5.17 -14.35
N SER A 279 28.18 -6.32 -13.78
CA SER A 279 27.68 -6.70 -12.46
C SER A 279 28.82 -6.48 -11.47
N CYS A 280 28.66 -5.47 -10.63
CA CYS A 280 29.73 -4.98 -9.78
C CYS A 280 29.47 -5.31 -8.32
N TYR A 281 30.54 -5.44 -7.55
CA TYR A 281 30.42 -5.67 -6.13
C TYR A 281 31.55 -5.03 -5.33
N PRO A 282 31.27 -4.67 -4.07
CA PRO A 282 32.32 -4.10 -3.23
C PRO A 282 33.38 -5.13 -2.89
N ARG A 283 34.63 -4.76 -3.08
CA ARG A 283 35.75 -5.56 -2.63
C ARG A 283 36.72 -4.60 -1.98
N TYR A 284 36.40 -4.19 -0.76
CA TYR A 284 37.13 -3.13 -0.06
C TYR A 284 38.64 -3.34 -0.21
N PRO A 285 39.38 -2.25 -0.51
CA PRO A 285 38.92 -0.86 -0.59
C PRO A 285 38.37 -0.47 -1.96
N GLY A 286 38.28 -1.43 -2.87
CA GLY A 286 37.86 -1.11 -4.23
C GLY A 286 36.54 -1.73 -4.66
N VAL A 287 36.28 -1.63 -5.96
CA VAL A 287 35.09 -2.23 -6.54
C VAL A 287 35.52 -3.09 -7.71
N ARG A 288 34.89 -4.26 -7.86
CA ARG A 288 35.18 -5.16 -8.96
C ARG A 288 33.91 -5.46 -9.76
N CYS A 289 34.04 -5.49 -11.08
CA CYS A 289 32.89 -5.73 -11.96
C CYS A 289 33.17 -6.87 -12.92
N ILE A 290 32.16 -7.70 -13.14
CA ILE A 290 32.21 -8.73 -14.15
C ILE A 290 31.18 -8.37 -15.21
N CYS A 291 31.61 -8.27 -16.46
CA CYS A 291 30.79 -7.63 -17.47
C CYS A 291 30.47 -8.53 -18.67
N ARG A 292 29.96 -7.91 -19.73
CA ARG A 292 29.57 -8.60 -20.95
C ARG A 292 30.35 -8.01 -22.12
N ASP A 293 31.10 -8.85 -22.83
CA ASP A 293 31.79 -8.45 -24.04
C ASP A 293 30.90 -8.82 -25.20
N ASN A 294 30.41 -7.85 -25.95
CA ASN A 294 29.42 -8.13 -27.00
C ASN A 294 30.06 -8.27 -28.38
N TRP A 295 31.38 -8.27 -28.41
CA TRP A 295 32.11 -8.13 -29.66
C TRP A 295 32.93 -9.37 -30.02
N LYS A 296 33.96 -9.67 -29.22
CA LYS A 296 34.87 -10.74 -29.58
C LYS A 296 35.04 -11.84 -28.54
N GLY A 297 34.42 -11.69 -27.37
CA GLY A 297 34.69 -12.62 -26.30
C GLY A 297 33.46 -13.33 -25.75
N SER A 298 33.58 -14.64 -25.56
CA SER A 298 32.57 -15.37 -24.81
C SER A 298 33.07 -15.53 -23.38
N ASN A 299 34.33 -15.15 -23.16
CA ASN A 299 34.81 -14.97 -21.79
C ASN A 299 34.40 -13.59 -21.29
N ARG A 300 34.16 -13.47 -19.98
CA ARG A 300 33.64 -12.23 -19.39
C ARG A 300 34.75 -11.26 -18.96
N PRO A 301 34.64 -10.00 -19.39
CA PRO A 301 35.61 -8.97 -18.99
C PRO A 301 35.54 -8.69 -17.49
N VAL A 302 36.67 -8.29 -16.92
CA VAL A 302 36.73 -7.88 -15.53
C VAL A 302 37.18 -6.43 -15.49
N VAL A 303 36.51 -5.61 -14.67
CA VAL A 303 36.93 -4.23 -14.50
C VAL A 303 37.21 -3.96 -13.02
N ASP A 304 38.42 -3.49 -12.74
CA ASP A 304 38.81 -3.14 -11.37
C ASP A 304 38.79 -1.64 -11.17
N ILE A 305 38.07 -1.19 -10.14
CA ILE A 305 37.90 0.24 -9.90
C ILE A 305 38.53 0.65 -8.58
N ASN A 306 39.55 1.50 -8.65
CA ASN A 306 40.19 2.03 -7.46
C ASN A 306 39.47 3.29 -6.97
N MET A 307 38.85 3.21 -5.80
CA MET A 307 38.03 4.29 -5.28
C MET A 307 38.85 5.40 -4.65
N GLU A 308 40.14 5.15 -4.44
CA GLU A 308 41.00 6.14 -3.81
C GLU A 308 41.62 7.13 -4.80
N ASP A 309 42.05 6.65 -5.96
CA ASP A 309 42.65 7.52 -6.97
C ASP A 309 41.94 7.46 -8.33
N TYR A 310 40.81 6.76 -8.41
CA TYR A 310 40.00 6.74 -9.62
C TYR A 310 40.65 5.99 -10.79
N SER A 311 41.72 5.25 -10.51
CA SER A 311 42.37 4.49 -11.58
C SER A 311 41.58 3.23 -11.93
N ILE A 312 41.67 2.83 -13.19
CA ILE A 312 40.90 1.71 -13.70
C ILE A 312 41.84 0.65 -14.26
N ASP A 313 41.48 -0.61 -14.08
CA ASP A 313 42.19 -1.70 -14.73
C ASP A 313 41.15 -2.69 -15.25
N SER A 314 41.51 -3.48 -16.25
CA SER A 314 40.58 -4.43 -16.81
C SER A 314 41.30 -5.62 -17.43
N SER A 315 40.58 -6.74 -17.51
CA SER A 315 41.10 -7.98 -18.08
C SER A 315 39.91 -8.89 -18.34
N TYR A 316 40.15 -10.20 -18.30
CA TYR A 316 39.08 -11.17 -18.49
C TYR A 316 39.15 -12.22 -17.41
N VAL A 317 38.01 -12.86 -17.14
CA VAL A 317 37.97 -13.93 -16.16
C VAL A 317 38.81 -15.11 -16.66
N CYS A 318 39.64 -15.68 -15.78
CA CYS A 318 40.56 -16.76 -16.13
C CYS A 318 39.87 -18.06 -16.56
N SER A 319 38.82 -18.43 -15.84
CA SER A 319 38.16 -19.73 -16.03
C SER A 319 37.96 -20.11 -17.49
N GLY A 320 38.36 -21.32 -17.84
CA GLY A 320 38.16 -21.85 -19.18
C GLY A 320 36.71 -22.24 -19.37
N LEU A 321 35.97 -22.35 -18.27
CA LEU A 321 34.52 -22.52 -18.31
C LEU A 321 33.94 -21.13 -18.36
N VAL A 322 33.62 -20.65 -19.56
CA VAL A 322 33.26 -19.26 -19.76
C VAL A 322 31.78 -19.00 -19.46
N GLY A 323 31.46 -17.76 -19.15
CA GLY A 323 30.15 -17.43 -18.62
C GLY A 323 29.18 -16.75 -19.56
N ASP A 324 29.61 -16.45 -20.77
CA ASP A 324 28.73 -15.75 -21.70
C ASP A 324 27.85 -16.72 -22.47
N THR A 325 26.84 -16.15 -23.13
CA THR A 325 26.00 -16.87 -24.07
C THR A 325 25.75 -15.95 -25.26
N PRO A 326 26.09 -16.41 -26.48
CA PRO A 326 26.58 -17.75 -26.81
C PRO A 326 28.03 -18.00 -26.41
N ARG A 327 28.46 -19.25 -26.51
CA ARG A 327 29.82 -19.66 -26.17
C ARG A 327 30.07 -21.05 -26.76
N ASN A 328 31.35 -21.45 -26.82
CA ASN A 328 31.70 -22.81 -27.20
C ASN A 328 31.33 -23.76 -26.08
N ASP A 329 31.25 -25.06 -26.38
CA ASP A 329 31.04 -26.01 -25.30
C ASP A 329 32.33 -26.16 -24.49
N ASP A 330 32.21 -26.75 -23.30
CA ASP A 330 33.29 -26.77 -22.32
C ASP A 330 34.60 -27.36 -22.84
N SER A 331 34.52 -28.29 -23.78
CA SER A 331 35.72 -28.97 -24.26
C SER A 331 36.56 -28.08 -25.19
N SER A 332 35.93 -27.09 -25.81
CA SER A 332 36.65 -26.23 -26.76
C SER A 332 36.59 -24.74 -26.42
N SER A 333 36.20 -24.41 -25.19
CA SER A 333 36.20 -23.01 -24.77
C SER A 333 37.52 -22.65 -24.10
N ASN A 334 37.93 -21.39 -24.23
CA ASN A 334 39.20 -20.95 -23.66
C ASN A 334 39.15 -19.54 -23.09
N SER A 335 40.02 -19.28 -22.12
CA SER A 335 40.30 -17.92 -21.67
C SER A 335 41.77 -17.85 -21.26
N ASN A 336 42.45 -16.76 -21.62
CA ASN A 336 43.82 -16.56 -21.20
C ASN A 336 43.98 -15.45 -20.18
N CYS A 337 42.85 -14.95 -19.67
CA CYS A 337 42.82 -13.92 -18.63
C CYS A 337 43.07 -12.50 -19.14
N ARG A 338 43.55 -12.37 -20.37
CA ARG A 338 43.96 -11.06 -20.89
C ARG A 338 43.17 -10.56 -22.09
N ASN A 339 42.82 -11.46 -23.00
CA ASN A 339 42.18 -11.06 -24.24
C ASN A 339 40.82 -11.74 -24.44
N PRO A 340 39.95 -11.15 -25.25
CA PRO A 340 38.73 -11.85 -25.63
C PRO A 340 39.12 -13.11 -26.39
N ASN A 341 38.36 -14.20 -26.22
CA ASN A 341 38.77 -15.49 -26.77
C ASN A 341 38.41 -15.71 -28.24
N ASN A 342 37.67 -14.78 -28.83
CA ASN A 342 37.25 -14.93 -30.22
C ASN A 342 36.53 -16.25 -30.48
N GLU A 343 35.76 -16.70 -29.49
CA GLU A 343 34.99 -17.92 -29.62
C GLU A 343 33.51 -17.61 -29.49
N ARG A 344 32.82 -17.57 -30.63
CA ARG A 344 31.43 -17.14 -30.68
C ARG A 344 31.27 -15.89 -29.83
N GLY A 345 32.19 -14.95 -30.01
CA GLY A 345 32.24 -13.76 -29.19
C GLY A 345 31.12 -12.76 -29.40
N THR A 346 30.61 -12.64 -30.62
CA THR A 346 29.62 -11.60 -30.89
C THR A 346 28.34 -11.87 -30.12
N GLN A 347 27.65 -10.79 -29.72
CA GLN A 347 26.44 -10.90 -28.91
C GLN A 347 26.80 -11.41 -27.52
N GLY A 348 25.80 -11.62 -26.67
CA GLY A 348 26.08 -12.06 -25.31
C GLY A 348 24.88 -11.92 -24.39
N VAL A 349 25.14 -11.99 -23.09
CA VAL A 349 24.09 -11.83 -22.09
C VAL A 349 24.70 -11.33 -20.78
N LYS A 350 23.99 -10.45 -20.08
CA LYS A 350 24.47 -9.96 -18.80
C LYS A 350 24.62 -11.14 -17.84
N GLY A 351 25.75 -11.18 -17.14
CA GLY A 351 26.00 -12.22 -16.16
C GLY A 351 26.90 -11.75 -15.03
N TRP A 352 27.38 -12.67 -14.21
CA TRP A 352 28.15 -12.31 -13.02
C TRP A 352 29.12 -13.41 -12.63
N ALA A 353 30.01 -13.07 -11.72
CA ALA A 353 30.97 -14.00 -11.14
C ALA A 353 31.64 -13.24 -10.03
N PHE A 354 32.26 -13.94 -9.09
CA PHE A 354 33.09 -13.28 -8.11
C PHE A 354 34.21 -14.18 -7.62
N ASP A 355 35.30 -13.54 -7.19
CA ASP A 355 36.49 -14.24 -6.76
C ASP A 355 36.40 -14.67 -5.32
N ASN A 356 37.04 -15.79 -5.00
CA ASN A 356 37.32 -16.17 -3.63
C ASN A 356 38.70 -16.78 -3.57
N GLY A 357 39.70 -15.94 -3.30
CA GLY A 357 41.08 -16.39 -3.36
C GLY A 357 41.45 -16.67 -4.79
N ASN A 358 41.89 -17.90 -5.06
CA ASN A 358 42.22 -18.30 -6.42
C ASN A 358 41.01 -18.87 -7.15
N ASP A 359 39.94 -19.11 -6.41
CA ASP A 359 38.77 -19.79 -6.96
C ASP A 359 37.75 -18.79 -7.46
N LEU A 360 36.78 -19.27 -8.23
CA LEU A 360 35.78 -18.42 -8.84
C LEU A 360 34.38 -19.02 -8.68
N TRP A 361 33.45 -18.22 -8.15
CA TRP A 361 32.04 -18.58 -8.19
C TRP A 361 31.40 -17.88 -9.36
N MET A 362 30.60 -18.60 -10.14
CA MET A 362 29.95 -18.00 -11.30
C MET A 362 28.62 -18.67 -11.65
N GLY A 363 27.80 -17.94 -12.41
CA GLY A 363 26.60 -18.48 -12.99
C GLY A 363 26.66 -18.36 -14.49
N ARG A 364 25.78 -19.09 -15.18
CA ARG A 364 25.69 -19.04 -16.64
C ARG A 364 24.42 -19.75 -17.04
N THR A 365 23.92 -19.48 -18.25
CA THR A 365 22.86 -20.27 -18.80
C THR A 365 23.38 -21.69 -18.97
N ILE A 366 22.49 -22.68 -18.92
CA ILE A 366 22.91 -24.06 -19.15
C ILE A 366 23.15 -24.29 -20.64
N SER A 367 22.25 -23.77 -21.46
CA SER A 367 22.42 -23.83 -22.91
C SER A 367 23.57 -22.91 -23.32
N LYS A 368 24.35 -23.34 -24.30
CA LYS A 368 25.49 -22.54 -24.72
C LYS A 368 25.14 -21.58 -25.85
N GLU A 369 23.95 -21.74 -26.44
CA GLU A 369 23.55 -20.94 -27.59
C GLU A 369 22.31 -20.07 -27.32
N SER A 370 21.52 -20.43 -26.32
CA SER A 370 20.31 -19.69 -26.04
C SER A 370 20.17 -19.39 -24.55
N ARG A 371 19.32 -18.42 -24.24
CA ARG A 371 19.10 -18.02 -22.85
C ARG A 371 18.12 -18.97 -22.20
N SER A 372 18.59 -20.20 -22.00
CA SER A 372 17.79 -21.28 -21.48
C SER A 372 18.53 -21.92 -20.31
N GLY A 373 17.79 -22.20 -19.24
CA GLY A 373 18.38 -22.81 -18.06
C GLY A 373 19.36 -21.90 -17.35
N TYR A 374 19.71 -22.25 -16.12
CA TYR A 374 20.71 -21.51 -15.37
C TYR A 374 21.39 -22.40 -14.34
N GLU A 375 22.71 -22.32 -14.28
CA GLU A 375 23.49 -23.11 -13.33
C GLU A 375 24.54 -22.25 -12.66
N THR A 376 24.91 -22.61 -11.43
CA THR A 376 26.04 -21.99 -10.74
C THR A 376 27.03 -23.05 -10.31
N PHE A 377 28.28 -22.66 -10.15
CA PHE A 377 29.31 -23.57 -9.67
C PHE A 377 30.58 -22.81 -9.30
N LYS A 378 31.50 -23.51 -8.63
CA LYS A 378 32.79 -22.93 -8.30
C LYS A 378 33.82 -23.50 -9.25
N VAL A 379 34.68 -22.65 -9.79
CA VAL A 379 35.80 -23.13 -10.60
C VAL A 379 37.08 -23.03 -9.78
N ILE A 380 37.67 -24.18 -9.48
CA ILE A 380 38.94 -24.23 -8.75
C ILE A 380 40.03 -23.59 -9.60
N GLY A 381 40.68 -22.56 -9.05
CA GLY A 381 41.69 -21.82 -9.79
C GLY A 381 41.07 -20.93 -10.85
N GLY A 382 39.74 -20.85 -10.84
CA GLY A 382 39.01 -20.10 -11.85
C GLY A 382 39.35 -18.62 -11.92
N TRP A 383 39.86 -18.07 -10.83
CA TRP A 383 40.23 -16.67 -10.80
C TRP A 383 41.69 -16.43 -11.19
N SER A 384 42.56 -17.34 -10.80
CA SER A 384 44.00 -17.11 -10.91
C SER A 384 44.69 -17.94 -12.00
N THR A 385 44.13 -19.10 -12.33
CA THR A 385 44.75 -19.99 -13.30
C THR A 385 44.09 -19.93 -14.67
N PRO A 386 44.82 -19.43 -15.67
CA PRO A 386 44.30 -19.34 -17.03
C PRO A 386 43.73 -20.68 -17.51
N ASN A 387 42.52 -20.63 -18.08
CA ASN A 387 41.93 -21.80 -18.73
C ASN A 387 41.52 -22.95 -17.81
N SER A 388 41.47 -22.72 -16.50
CA SER A 388 41.07 -23.79 -15.57
C SER A 388 39.62 -24.25 -15.83
N LYS A 389 39.42 -25.57 -15.78
CA LYS A 389 38.10 -26.14 -16.08
C LYS A 389 37.65 -27.16 -15.04
N SER A 390 38.31 -27.14 -13.89
CA SER A 390 37.94 -28.01 -12.79
C SER A 390 36.83 -27.37 -11.96
N GLN A 391 35.63 -27.95 -12.06
CA GLN A 391 34.44 -27.39 -11.46
C GLN A 391 33.99 -28.20 -10.23
N VAL A 392 33.29 -27.54 -9.30
CA VAL A 392 32.74 -28.23 -8.14
C VAL A 392 31.54 -27.44 -7.57
N ASN A 393 30.76 -28.09 -6.71
CA ASN A 393 29.62 -27.46 -6.05
C ASN A 393 28.60 -26.88 -7.02
N ARG A 394 28.29 -27.63 -8.07
CA ARG A 394 27.32 -27.18 -9.06
C ARG A 394 25.90 -27.19 -8.49
N GLN A 395 25.12 -26.20 -8.89
CA GLN A 395 23.70 -26.16 -8.56
C GLN A 395 22.89 -25.77 -9.77
N VAL A 396 21.86 -26.55 -10.07
CA VAL A 396 20.90 -26.15 -11.08
C VAL A 396 19.95 -25.15 -10.43
N ILE A 397 19.79 -23.98 -11.04
CA ILE A 397 18.88 -22.98 -10.52
C ILE A 397 17.59 -23.00 -11.34
N VAL A 398 17.75 -23.16 -12.65
CA VAL A 398 16.64 -23.29 -13.58
C VAL A 398 17.01 -24.39 -14.56
N ASP A 399 16.18 -25.42 -14.66
CA ASP A 399 16.51 -26.56 -15.53
C ASP A 399 16.46 -26.13 -17.00
N ASN A 400 17.14 -26.88 -17.86
CA ASN A 400 17.30 -26.47 -19.26
C ASN A 400 16.07 -26.61 -20.14
N ASN A 401 14.94 -26.99 -19.53
CA ASN A 401 13.67 -26.99 -20.24
C ASN A 401 12.94 -25.66 -20.04
N ASN A 402 13.58 -24.70 -19.38
CA ASN A 402 12.93 -23.43 -19.08
C ASN A 402 13.78 -22.23 -19.43
N TRP A 403 13.14 -21.13 -19.81
CA TRP A 403 13.86 -19.93 -20.23
C TRP A 403 14.43 -19.17 -19.05
N SER A 404 15.65 -18.67 -19.21
CA SER A 404 16.24 -17.78 -18.22
C SER A 404 16.41 -16.42 -18.87
N GLY A 405 17.59 -15.83 -18.72
CA GLY A 405 17.87 -14.51 -19.26
C GLY A 405 19.01 -13.82 -18.53
N TYR A 406 18.88 -12.52 -18.32
CA TYR A 406 19.89 -11.74 -17.60
C TYR A 406 20.09 -12.27 -16.19
N SER A 407 21.28 -12.05 -15.64
CA SER A 407 21.54 -12.34 -14.24
C SER A 407 22.55 -11.35 -13.68
N GLY A 408 22.51 -11.14 -12.38
CA GLY A 408 23.36 -10.15 -11.78
C GLY A 408 23.62 -10.42 -10.32
N ILE A 409 24.63 -9.76 -9.79
CA ILE A 409 25.03 -9.94 -8.42
C ILE A 409 24.53 -8.78 -7.56
N PHE A 410 24.40 -9.02 -6.27
CA PHE A 410 24.24 -7.94 -5.32
C PHE A 410 24.84 -8.38 -4.01
N SER A 411 25.20 -7.43 -3.16
CA SER A 411 25.91 -7.76 -1.93
C SER A 411 25.11 -7.36 -0.72
N VAL A 412 25.11 -8.22 0.29
CA VAL A 412 24.35 -7.98 1.51
C VAL A 412 25.29 -8.05 2.70
N GLU A 413 25.30 -6.99 3.51
CA GLU A 413 26.18 -6.95 4.66
C GLU A 413 25.61 -7.73 5.84
N GLY A 414 26.37 -8.72 6.28
CA GLY A 414 26.00 -9.50 7.45
C GLY A 414 26.61 -8.92 8.69
N LYS A 415 26.50 -9.65 9.80
CA LYS A 415 27.02 -9.17 11.08
C LYS A 415 28.55 -9.08 11.04
N SER A 416 29.21 -10.07 10.46
N SER A 416 29.19 -10.07 10.44
CA SER A 416 30.66 -10.09 10.43
CA SER A 416 30.65 -10.16 10.44
C SER A 416 31.23 -10.05 9.01
C SER A 416 31.26 -10.29 9.05
N CYS A 417 30.42 -10.43 8.03
CA CYS A 417 30.91 -10.58 6.67
C CYS A 417 29.97 -10.05 5.59
N ILE A 418 30.51 -9.86 4.39
CA ILE A 418 29.74 -9.43 3.23
C ILE A 418 29.34 -10.65 2.41
N ASN A 419 28.03 -10.89 2.29
CA ASN A 419 27.54 -12.01 1.50
C ASN A 419 27.30 -11.62 0.04
N ARG A 420 27.40 -12.61 -0.85
CA ARG A 420 27.10 -12.39 -2.26
C ARG A 420 25.83 -13.12 -2.64
N CYS A 421 24.92 -12.41 -3.32
CA CYS A 421 23.69 -13.01 -3.79
C CYS A 421 23.55 -12.75 -5.29
N PHE A 422 22.64 -13.46 -5.94
CA PHE A 422 22.36 -13.18 -7.34
C PHE A 422 20.89 -13.35 -7.70
N TYR A 423 20.49 -12.72 -8.79
CA TYR A 423 19.12 -12.86 -9.28
C TYR A 423 19.21 -13.40 -10.70
N VAL A 424 18.18 -14.11 -11.13
CA VAL A 424 18.09 -14.55 -12.52
C VAL A 424 16.79 -14.03 -13.14
N GLU A 425 16.92 -13.41 -14.30
CA GLU A 425 15.76 -12.96 -15.08
C GLU A 425 15.18 -14.15 -15.84
N LEU A 426 13.88 -14.34 -15.73
CA LEU A 426 13.23 -15.45 -16.42
C LEU A 426 12.31 -14.90 -17.51
N ILE A 427 12.82 -14.85 -18.74
CA ILE A 427 12.12 -14.18 -19.83
C ILE A 427 11.05 -15.10 -20.44
N ARG A 428 9.85 -14.57 -20.61
CA ARG A 428 8.78 -15.29 -21.26
C ARG A 428 8.22 -14.45 -22.40
N GLY A 429 7.65 -15.12 -23.40
CA GLY A 429 7.10 -14.44 -24.57
C GLY A 429 8.11 -14.40 -25.71
N ARG A 430 7.97 -13.39 -26.56
CA ARG A 430 8.83 -13.27 -27.74
C ARG A 430 10.27 -12.92 -27.37
N PRO A 431 11.24 -13.32 -28.19
CA PRO A 431 11.03 -13.98 -29.49
C PRO A 431 10.77 -15.49 -29.39
N GLN A 432 11.06 -16.11 -28.25
CA GLN A 432 11.04 -17.57 -28.16
C GLN A 432 9.66 -18.20 -28.21
N GLU A 433 8.68 -17.53 -27.60
CA GLU A 433 7.33 -18.08 -27.52
C GLU A 433 6.37 -17.16 -28.26
N THR A 434 5.94 -17.58 -29.45
CA THR A 434 5.22 -16.69 -30.35
C THR A 434 3.70 -16.77 -30.27
N ARG A 435 3.18 -17.66 -29.42
CA ARG A 435 1.75 -17.69 -29.20
C ARG A 435 1.27 -16.33 -28.68
N VAL A 436 2.11 -15.68 -27.89
CA VAL A 436 1.77 -14.36 -27.35
C VAL A 436 2.56 -13.30 -28.08
N TRP A 437 2.12 -12.06 -27.99
CA TRP A 437 2.77 -10.96 -28.70
C TRP A 437 3.65 -10.10 -27.78
N TRP A 438 3.64 -10.41 -26.49
CA TRP A 438 4.41 -9.63 -25.53
C TRP A 438 5.73 -10.28 -25.14
N THR A 439 6.53 -9.54 -24.39
CA THR A 439 7.77 -10.01 -23.83
C THR A 439 7.87 -9.46 -22.42
N SER A 440 8.01 -10.33 -21.43
CA SER A 440 8.12 -9.89 -20.05
C SER A 440 8.96 -10.89 -19.28
N ASN A 441 9.11 -10.69 -17.98
CA ASN A 441 9.90 -11.62 -17.18
C ASN A 441 9.38 -11.77 -15.76
N SER A 442 9.85 -12.81 -15.09
CA SER A 442 9.76 -12.89 -13.64
C SER A 442 11.20 -13.07 -13.14
N ILE A 443 11.39 -13.19 -11.84
CA ILE A 443 12.73 -13.39 -11.31
C ILE A 443 12.79 -14.45 -10.23
N VAL A 444 13.96 -15.02 -10.04
CA VAL A 444 14.26 -15.87 -8.90
C VAL A 444 15.58 -15.38 -8.29
N VAL A 445 15.69 -15.48 -6.96
CA VAL A 445 16.84 -14.91 -6.27
C VAL A 445 17.44 -15.92 -5.29
N PHE A 446 18.76 -16.05 -5.31
CA PHE A 446 19.48 -16.92 -4.40
C PHE A 446 20.57 -16.14 -3.66
N CYS A 447 20.89 -16.56 -2.44
CA CYS A 447 21.96 -15.94 -1.68
C CYS A 447 23.00 -16.93 -1.21
N GLY A 448 24.25 -16.47 -1.15
CA GLY A 448 25.33 -17.32 -0.70
C GLY A 448 25.02 -17.85 0.68
N THR A 449 25.44 -19.08 0.93
CA THR A 449 25.28 -19.69 2.25
C THR A 449 26.57 -20.42 2.63
N SER A 450 26.81 -20.55 3.93
CA SER A 450 27.93 -21.33 4.44
C SER A 450 27.43 -22.65 4.99
N GLY A 451 26.10 -22.82 4.96
CA GLY A 451 25.48 -24.04 5.45
C GLY A 451 25.38 -25.08 4.33
N THR A 452 24.38 -25.95 4.41
CA THR A 452 24.18 -26.96 3.38
C THR A 452 22.85 -26.76 2.66
N TYR A 453 22.62 -27.55 1.61
CA TYR A 453 21.46 -27.36 0.76
C TYR A 453 21.28 -28.60 -0.12
N GLY A 454 20.16 -28.66 -0.82
CA GLY A 454 19.85 -29.77 -1.71
C GLY A 454 19.80 -29.36 -3.16
N THR A 455 18.76 -29.79 -3.86
CA THR A 455 18.63 -29.56 -5.29
C THR A 455 17.20 -29.18 -5.63
N GLY A 456 17.02 -28.59 -6.80
CA GLY A 456 15.71 -28.24 -7.29
C GLY A 456 15.79 -27.49 -8.60
N SER A 457 14.67 -26.91 -9.00
CA SER A 457 14.61 -26.06 -10.18
C SER A 457 13.47 -25.10 -9.97
N TRP A 458 13.73 -23.81 -10.17
CA TRP A 458 12.74 -22.77 -9.89
C TRP A 458 12.48 -21.88 -11.10
N PRO A 459 11.79 -22.42 -12.10
CA PRO A 459 11.55 -21.67 -13.35
C PRO A 459 10.42 -20.68 -13.18
N ASP A 460 10.15 -19.91 -14.24
CA ASP A 460 9.04 -18.98 -14.23
C ASP A 460 7.72 -19.68 -13.89
N GLY A 461 7.45 -20.79 -14.55
CA GLY A 461 6.34 -21.65 -14.19
C GLY A 461 5.00 -21.31 -14.81
N ALA A 462 4.96 -20.25 -15.62
CA ALA A 462 3.71 -19.93 -16.31
C ALA A 462 3.49 -20.89 -17.48
N ASN A 463 2.22 -21.20 -17.73
CA ASN A 463 1.82 -21.97 -18.89
C ASN A 463 1.46 -21.01 -20.02
N ILE A 464 2.26 -21.01 -21.08
CA ILE A 464 2.09 -20.05 -22.16
C ILE A 464 0.68 -20.14 -22.77
N ASN A 465 0.09 -21.33 -22.71
CA ASN A 465 -1.27 -21.53 -23.24
C ASN A 465 -2.34 -20.87 -22.38
N PHE A 466 -2.01 -20.60 -21.12
CA PHE A 466 -2.95 -19.96 -20.20
C PHE A 466 -2.88 -18.45 -20.24
N MET A 467 -1.95 -17.89 -21.02
CA MET A 467 -1.71 -16.46 -21.00
C MET A 467 -2.58 -15.66 -21.97
N PRO A 468 -2.97 -14.44 -21.57
CA PRO A 468 -3.53 -13.48 -22.52
C PRO A 468 -2.51 -13.26 -23.60
N ILE A 469 -2.91 -13.20 -24.87
CA ILE A 469 -1.92 -13.07 -25.94
C ILE A 469 -1.45 -11.63 -26.14
N VAL B 82 4.14 9.84 23.94
CA VAL B 82 2.75 10.15 23.60
C VAL B 82 1.84 10.11 24.82
N GLU B 83 1.01 11.14 24.98
CA GLU B 83 0.15 11.27 26.15
C GLU B 83 -1.31 10.97 25.80
N TYR B 84 -2.10 10.67 26.83
CA TYR B 84 -3.53 10.48 26.66
C TYR B 84 -4.20 11.79 26.27
N ARG B 85 -5.25 11.70 25.45
CA ARG B 85 -6.05 12.87 25.09
C ARG B 85 -6.92 13.29 26.26
N ASN B 86 -7.07 14.60 26.46
CA ASN B 86 -7.98 15.11 27.48
C ASN B 86 -9.14 15.91 26.88
N TRP B 87 -8.99 16.34 25.63
CA TRP B 87 -10.00 17.16 24.98
C TRP B 87 -10.34 18.39 25.81
N SER B 88 -9.37 18.84 26.61
CA SER B 88 -9.59 19.98 27.50
C SER B 88 -9.31 21.31 26.81
N LYS B 89 -10.03 21.53 25.73
CA LYS B 89 -10.01 22.82 25.06
C LYS B 89 -11.45 23.21 24.78
N PRO B 90 -11.72 24.52 24.68
CA PRO B 90 -13.07 24.97 24.37
C PRO B 90 -13.48 24.53 22.97
N GLN B 91 -14.78 24.40 22.76
CA GLN B 91 -15.32 24.06 21.46
C GLN B 91 -15.11 25.22 20.49
N CYS B 92 -14.75 24.92 19.24
CA CYS B 92 -14.59 25.95 18.23
C CYS B 92 -15.91 26.67 18.00
N GLN B 93 -15.85 27.99 17.84
CA GLN B 93 -17.03 28.73 17.43
C GLN B 93 -17.21 28.54 15.93
N ILE B 94 -18.37 28.03 15.53
CA ILE B 94 -18.59 27.73 14.12
C ILE B 94 -19.76 28.50 13.52
N THR B 95 -19.67 28.76 12.22
CA THR B 95 -20.69 29.49 11.49
C THR B 95 -21.43 28.54 10.55
N GLY B 96 -20.99 27.28 10.55
CA GLY B 96 -21.53 26.29 9.64
C GLY B 96 -20.45 25.26 9.37
N PHE B 97 -20.55 24.58 8.22
CA PHE B 97 -19.63 23.50 7.89
C PHE B 97 -19.06 23.64 6.49
N ALA B 98 -17.86 23.11 6.29
CA ALA B 98 -17.20 23.15 4.98
C ALA B 98 -16.86 21.74 4.52
N PRO B 99 -16.87 21.52 3.20
CA PRO B 99 -16.55 20.21 2.64
C PRO B 99 -15.15 19.75 3.07
N PHE B 100 -15.03 18.46 3.40
CA PHE B 100 -13.77 17.92 3.93
C PHE B 100 -13.30 16.68 3.18
N SER B 101 -14.22 15.79 2.82
CA SER B 101 -13.86 14.53 2.17
C SER B 101 -15.04 13.84 1.50
N LYS B 102 -14.73 13.01 0.51
CA LYS B 102 -15.73 12.25 -0.23
C LYS B 102 -15.04 11.05 -0.87
N ASP B 103 -15.65 9.86 -0.84
CA ASP B 103 -14.91 8.69 -1.30
C ASP B 103 -15.40 8.05 -2.61
N ASN B 104 -16.56 8.46 -3.09
CA ASN B 104 -17.01 8.02 -4.42
C ASN B 104 -17.01 6.50 -4.58
N SER B 105 -17.24 5.78 -3.49
CA SER B 105 -17.15 4.32 -3.48
C SER B 105 -17.98 3.63 -4.55
N ILE B 106 -19.23 4.03 -4.68
CA ILE B 106 -20.15 3.33 -5.59
C ILE B 106 -19.77 3.56 -7.04
N ARG B 107 -19.45 4.82 -7.37
CA ARG B 107 -19.00 5.16 -8.72
C ARG B 107 -17.77 4.32 -9.10
N LEU B 108 -16.85 4.16 -8.15
CA LEU B 108 -15.64 3.37 -8.38
C LEU B 108 -15.92 1.87 -8.48
N SER B 109 -16.97 1.41 -7.81
CA SER B 109 -17.33 0.00 -7.79
C SER B 109 -17.76 -0.49 -9.17
N ALA B 110 -18.16 0.45 -10.02
CA ALA B 110 -18.62 0.12 -11.37
C ALA B 110 -17.45 -0.22 -12.29
N GLY B 111 -16.23 0.05 -11.81
CA GLY B 111 -15.03 -0.21 -12.60
C GLY B 111 -13.83 -0.44 -11.70
N GLY B 112 -13.92 -1.49 -10.87
CA GLY B 112 -12.88 -1.79 -9.91
C GLY B 112 -13.42 -2.68 -8.81
N ASP B 113 -12.53 -3.27 -8.02
CA ASP B 113 -12.95 -4.15 -6.93
C ASP B 113 -13.04 -3.39 -5.60
N ILE B 114 -14.26 -3.14 -5.18
CA ILE B 114 -14.52 -2.31 -4.01
C ILE B 114 -15.43 -3.05 -3.03
N TRP B 115 -15.11 -2.94 -1.74
CA TRP B 115 -15.89 -3.61 -0.70
C TRP B 115 -17.34 -3.15 -0.67
N VAL B 116 -18.25 -4.09 -0.48
CA VAL B 116 -19.62 -3.75 -0.14
C VAL B 116 -19.66 -3.41 1.35
N THR B 117 -20.26 -2.27 1.69
CA THR B 117 -20.25 -1.82 3.07
C THR B 117 -21.58 -1.19 3.50
N ARG B 118 -21.69 -0.92 4.79
CA ARG B 118 -22.72 -0.05 5.36
C ARG B 118 -22.29 0.36 6.76
N GLU B 119 -23.02 1.31 7.34
CA GLU B 119 -22.71 1.78 8.69
C GLU B 119 -21.28 2.32 8.78
N PRO B 120 -20.94 3.29 7.94
CA PRO B 120 -19.59 3.87 8.01
C PRO B 120 -19.45 4.86 9.14
N TYR B 121 -18.21 5.20 9.48
CA TYR B 121 -17.96 6.32 10.37
C TYR B 121 -16.54 6.82 10.22
N VAL B 122 -16.24 7.93 10.90
CA VAL B 122 -14.92 8.53 10.84
C VAL B 122 -14.42 8.76 12.26
N SER B 123 -13.12 8.53 12.46
CA SER B 123 -12.48 8.84 13.73
C SER B 123 -11.01 9.12 13.48
N CYS B 124 -10.41 9.97 14.30
CA CYS B 124 -9.05 10.43 14.04
C CYS B 124 -8.12 10.11 15.20
N ASP B 125 -6.87 9.77 14.90
CA ASP B 125 -5.83 9.80 15.93
C ASP B 125 -5.27 11.22 15.97
N PRO B 126 -4.32 11.50 16.86
CA PRO B 126 -3.85 12.89 16.95
C PRO B 126 -3.29 13.42 15.63
N GLY B 127 -2.94 12.53 14.71
CA GLY B 127 -2.30 12.93 13.46
C GLY B 127 -3.21 12.99 12.24
N LYS B 128 -3.98 11.94 12.00
CA LYS B 128 -4.82 11.88 10.81
C LYS B 128 -6.16 11.16 11.03
N CYS B 129 -7.07 11.34 10.09
CA CYS B 129 -8.40 10.75 10.16
C CYS B 129 -8.48 9.44 9.40
N TYR B 130 -9.37 8.56 9.86
CA TYR B 130 -9.60 7.26 9.23
C TYR B 130 -11.09 7.06 8.99
N GLN B 131 -11.44 6.43 7.87
CA GLN B 131 -12.82 6.04 7.68
C GLN B 131 -12.97 4.57 8.01
N PHE B 132 -14.08 4.26 8.67
CA PHE B 132 -14.42 2.89 9.04
C PHE B 132 -15.72 2.50 8.34
N ALA B 133 -15.96 1.21 8.23
CA ALA B 133 -17.26 0.72 7.78
C ALA B 133 -17.37 -0.77 8.03
N LEU B 134 -18.59 -1.27 8.06
CA LEU B 134 -18.81 -2.70 8.20
C LEU B 134 -18.91 -3.35 6.82
N GLY B 135 -17.89 -4.14 6.48
CA GLY B 135 -17.90 -4.88 5.22
C GLY B 135 -18.96 -5.95 5.24
N GLN B 136 -19.28 -6.47 4.06
CA GLN B 136 -20.23 -7.57 3.94
C GLN B 136 -19.49 -8.82 3.47
N GLY B 137 -18.17 -8.81 3.64
CA GLY B 137 -17.34 -9.94 3.28
C GLY B 137 -17.32 -10.23 1.79
N THR B 138 -17.52 -9.19 0.98
CA THR B 138 -17.57 -9.36 -0.46
C THR B 138 -17.34 -8.01 -1.13
N THR B 139 -16.92 -8.04 -2.39
CA THR B 139 -16.86 -6.82 -3.19
C THR B 139 -18.19 -6.65 -3.92
N LEU B 140 -18.37 -5.52 -4.59
CA LEU B 140 -19.65 -5.19 -5.22
C LEU B 140 -19.86 -5.97 -6.52
N ASP B 141 -18.89 -5.91 -7.42
CA ASP B 141 -18.94 -6.68 -8.66
C ASP B 141 -18.54 -8.13 -8.37
N ASN B 142 -19.48 -8.89 -7.82
CA ASN B 142 -19.20 -10.18 -7.18
C ASN B 142 -20.55 -10.78 -6.87
N LYS B 143 -20.78 -12.03 -7.25
CA LYS B 143 -22.10 -12.64 -7.04
C LYS B 143 -22.48 -12.70 -5.57
N HIS B 144 -21.49 -12.65 -4.69
CA HIS B 144 -21.75 -12.67 -3.25
C HIS B 144 -22.38 -11.37 -2.75
N SER B 145 -22.49 -10.38 -3.61
CA SER B 145 -23.06 -9.10 -3.21
C SER B 145 -24.58 -9.16 -3.17
N ASN B 146 -25.12 -10.21 -3.79
CA ASN B 146 -26.56 -10.45 -3.81
C ASN B 146 -27.12 -10.55 -2.39
N ASP B 147 -28.15 -9.76 -2.11
CA ASP B 147 -28.87 -9.84 -0.84
C ASP B 147 -28.04 -9.37 0.37
N THR B 148 -27.24 -8.34 0.16
CA THR B 148 -26.45 -7.75 1.24
C THR B 148 -27.22 -6.68 2.01
N VAL B 149 -28.53 -6.62 1.81
CA VAL B 149 -29.37 -5.71 2.56
C VAL B 149 -29.45 -6.15 4.03
N HIS B 150 -29.17 -7.44 4.27
CA HIS B 150 -29.24 -8.00 5.61
C HIS B 150 -28.18 -7.42 6.55
N ASP B 151 -28.57 -7.20 7.80
CA ASP B 151 -27.74 -6.50 8.77
C ASP B 151 -26.65 -7.33 9.43
N ARG B 152 -26.90 -8.63 9.59
CA ARG B 152 -25.99 -9.43 10.40
C ARG B 152 -25.68 -10.78 9.79
N ILE B 153 -24.43 -10.93 9.35
CA ILE B 153 -23.90 -12.23 8.97
C ILE B 153 -22.49 -12.39 9.56
N PRO B 154 -22.02 -13.64 9.67
CA PRO B 154 -20.70 -13.95 10.25
C PRO B 154 -19.56 -13.31 9.49
N HIS B 155 -19.79 -12.92 8.25
CA HIS B 155 -18.70 -12.49 7.39
C HIS B 155 -18.48 -10.98 7.41
N ARG B 156 -19.32 -10.28 8.16
CA ARG B 156 -19.13 -8.84 8.33
C ARG B 156 -17.90 -8.59 9.19
N THR B 157 -17.08 -7.66 8.75
CA THR B 157 -15.86 -7.29 9.46
C THR B 157 -15.71 -5.79 9.47
N LEU B 158 -15.03 -5.26 10.48
CA LEU B 158 -14.78 -3.83 10.55
C LEU B 158 -13.62 -3.46 9.61
N LEU B 159 -13.89 -2.55 8.68
CA LEU B 159 -12.88 -2.07 7.75
C LEU B 159 -12.31 -0.72 8.23
N MET B 160 -11.02 -0.51 8.00
CA MET B 160 -10.36 0.73 8.42
C MET B 160 -9.33 1.18 7.38
N ASN B 161 -9.54 2.39 6.85
CA ASN B 161 -8.61 3.02 5.91
C ASN B 161 -8.38 4.48 6.33
N GLU B 162 -7.32 5.09 5.81
CA GLU B 162 -7.16 6.53 5.94
C GLU B 162 -8.29 7.22 5.21
N LEU B 163 -8.78 8.32 5.77
CA LEU B 163 -9.91 9.03 5.18
C LEU B 163 -9.60 9.40 3.75
N GLY B 164 -10.49 9.07 2.83
CA GLY B 164 -10.28 9.39 1.43
C GLY B 164 -9.73 8.24 0.60
N VAL B 165 -9.27 7.18 1.28
CA VAL B 165 -8.88 5.97 0.57
C VAL B 165 -10.08 5.03 0.48
N PRO B 166 -10.53 4.74 -0.75
CA PRO B 166 -11.69 3.87 -0.94
C PRO B 166 -11.38 2.50 -0.38
N PHE B 167 -12.42 1.75 -0.02
CA PHE B 167 -12.23 0.40 0.50
C PHE B 167 -11.91 -0.58 -0.62
N HIS B 168 -10.66 -0.57 -1.06
CA HIS B 168 -10.18 -1.51 -2.07
C HIS B 168 -9.74 -2.81 -1.41
N LEU B 169 -9.21 -3.75 -2.19
CA LEU B 169 -8.85 -5.07 -1.68
C LEU B 169 -7.66 -5.08 -0.71
N GLY B 170 -6.90 -3.98 -0.66
CA GLY B 170 -5.81 -3.86 0.28
C GLY B 170 -6.24 -3.34 1.65
N THR B 171 -7.53 -3.17 1.84
CA THR B 171 -8.07 -2.63 3.09
C THR B 171 -7.92 -3.65 4.23
N ARG B 172 -7.54 -3.17 5.41
CA ARG B 172 -7.42 -4.05 6.57
C ARG B 172 -8.75 -4.26 7.27
N GLN B 173 -9.11 -5.52 7.46
CA GLN B 173 -10.25 -5.88 8.29
C GLN B 173 -9.74 -5.95 9.72
N VAL B 174 -10.25 -5.07 10.57
CA VAL B 174 -9.74 -4.90 11.93
C VAL B 174 -10.27 -5.93 12.90
N CYS B 175 -11.46 -6.45 12.64
CA CYS B 175 -12.08 -7.44 13.51
C CYS B 175 -13.38 -7.93 12.90
N ILE B 176 -13.94 -8.98 13.48
CA ILE B 176 -15.23 -9.50 13.05
C ILE B 176 -16.31 -8.67 13.74
N ALA B 177 -17.24 -8.12 12.96
CA ALA B 177 -18.23 -7.22 13.52
C ALA B 177 -19.40 -6.94 12.59
N TRP B 178 -20.62 -7.07 13.11
CA TRP B 178 -21.79 -6.51 12.44
C TRP B 178 -22.34 -5.31 13.22
N SER B 179 -21.61 -4.92 14.26
CA SER B 179 -21.84 -3.66 14.97
C SER B 179 -20.52 -3.28 15.63
N SER B 180 -20.17 -2.00 15.61
CA SER B 180 -18.86 -1.61 16.15
C SER B 180 -18.74 -0.16 16.57
N SER B 181 -17.61 0.13 17.22
CA SER B 181 -17.25 1.47 17.64
C SER B 181 -15.73 1.51 17.78
N SER B 182 -15.11 2.62 17.39
CA SER B 182 -13.66 2.76 17.48
C SER B 182 -13.26 4.14 17.99
N CYS B 183 -12.15 4.21 18.70
CA CYS B 183 -11.59 5.48 19.13
C CYS B 183 -10.13 5.33 19.57
N HIS B 184 -9.40 6.44 19.53
CA HIS B 184 -7.99 6.47 19.88
C HIS B 184 -7.83 7.32 21.15
N ASP B 185 -7.16 6.78 22.16
CA ASP B 185 -7.05 7.46 23.45
C ASP B 185 -5.82 8.37 23.52
N GLY B 186 -5.12 8.50 22.41
CA GLY B 186 -3.91 9.31 22.38
C GLY B 186 -2.68 8.45 22.28
N LYS B 187 -2.80 7.19 22.71
CA LYS B 187 -1.70 6.23 22.62
C LYS B 187 -1.99 5.11 21.63
N ALA B 188 -3.22 4.63 21.60
CA ALA B 188 -3.57 3.49 20.74
C ALA B 188 -5.05 3.43 20.42
N TRP B 189 -5.37 2.63 19.41
CA TRP B 189 -6.75 2.42 18.99
C TRP B 189 -7.47 1.40 19.86
N LEU B 190 -8.70 1.74 20.23
CA LEU B 190 -9.63 0.78 20.80
C LEU B 190 -10.67 0.44 19.74
N HIS B 191 -10.97 -0.84 19.58
CA HIS B 191 -12.05 -1.27 18.70
C HIS B 191 -13.00 -2.14 19.48
N VAL B 192 -14.29 -1.84 19.36
CA VAL B 192 -15.34 -2.62 19.99
C VAL B 192 -16.14 -3.34 18.91
N CYS B 193 -16.08 -4.66 18.89
CA CYS B 193 -16.64 -5.42 17.78
C CYS B 193 -17.64 -6.49 18.22
N ILE B 194 -18.85 -6.40 17.69
CA ILE B 194 -19.90 -7.34 18.05
C ILE B 194 -20.26 -8.26 16.90
N THR B 195 -20.27 -9.57 17.16
CA THR B 195 -20.61 -10.55 16.17
C THR B 195 -21.22 -11.79 16.85
N GLY B 196 -21.74 -12.72 16.04
CA GLY B 196 -22.31 -13.95 16.57
C GLY B 196 -23.82 -14.00 16.47
N ASP B 197 -24.43 -15.01 17.10
CA ASP B 197 -25.87 -15.19 17.06
C ASP B 197 -26.63 -13.97 17.60
N ASP B 198 -27.81 -13.72 17.04
CA ASP B 198 -28.67 -12.63 17.49
C ASP B 198 -28.95 -12.69 19.00
N LYS B 199 -29.22 -13.89 19.48
CA LYS B 199 -29.67 -14.10 20.86
C LYS B 199 -28.53 -14.32 21.83
N ASN B 200 -27.30 -14.34 21.33
CA ASN B 200 -26.16 -14.70 22.17
C ASN B 200 -24.89 -14.17 21.52
N ALA B 201 -24.81 -12.85 21.37
CA ALA B 201 -23.69 -12.24 20.65
C ALA B 201 -22.52 -12.01 21.59
N THR B 202 -21.35 -11.77 21.02
CA THR B 202 -20.21 -11.40 21.85
C THR B 202 -19.54 -10.11 21.36
N ALA B 203 -19.23 -9.24 22.32
CA ALA B 203 -18.49 -8.02 22.03
C ALA B 203 -17.03 -8.23 22.39
N SER B 204 -16.14 -8.05 21.43
CA SER B 204 -14.71 -8.14 21.69
C SER B 204 -14.13 -6.74 21.82
N PHE B 205 -13.19 -6.58 22.74
CA PHE B 205 -12.54 -5.29 22.93
C PHE B 205 -11.05 -5.39 22.57
N ILE B 206 -10.68 -4.72 21.50
CA ILE B 206 -9.32 -4.82 20.99
C ILE B 206 -8.58 -3.50 21.21
N TYR B 207 -7.48 -3.58 21.95
CA TYR B 207 -6.70 -2.38 22.25
C TYR B 207 -5.25 -2.57 21.86
N ASP B 208 -4.74 -1.64 21.08
CA ASP B 208 -3.34 -1.68 20.64
C ASP B 208 -3.06 -2.98 19.90
N GLY B 209 -4.02 -3.45 19.12
CA GLY B 209 -3.83 -4.61 18.28
C GLY B 209 -3.90 -5.97 18.97
N ARG B 210 -4.48 -6.01 20.17
CA ARG B 210 -4.66 -7.30 20.83
C ARG B 210 -5.97 -7.33 21.60
N LEU B 211 -6.52 -8.53 21.74
CA LEU B 211 -7.80 -8.68 22.45
C LEU B 211 -7.56 -8.63 23.95
N VAL B 212 -8.23 -7.70 24.61
CA VAL B 212 -8.00 -7.49 26.03
C VAL B 212 -9.20 -7.94 26.85
N ASP B 213 -10.39 -7.83 26.28
CA ASP B 213 -11.61 -8.15 27.02
C ASP B 213 -12.73 -8.58 26.08
N SER B 214 -13.79 -9.14 26.65
CA SER B 214 -15.00 -9.45 25.89
C SER B 214 -16.18 -9.59 26.84
N ILE B 215 -17.38 -9.39 26.31
CA ILE B 215 -18.58 -9.55 27.11
C ILE B 215 -19.70 -10.18 26.28
N GLY B 216 -20.49 -11.03 26.92
CA GLY B 216 -21.58 -11.69 26.23
C GLY B 216 -22.88 -10.90 26.34
N SER B 217 -23.85 -11.27 25.52
CA SER B 217 -25.15 -10.62 25.50
C SER B 217 -25.81 -10.70 26.87
N TRP B 218 -26.41 -9.60 27.32
CA TRP B 218 -27.07 -9.60 28.64
C TRP B 218 -28.60 -9.65 28.59
N SER B 219 -29.18 -9.41 27.41
CA SER B 219 -30.63 -9.50 27.24
C SER B 219 -31.02 -10.48 26.15
N GLN B 220 -30.01 -11.13 25.56
CA GLN B 220 -30.23 -12.16 24.55
C GLN B 220 -31.06 -11.67 23.37
N ASN B 221 -30.83 -10.43 22.96
CA ASN B 221 -31.60 -9.86 21.85
C ASN B 221 -30.83 -8.80 21.08
N ILE B 222 -29.88 -9.24 20.27
CA ILE B 222 -29.08 -8.37 19.41
C ILE B 222 -28.30 -7.29 20.17
N LEU B 223 -27.27 -7.72 20.89
CA LEU B 223 -26.31 -6.81 21.49
C LEU B 223 -25.78 -5.87 20.40
N ARG B 224 -25.73 -4.57 20.69
CA ARG B 224 -25.37 -3.59 19.66
C ARG B 224 -24.80 -2.30 20.23
N THR B 225 -24.00 -1.59 19.43
CA THR B 225 -23.33 -0.37 19.91
C THR B 225 -23.47 0.82 18.93
N GLN B 226 -22.55 1.77 19.01
CA GLN B 226 -22.77 3.11 18.43
C GLN B 226 -22.77 3.23 16.89
N GLU B 227 -21.93 2.44 16.22
CA GLU B 227 -21.66 2.62 14.78
C GLU B 227 -21.03 3.99 14.50
N SER B 228 -20.37 4.56 15.50
CA SER B 228 -19.56 5.76 15.32
C SER B 228 -18.47 5.78 16.39
N GLU B 229 -17.64 6.83 16.40
CA GLU B 229 -16.49 6.82 17.30
C GLU B 229 -16.91 6.88 18.76
N CYS B 230 -16.17 6.16 19.61
CA CYS B 230 -16.31 6.33 21.05
C CYS B 230 -15.40 7.47 21.45
N VAL B 231 -15.42 7.87 22.72
CA VAL B 231 -14.52 8.94 23.14
C VAL B 231 -13.75 8.65 24.42
N CYS B 232 -12.50 9.10 24.45
CA CYS B 232 -11.58 8.78 25.52
C CYS B 232 -11.11 10.06 26.19
N ILE B 233 -11.15 10.09 27.51
CA ILE B 233 -10.58 11.19 28.27
C ILE B 233 -9.60 10.66 29.31
N ASN B 234 -8.36 11.10 29.24
CA ASN B 234 -7.34 10.72 30.21
C ASN B 234 -7.21 9.21 30.40
N GLY B 235 -7.23 8.48 29.29
CA GLY B 235 -6.97 7.05 29.32
C GLY B 235 -8.22 6.19 29.50
N THR B 236 -9.35 6.82 29.79
CA THR B 236 -10.59 6.09 29.95
C THR B 236 -11.52 6.36 28.77
N CYS B 237 -11.92 5.29 28.09
CA CYS B 237 -12.82 5.41 26.94
C CYS B 237 -14.21 4.97 27.33
N THR B 238 -15.21 5.65 26.80
CA THR B 238 -16.59 5.28 27.11
C THR B 238 -17.31 4.89 25.83
N VAL B 239 -18.17 3.89 25.92
CA VAL B 239 -18.95 3.43 24.78
C VAL B 239 -20.33 3.00 25.25
N VAL B 240 -21.35 3.32 24.45
CA VAL B 240 -22.74 3.00 24.81
C VAL B 240 -23.22 1.76 24.05
N MET B 241 -23.73 0.79 24.80
CA MET B 241 -24.20 -0.47 24.23
C MET B 241 -25.63 -0.77 24.66
N THR B 242 -26.41 -1.37 23.77
CA THR B 242 -27.77 -1.74 24.07
C THR B 242 -28.05 -3.20 23.72
N ASP B 243 -28.91 -3.84 24.48
CA ASP B 243 -29.34 -5.21 24.23
C ASP B 243 -30.81 -5.29 24.60
N GLY B 244 -31.60 -5.93 23.74
CA GLY B 244 -33.04 -6.02 23.98
C GLY B 244 -33.87 -5.47 22.84
N SER B 245 -35.17 -5.27 23.10
CA SER B 245 -36.14 -4.92 22.07
C SER B 245 -35.78 -3.71 21.22
N ALA B 246 -36.12 -3.77 19.94
CA ALA B 246 -35.96 -2.64 19.02
C ALA B 246 -37.17 -1.72 19.03
N SER B 247 -38.28 -2.22 19.57
CA SER B 247 -39.53 -1.47 19.59
C SER B 247 -40.20 -1.58 20.95
N GLY B 248 -39.39 -1.44 22.00
CA GLY B 248 -39.86 -1.57 23.36
C GLY B 248 -38.72 -1.28 24.32
N ARG B 249 -39.01 -1.31 25.61
CA ARG B 249 -37.98 -1.09 26.62
C ARG B 249 -36.83 -2.08 26.42
N ALA B 250 -35.61 -1.57 26.50
CA ALA B 250 -34.42 -2.40 26.35
C ALA B 250 -33.43 -2.14 27.49
N ASP B 251 -32.29 -2.82 27.43
CA ASP B 251 -31.30 -2.73 28.49
C ASP B 251 -30.03 -2.04 27.97
N THR B 252 -29.92 -0.74 28.23
CA THR B 252 -28.79 0.04 27.75
C THR B 252 -27.79 0.26 28.86
N ARG B 253 -26.50 0.08 28.54
CA ARG B 253 -25.44 0.23 29.54
C ARG B 253 -24.28 1.05 28.97
N ILE B 254 -23.59 1.77 29.84
CA ILE B 254 -22.42 2.52 29.42
C ILE B 254 -21.18 1.88 30.00
N LEU B 255 -20.24 1.52 29.13
CA LEU B 255 -19.02 0.84 29.55
C LEU B 255 -17.84 1.82 29.60
N PHE B 256 -17.01 1.67 30.63
CA PHE B 256 -15.81 2.49 30.78
C PHE B 256 -14.60 1.59 30.64
N ILE B 257 -13.74 1.92 29.68
CA ILE B 257 -12.70 1.00 29.26
C ILE B 257 -11.32 1.64 29.33
N GLU B 258 -10.38 0.97 30.00
CA GLU B 258 -9.02 1.46 30.11
C GLU B 258 -8.04 0.47 29.45
N GLU B 259 -7.40 0.91 28.38
CA GLU B 259 -6.48 0.05 27.63
C GLU B 259 -7.11 -1.29 27.26
N GLY B 260 -8.34 -1.26 26.80
CA GLY B 260 -9.02 -2.46 26.34
C GLY B 260 -9.78 -3.18 27.42
N LYS B 261 -9.51 -2.81 28.67
CA LYS B 261 -10.09 -3.51 29.82
C LYS B 261 -11.30 -2.78 30.40
N ILE B 262 -12.42 -3.48 30.50
CA ILE B 262 -13.64 -2.91 31.08
C ILE B 262 -13.48 -2.73 32.58
N VAL B 263 -13.55 -1.49 33.06
CA VAL B 263 -13.34 -1.23 34.48
C VAL B 263 -14.62 -0.87 35.23
N HIS B 264 -15.67 -0.55 34.49
CA HIS B 264 -16.95 -0.23 35.11
C HIS B 264 -18.07 -0.23 34.08
N ILE B 265 -19.27 -0.58 34.52
CA ILE B 265 -20.45 -0.60 33.66
C ILE B 265 -21.62 0.06 34.38
N SER B 266 -22.13 1.15 33.81
CA SER B 266 -23.25 1.89 34.41
C SER B 266 -24.54 1.66 33.63
N PRO B 267 -25.63 1.36 34.34
CA PRO B 267 -26.91 1.23 33.65
C PRO B 267 -27.35 2.60 33.15
N LEU B 268 -28.11 2.64 32.06
CA LEU B 268 -28.65 3.92 31.60
C LEU B 268 -29.53 4.50 32.70
N SER B 269 -29.54 5.82 32.81
CA SER B 269 -30.37 6.52 33.80
C SER B 269 -30.88 7.84 33.21
N GLY B 270 -31.98 8.35 33.76
CA GLY B 270 -32.57 9.57 33.23
C GLY B 270 -33.92 9.31 32.61
N SER B 271 -34.36 10.18 31.70
CA SER B 271 -35.69 10.05 31.13
C SER B 271 -35.73 9.53 29.69
N ALA B 272 -34.57 9.26 29.10
CA ALA B 272 -34.55 8.67 27.75
C ALA B 272 -35.06 7.24 27.84
N GLN B 273 -36.05 6.91 27.01
CA GLN B 273 -36.74 5.62 27.11
C GLN B 273 -36.28 4.58 26.11
N HIS B 274 -35.51 5.00 25.11
CA HIS B 274 -34.94 4.05 24.16
C HIS B 274 -33.68 4.62 23.53
N ILE B 275 -32.60 3.84 23.59
CA ILE B 275 -31.29 4.33 23.17
C ILE B 275 -30.62 3.37 22.19
N GLU B 276 -30.23 3.92 21.04
CA GLU B 276 -29.51 3.16 20.03
C GLU B 276 -28.54 4.06 19.28
N GLU B 277 -27.43 3.48 18.83
CA GLU B 277 -26.54 4.15 17.89
C GLU B 277 -26.21 5.60 18.28
N CYS B 278 -25.65 5.77 19.47
CA CYS B 278 -25.28 7.09 19.95
C CYS B 278 -24.12 7.71 19.17
N SER B 279 -24.24 8.99 18.88
CA SER B 279 -23.13 9.77 18.33
C SER B 279 -22.60 10.66 19.45
N CYS B 280 -21.42 10.30 19.97
CA CYS B 280 -20.87 10.91 21.17
C CYS B 280 -19.72 11.84 20.86
N TYR B 281 -19.54 12.83 21.72
CA TYR B 281 -18.41 13.74 21.59
C TYR B 281 -17.88 14.21 22.94
N PRO B 282 -16.58 14.50 23.00
CA PRO B 282 -16.00 14.99 24.25
C PRO B 282 -16.53 16.38 24.58
N ARG B 283 -17.01 16.57 25.81
CA ARG B 283 -17.38 17.88 26.29
C ARG B 283 -16.79 18.01 27.69
N TYR B 284 -15.48 18.23 27.73
CA TYR B 284 -14.72 18.22 28.98
C TYR B 284 -15.49 18.92 30.10
N PRO B 285 -15.54 18.29 31.29
CA PRO B 285 -14.84 17.06 31.66
C PRO B 285 -15.59 15.78 31.30
N GLY B 286 -16.72 15.88 30.62
CA GLY B 286 -17.53 14.71 30.35
C GLY B 286 -17.68 14.34 28.88
N VAL B 287 -18.66 13.48 28.61
CA VAL B 287 -18.97 13.07 27.25
C VAL B 287 -20.47 13.20 27.03
N ARG B 288 -20.86 13.73 25.88
CA ARG B 288 -22.27 13.88 25.54
C ARG B 288 -22.62 13.08 24.28
N CYS B 289 -23.77 12.42 24.28
CA CYS B 289 -24.17 11.57 23.16
C CYS B 289 -25.57 11.95 22.67
N ILE B 290 -25.72 11.99 21.35
CA ILE B 290 -27.04 12.17 20.73
C ILE B 290 -27.41 10.88 20.02
N CYS B 291 -28.55 10.31 20.38
CA CYS B 291 -28.82 8.94 19.98
C CYS B 291 -30.09 8.78 19.16
N ARG B 292 -30.49 7.53 18.98
CA ARG B 292 -31.67 7.18 18.19
C ARG B 292 -32.67 6.45 19.09
N ASP B 293 -33.87 7.01 19.19
CA ASP B 293 -34.96 6.35 19.90
C ASP B 293 -35.76 5.62 18.85
N ASN B 294 -35.81 4.29 18.92
CA ASN B 294 -36.44 3.50 17.87
C ASN B 294 -37.87 3.09 18.22
N TRP B 295 -38.33 3.57 19.36
CA TRP B 295 -39.58 3.10 19.96
C TRP B 295 -40.70 4.14 19.91
N LYS B 296 -40.54 5.24 20.65
CA LYS B 296 -41.64 6.18 20.81
C LYS B 296 -41.34 7.63 20.43
N GLY B 297 -40.09 7.94 20.10
CA GLY B 297 -39.73 9.32 19.85
C GLY B 297 -39.11 9.58 18.49
N SER B 298 -39.54 10.66 17.83
CA SER B 298 -38.83 11.14 16.64
C SER B 298 -37.90 12.28 17.03
N ASN B 299 -37.97 12.70 18.29
CA ASN B 299 -36.94 13.56 18.86
C ASN B 299 -35.79 12.67 19.35
N ARG B 300 -34.56 13.19 19.27
CA ARG B 300 -33.39 12.40 19.62
C ARG B 300 -33.08 12.43 21.11
N PRO B 301 -32.78 11.27 21.70
CA PRO B 301 -32.35 11.18 23.09
C PRO B 301 -30.97 11.78 23.31
N VAL B 302 -30.73 12.28 24.51
CA VAL B 302 -29.43 12.77 24.91
C VAL B 302 -28.92 11.93 26.07
N VAL B 303 -27.66 11.51 26.01
CA VAL B 303 -27.03 10.81 27.13
C VAL B 303 -25.81 11.58 27.61
N ASP B 304 -25.81 11.95 28.89
CA ASP B 304 -24.68 12.65 29.50
C ASP B 304 -23.86 11.71 30.36
N ILE B 305 -22.56 11.64 30.08
CA ILE B 305 -21.70 10.70 30.78
C ILE B 305 -20.64 11.41 31.61
N ASN B 306 -20.70 11.18 32.92
CA ASN B 306 -19.70 11.71 33.84
C ASN B 306 -18.52 10.74 33.95
N MET B 307 -17.35 11.18 33.49
CA MET B 307 -16.18 10.32 33.43
C MET B 307 -15.49 10.19 34.79
N GLU B 308 -15.83 11.09 35.71
CA GLU B 308 -15.21 11.12 37.03
C GLU B 308 -15.86 10.14 38.02
N ASP B 309 -17.19 10.07 38.03
CA ASP B 309 -17.88 9.16 38.95
C ASP B 309 -18.76 8.14 38.24
N TYR B 310 -18.69 8.09 36.91
CA TYR B 310 -19.41 7.10 36.12
C TYR B 310 -20.94 7.26 36.17
N SER B 311 -21.41 8.37 36.71
CA SER B 311 -22.85 8.61 36.75
C SER B 311 -23.40 8.97 35.37
N ILE B 312 -24.65 8.59 35.13
CA ILE B 312 -25.29 8.79 33.83
C ILE B 312 -26.55 9.62 33.97
N ASP B 313 -26.81 10.50 33.01
CA ASP B 313 -28.09 11.19 32.93
C ASP B 313 -28.55 11.19 31.48
N SER B 314 -29.86 11.29 31.25
CA SER B 314 -30.38 11.29 29.90
C SER B 314 -31.67 12.10 29.77
N SER B 315 -32.01 12.45 28.53
CA SER B 315 -33.18 13.24 28.22
C SER B 315 -33.37 13.26 26.72
N TYR B 316 -33.98 14.33 26.22
CA TYR B 316 -34.19 14.49 24.78
C TYR B 316 -33.77 15.88 24.33
N VAL B 317 -33.36 16.00 23.08
CA VAL B 317 -33.02 17.29 22.50
C VAL B 317 -34.25 18.22 22.52
N CYS B 318 -34.05 19.45 22.99
CA CYS B 318 -35.13 20.44 23.11
C CYS B 318 -35.78 20.85 21.80
N SER B 319 -34.98 21.00 20.75
CA SER B 319 -35.45 21.56 19.48
C SER B 319 -36.75 20.95 18.95
N GLY B 320 -37.70 21.81 18.61
CA GLY B 320 -38.97 21.38 18.03
C GLY B 320 -38.77 20.90 16.61
N LEU B 321 -37.63 21.26 16.01
CA LEU B 321 -37.23 20.71 14.74
C LEU B 321 -36.45 19.44 15.05
N VAL B 322 -37.12 18.30 14.94
CA VAL B 322 -36.57 17.05 15.42
C VAL B 322 -35.69 16.39 14.36
N GLY B 323 -34.78 15.53 14.80
CA GLY B 323 -33.73 15.05 13.93
C GLY B 323 -33.87 13.63 13.41
N ASP B 324 -34.87 12.90 13.90
CA ASP B 324 -35.02 11.51 13.49
C ASP B 324 -35.78 11.39 12.18
N THR B 325 -35.76 10.19 11.61
CA THR B 325 -36.55 9.83 10.44
C THR B 325 -37.06 8.42 10.65
N PRO B 326 -38.38 8.21 10.61
CA PRO B 326 -39.42 9.19 10.26
C PRO B 326 -39.69 10.20 11.37
N ARG B 327 -40.51 11.20 11.05
CA ARG B 327 -40.85 12.27 11.96
C ARG B 327 -42.02 13.04 11.35
N ASN B 328 -42.71 13.84 12.18
CA ASN B 328 -43.72 14.76 11.67
C ASN B 328 -43.06 15.90 10.90
N ASP B 329 -43.84 16.62 10.09
CA ASP B 329 -43.30 17.80 9.44
C ASP B 329 -43.12 18.92 10.47
N ASP B 330 -42.42 19.98 10.08
CA ASP B 330 -41.99 21.00 11.03
C ASP B 330 -43.12 21.72 11.77
N SER B 331 -44.31 21.75 11.18
CA SER B 331 -45.41 22.50 11.79
C SER B 331 -46.13 21.71 12.89
N SER B 332 -45.98 20.39 12.89
CA SER B 332 -46.64 19.56 13.90
C SER B 332 -45.67 18.67 14.70
N SER B 333 -44.38 18.95 14.61
CA SER B 333 -43.40 18.21 15.40
C SER B 333 -43.18 18.88 16.74
N ASN B 334 -42.91 18.08 17.78
CA ASN B 334 -42.74 18.61 19.12
C ASN B 334 -41.62 17.92 19.90
N SER B 335 -41.05 18.64 20.85
CA SER B 335 -40.17 18.04 21.85
C SER B 335 -40.25 18.85 23.14
N ASN B 336 -40.35 18.17 24.27
CA ASN B 336 -40.41 18.86 25.55
C ASN B 336 -39.12 18.74 26.35
N CYS B 337 -38.09 18.17 25.73
CA CYS B 337 -36.77 18.00 26.34
C CYS B 337 -36.66 16.80 27.28
N ARG B 338 -37.80 16.22 27.66
CA ARG B 338 -37.82 15.19 28.68
C ARG B 338 -38.30 13.82 28.22
N ASN B 339 -39.33 13.78 27.39
CA ASN B 339 -39.95 12.52 27.01
C ASN B 339 -39.95 12.32 25.51
N PRO B 340 -40.05 11.06 25.06
CA PRO B 340 -40.23 10.82 23.63
C PRO B 340 -41.54 11.50 23.22
N ASN B 341 -41.60 12.04 22.00
CA ASN B 341 -42.75 12.83 21.59
C ASN B 341 -43.95 12.03 21.11
N ASN B 342 -43.77 10.72 20.94
CA ASN B 342 -44.83 9.89 20.37
C ASN B 342 -45.34 10.43 19.04
N GLU B 343 -44.43 10.99 18.26
CA GLU B 343 -44.76 11.46 16.92
C GLU B 343 -43.98 10.64 15.89
N ARG B 344 -44.68 9.71 15.24
CA ARG B 344 -44.05 8.75 14.35
C ARG B 344 -42.76 8.23 14.97
N GLY B 345 -42.85 7.85 16.24
CA GLY B 345 -41.69 7.48 17.02
C GLY B 345 -41.02 6.17 16.65
N THR B 346 -41.77 5.21 16.12
CA THR B 346 -41.21 3.90 15.86
C THR B 346 -40.21 3.97 14.71
N GLN B 347 -39.20 3.10 14.75
CA GLN B 347 -38.13 3.08 13.77
C GLN B 347 -37.31 4.36 13.88
N GLY B 348 -36.33 4.53 13.01
CA GLY B 348 -35.49 5.71 13.08
C GLY B 348 -34.23 5.59 12.25
N VAL B 349 -33.28 6.49 12.50
CA VAL B 349 -32.02 6.49 11.77
C VAL B 349 -30.94 7.15 12.63
N LYS B 350 -29.71 6.63 12.56
CA LYS B 350 -28.63 7.21 13.33
C LYS B 350 -28.37 8.64 12.89
N GLY B 351 -28.22 9.54 13.86
CA GLY B 351 -27.97 10.94 13.57
C GLY B 351 -27.12 11.60 14.65
N TRP B 352 -26.99 12.93 14.59
CA TRP B 352 -26.15 13.65 15.53
C TRP B 352 -26.65 15.07 15.76
N ALA B 353 -26.14 15.68 16.82
CA ALA B 353 -26.36 17.08 17.11
C ALA B 353 -25.35 17.47 18.17
N PHE B 354 -25.13 18.75 18.37
CA PHE B 354 -24.28 19.20 19.46
C PHE B 354 -24.64 20.62 19.90
N ASP B 355 -24.34 20.92 21.16
CA ASP B 355 -24.76 22.17 21.77
C ASP B 355 -23.69 23.25 21.64
N ASN B 356 -24.14 24.50 21.53
CA ASN B 356 -23.27 25.65 21.69
C ASN B 356 -24.01 26.72 22.49
N GLY B 357 -23.75 26.76 23.79
CA GLY B 357 -24.52 27.61 24.67
C GLY B 357 -25.95 27.13 24.72
N ASN B 358 -26.90 28.01 24.45
CA ASN B 358 -28.31 27.65 24.38
C ASN B 358 -28.71 27.14 22.99
N ASP B 359 -27.81 27.24 22.03
CA ASP B 359 -28.12 26.89 20.65
C ASP B 359 -27.74 25.46 20.32
N LEU B 360 -28.24 24.97 19.20
CA LEU B 360 -28.01 23.59 18.78
C LEU B 360 -27.62 23.52 17.30
N TRP B 361 -26.53 22.83 17.00
CA TRP B 361 -26.23 22.45 15.62
C TRP B 361 -26.67 21.01 15.41
N MET B 362 -27.37 20.75 14.30
CA MET B 362 -27.84 19.39 14.01
C MET B 362 -27.94 19.13 12.52
N GLY B 363 -27.94 17.85 12.17
CA GLY B 363 -28.22 17.41 10.81
C GLY B 363 -29.45 16.53 10.81
N ARG B 364 -30.00 16.25 9.63
CA ARG B 364 -31.16 15.38 9.49
C ARG B 364 -31.41 15.13 8.00
N THR B 365 -32.12 14.05 7.68
CA THR B 365 -32.54 13.83 6.30
C THR B 365 -33.51 14.95 5.94
N ILE B 366 -33.55 15.31 4.65
CA ILE B 366 -34.48 16.33 4.20
C ILE B 366 -35.90 15.77 4.19
N SER B 367 -36.06 14.57 3.62
CA SER B 367 -37.33 13.87 3.65
C SER B 367 -37.66 13.50 5.08
N LYS B 368 -38.93 13.61 5.45
CA LYS B 368 -39.34 13.31 6.82
C LYS B 368 -39.77 11.86 7.02
N GLU B 369 -39.84 11.10 5.94
CA GLU B 369 -40.28 9.71 6.03
C GLU B 369 -39.29 8.70 5.46
N SER B 370 -38.36 9.18 4.62
CA SER B 370 -37.35 8.29 4.06
C SER B 370 -35.94 8.85 4.20
N ARG B 371 -34.95 7.98 4.05
CA ARG B 371 -33.55 8.39 4.17
C ARG B 371 -33.08 9.03 2.87
N SER B 372 -33.66 10.18 2.57
CA SER B 372 -33.40 10.91 1.34
C SER B 372 -32.96 12.33 1.67
N GLY B 373 -31.92 12.80 0.99
CA GLY B 373 -31.38 14.12 1.23
C GLY B 373 -30.74 14.27 2.59
N TYR B 374 -30.01 15.36 2.78
CA TYR B 374 -29.41 15.68 4.07
C TYR B 374 -29.17 17.18 4.22
N GLU B 375 -29.52 17.72 5.38
CA GLU B 375 -29.36 19.14 5.65
C GLU B 375 -28.81 19.38 7.06
N THR B 376 -28.09 20.48 7.23
CA THR B 376 -27.66 20.90 8.56
C THR B 376 -28.12 22.31 8.82
N PHE B 377 -28.29 22.65 10.11
CA PHE B 377 -28.64 24.00 10.49
C PHE B 377 -28.45 24.23 11.98
N LYS B 378 -28.54 25.49 12.39
CA LYS B 378 -28.48 25.83 13.81
C LYS B 378 -29.88 26.16 14.28
N VAL B 379 -30.26 25.62 15.44
CA VAL B 379 -31.53 26.00 16.04
C VAL B 379 -31.28 26.94 17.21
N ILE B 380 -31.78 28.16 17.08
CA ILE B 380 -31.65 29.15 18.15
C ILE B 380 -32.43 28.70 19.37
N GLY B 381 -31.74 28.55 20.49
CA GLY B 381 -32.37 28.04 21.70
C GLY B 381 -32.70 26.57 21.59
N GLY B 382 -32.19 25.93 20.55
CA GLY B 382 -32.46 24.53 20.29
C GLY B 382 -31.97 23.58 21.37
N TRP B 383 -31.03 24.04 22.18
CA TRP B 383 -30.52 23.21 23.27
C TRP B 383 -31.25 23.47 24.60
N SER B 384 -31.60 24.73 24.85
CA SER B 384 -32.15 25.13 26.15
C SER B 384 -33.67 25.34 26.17
N THR B 385 -34.23 25.80 25.05
CA THR B 385 -35.65 26.12 25.00
C THR B 385 -36.49 25.00 24.39
N PRO B 386 -37.38 24.39 25.20
CA PRO B 386 -38.27 23.34 24.69
C PRO B 386 -39.05 23.78 23.45
N ASN B 387 -39.10 22.93 22.44
CA ASN B 387 -39.92 23.15 21.26
C ASN B 387 -39.51 24.32 20.36
N SER B 388 -38.30 24.85 20.55
CA SER B 388 -37.84 25.96 19.71
C SER B 388 -37.73 25.53 18.24
N LYS B 389 -38.20 26.39 17.35
CA LYS B 389 -38.20 26.08 15.92
C LYS B 389 -37.61 27.21 15.08
N SER B 390 -36.83 28.07 15.72
CA SER B 390 -36.19 29.16 15.00
C SER B 390 -34.83 28.70 14.46
N GLN B 391 -34.79 28.45 13.16
CA GLN B 391 -33.62 27.91 12.49
C GLN B 391 -32.80 29.00 11.81
N VAL B 392 -31.50 28.75 11.64
CA VAL B 392 -30.64 29.66 10.89
C VAL B 392 -29.39 28.91 10.38
N ASN B 393 -28.71 29.50 9.41
CA ASN B 393 -27.47 28.93 8.87
C ASN B 393 -27.65 27.54 8.28
N ARG B 394 -28.76 27.34 7.57
CA ARG B 394 -29.03 26.07 6.91
C ARG B 394 -28.04 25.80 5.78
N GLN B 395 -27.68 24.54 5.61
CA GLN B 395 -26.86 24.11 4.48
C GLN B 395 -27.40 22.80 3.95
N VAL B 396 -27.59 22.73 2.63
CA VAL B 396 -27.89 21.46 2.00
C VAL B 396 -26.58 20.70 1.82
N ILE B 397 -26.53 19.47 2.30
CA ILE B 397 -25.35 18.63 2.12
C ILE B 397 -25.61 17.67 0.95
N VAL B 398 -26.80 17.07 0.96
CA VAL B 398 -27.24 16.18 -0.11
C VAL B 398 -28.65 16.61 -0.47
N ASP B 399 -28.90 16.89 -1.75
CA ASP B 399 -30.23 17.35 -2.15
C ASP B 399 -31.25 16.21 -2.05
N ASN B 400 -32.53 16.56 -2.00
CA ASN B 400 -33.57 15.57 -1.74
C ASN B 400 -33.90 14.66 -2.92
N ASN B 401 -33.16 14.82 -4.02
CA ASN B 401 -33.28 13.87 -5.12
C ASN B 401 -32.32 12.71 -4.95
N ASN B 402 -31.54 12.73 -3.87
CA ASN B 402 -30.51 11.72 -3.67
C ASN B 402 -30.60 11.03 -2.31
N TRP B 403 -30.22 9.76 -2.28
CA TRP B 403 -30.34 8.97 -1.07
C TRP B 403 -29.24 9.30 -0.06
N SER B 404 -29.61 9.34 1.21
CA SER B 404 -28.62 9.48 2.27
C SER B 404 -28.63 8.22 3.12
N GLY B 405 -28.68 8.39 4.44
CA GLY B 405 -28.63 7.28 5.37
C GLY B 405 -28.11 7.70 6.73
N TYR B 406 -27.35 6.83 7.37
CA TYR B 406 -26.77 7.15 8.67
C TYR B 406 -25.91 8.40 8.62
N SER B 407 -25.78 9.06 9.76
CA SER B 407 -24.81 10.13 9.92
C SER B 407 -24.33 10.13 11.36
N GLY B 408 -23.18 10.74 11.60
CA GLY B 408 -22.59 10.74 12.92
C GLY B 408 -21.55 11.83 13.06
N ILE B 409 -21.21 12.10 14.31
CA ILE B 409 -20.26 13.16 14.61
C ILE B 409 -18.87 12.58 14.89
N PHE B 410 -17.84 13.40 14.70
CA PHE B 410 -16.53 13.12 15.24
C PHE B 410 -15.83 14.42 15.59
N SER B 411 -14.89 14.37 16.52
CA SER B 411 -14.26 15.60 17.01
C SER B 411 -12.78 15.62 16.65
N VAL B 412 -12.30 16.80 16.27
CA VAL B 412 -10.93 16.99 15.84
C VAL B 412 -10.27 18.09 16.64
N GLU B 413 -9.17 17.77 17.32
CA GLU B 413 -8.50 18.77 18.14
C GLU B 413 -7.66 19.73 17.32
N GLY B 414 -7.95 21.01 17.46
CA GLY B 414 -7.19 22.05 16.77
C GLY B 414 -6.14 22.63 17.69
N LYS B 415 -5.50 23.71 17.24
CA LYS B 415 -4.43 24.33 18.02
C LYS B 415 -4.94 24.92 19.33
N SER B 416 -6.11 25.55 19.30
N SER B 416 -6.11 25.55 19.29
CA SER B 416 -6.65 26.17 20.51
CA SER B 416 -6.67 26.23 20.45
C SER B 416 -8.01 25.59 20.92
C SER B 416 -8.09 25.80 20.80
N CYS B 417 -8.69 24.93 19.99
CA CYS B 417 -10.05 24.49 20.24
C CYS B 417 -10.38 23.12 19.67
N ILE B 418 -11.50 22.55 20.13
CA ILE B 418 -12.02 21.30 19.61
C ILE B 418 -13.06 21.60 18.55
N ASN B 419 -12.85 21.10 17.34
CA ASN B 419 -13.81 21.29 16.26
C ASN B 419 -14.77 20.10 16.20
N ARG B 420 -15.95 20.33 15.61
CA ARG B 420 -16.92 19.25 15.38
C ARG B 420 -17.09 19.00 13.89
N CYS B 421 -17.05 17.74 13.49
CA CYS B 421 -17.24 17.36 12.11
C CYS B 421 -18.33 16.30 12.03
N PHE B 422 -18.81 16.00 10.83
CA PHE B 422 -19.77 14.92 10.66
C PHE B 422 -19.63 14.24 9.30
N TYR B 423 -20.03 12.97 9.24
CA TYR B 423 -20.04 12.23 7.99
C TYR B 423 -21.49 11.87 7.66
N VAL B 424 -21.77 11.67 6.37
CA VAL B 424 -23.07 11.20 5.94
C VAL B 424 -22.91 9.92 5.11
N GLU B 425 -23.66 8.89 5.47
CA GLU B 425 -23.69 7.64 4.72
C GLU B 425 -24.64 7.81 3.54
N LEU B 426 -24.17 7.46 2.35
CA LEU B 426 -25.00 7.57 1.16
C LEU B 426 -25.34 6.18 0.63
N ILE B 427 -26.50 5.67 1.03
CA ILE B 427 -26.88 4.29 0.74
C ILE B 427 -27.40 4.14 -0.68
N ARG B 428 -26.86 3.17 -1.43
CA ARG B 428 -27.36 2.87 -2.76
C ARG B 428 -27.75 1.41 -2.86
N GLY B 429 -28.65 1.09 -3.79
CA GLY B 429 -29.12 -0.27 -3.96
C GLY B 429 -30.39 -0.53 -3.18
N ARG B 430 -30.58 -1.78 -2.76
CA ARG B 430 -31.82 -2.17 -2.08
C ARG B 430 -31.90 -1.63 -0.66
N PRO B 431 -33.13 -1.42 -0.16
CA PRO B 431 -34.41 -1.74 -0.82
C PRO B 431 -34.89 -0.69 -1.82
N GLN B 432 -34.29 0.49 -1.85
CA GLN B 432 -34.85 1.58 -2.65
C GLN B 432 -34.66 1.42 -4.16
N GLU B 433 -33.52 0.85 -4.56
CA GLU B 433 -33.20 0.72 -5.97
C GLU B 433 -33.08 -0.76 -6.32
N THR B 434 -34.11 -1.32 -6.94
CA THR B 434 -34.20 -2.75 -7.11
C THR B 434 -33.60 -3.29 -8.41
N ARG B 435 -33.12 -2.41 -9.27
CA ARG B 435 -32.41 -2.87 -10.46
C ARG B 435 -31.23 -3.78 -10.05
N VAL B 436 -30.57 -3.43 -8.96
CA VAL B 436 -29.46 -4.22 -8.47
C VAL B 436 -29.89 -5.06 -7.27
N TRP B 437 -29.12 -6.08 -6.94
CA TRP B 437 -29.46 -6.97 -5.85
C TRP B 437 -28.65 -6.71 -4.58
N TRP B 438 -27.68 -5.80 -4.68
CA TRP B 438 -26.82 -5.48 -3.55
C TRP B 438 -27.27 -4.23 -2.81
N THR B 439 -26.69 -4.04 -1.63
CA THR B 439 -26.87 -2.82 -0.85
C THR B 439 -25.49 -2.35 -0.40
N SER B 440 -25.14 -1.10 -0.69
CA SER B 440 -23.85 -0.58 -0.29
C SER B 440 -23.91 0.94 -0.08
N ASN B 441 -22.78 1.56 0.20
CA ASN B 441 -22.77 2.99 0.46
C ASN B 441 -21.46 3.65 0.11
N SER B 442 -21.53 4.97 -0.10
CA SER B 442 -20.34 5.80 -0.08
C SER B 442 -20.54 6.82 1.03
N ILE B 443 -19.62 7.75 1.20
CA ILE B 443 -19.75 8.74 2.26
C ILE B 443 -19.31 10.12 1.78
N VAL B 444 -19.82 11.16 2.44
CA VAL B 444 -19.31 12.51 2.30
C VAL B 444 -19.08 13.07 3.70
N VAL B 445 -18.10 13.95 3.85
CA VAL B 445 -17.68 14.39 5.17
C VAL B 445 -17.47 15.90 5.21
N PHE B 446 -18.04 16.55 6.22
CA PHE B 446 -17.91 17.99 6.41
C PHE B 446 -17.32 18.31 7.78
N CYS B 447 -16.58 19.41 7.87
CA CYS B 447 -16.06 19.86 9.16
C CYS B 447 -16.49 21.27 9.53
N GLY B 448 -16.60 21.52 10.82
CA GLY B 448 -17.01 22.82 11.31
C GLY B 448 -16.02 23.87 10.86
N THR B 449 -16.52 25.06 10.57
CA THR B 449 -15.68 26.18 10.17
C THR B 449 -16.11 27.45 10.87
N SER B 450 -15.17 28.35 11.09
CA SER B 450 -15.47 29.68 11.63
C SER B 450 -15.39 30.69 10.50
N GLY B 451 -15.09 30.19 9.30
CA GLY B 451 -15.00 31.04 8.12
C GLY B 451 -16.33 31.19 7.40
N THR B 452 -16.27 31.41 6.09
CA THR B 452 -17.48 31.52 5.29
C THR B 452 -17.50 30.39 4.24
N TYR B 453 -18.59 30.32 3.49
CA TYR B 453 -18.81 29.20 2.58
C TYR B 453 -20.01 29.50 1.68
N GLY B 454 -20.19 28.67 0.65
CA GLY B 454 -21.30 28.83 -0.27
C GLY B 454 -22.30 27.70 -0.16
N THR B 455 -22.70 27.17 -1.31
CA THR B 455 -23.71 26.12 -1.35
C THR B 455 -23.33 25.05 -2.36
N GLY B 456 -24.00 23.90 -2.27
CA GLY B 456 -23.79 22.83 -3.22
C GLY B 456 -24.57 21.58 -2.83
N SER B 457 -24.27 20.49 -3.50
CA SER B 457 -24.86 19.21 -3.18
C SER B 457 -23.83 18.16 -3.56
N TRP B 458 -23.55 17.22 -2.64
CA TRP B 458 -22.53 16.21 -2.87
C TRP B 458 -23.05 14.81 -2.64
N PRO B 459 -23.90 14.32 -3.56
CA PRO B 459 -24.52 13.00 -3.42
C PRO B 459 -23.55 11.89 -3.79
N ASP B 460 -24.00 10.65 -3.67
CA ASP B 460 -23.22 9.50 -4.07
C ASP B 460 -22.72 9.63 -5.51
N GLY B 461 -23.62 9.94 -6.42
CA GLY B 461 -23.26 10.24 -7.80
C GLY B 461 -23.22 9.09 -8.77
N ALA B 462 -23.43 7.86 -8.29
CA ALA B 462 -23.43 6.71 -9.17
C ALA B 462 -24.72 6.65 -9.99
N ASN B 463 -24.59 6.20 -11.23
CA ASN B 463 -25.77 5.96 -12.06
C ASN B 463 -26.16 4.50 -11.91
N ILE B 464 -27.30 4.23 -11.28
CA ILE B 464 -27.75 2.87 -10.99
C ILE B 464 -27.79 1.99 -12.25
N ASN B 465 -28.00 2.61 -13.40
CA ASN B 465 -28.06 1.87 -14.65
C ASN B 465 -26.68 1.43 -15.14
N PHE B 466 -25.64 2.04 -14.59
CA PHE B 466 -24.27 1.74 -14.98
C PHE B 466 -23.66 0.65 -14.10
N MET B 467 -24.41 0.19 -13.09
CA MET B 467 -23.85 -0.71 -12.08
C MET B 467 -24.02 -2.20 -12.42
N PRO B 468 -23.02 -3.02 -12.05
CA PRO B 468 -23.21 -4.46 -12.04
C PRO B 468 -24.37 -4.78 -11.10
N ILE B 469 -25.23 -5.71 -11.48
CA ILE B 469 -26.42 -5.95 -10.66
C ILE B 469 -26.13 -6.90 -9.50
N VAL C 82 11.53 19.74 13.12
CA VAL C 82 11.31 20.17 11.74
C VAL C 82 11.02 21.67 11.68
N GLU C 83 11.75 22.38 10.82
CA GLU C 83 11.64 23.84 10.74
C GLU C 83 10.87 24.27 9.50
N TYR C 84 10.30 25.48 9.55
CA TYR C 84 9.67 26.06 8.38
C TYR C 84 10.69 26.25 7.25
N ARG C 85 10.25 26.05 6.02
CA ARG C 85 11.07 26.34 4.86
C ARG C 85 11.23 27.84 4.69
N ASN C 86 12.40 28.27 4.23
CA ASN C 86 12.64 29.68 3.93
C ASN C 86 12.98 29.90 2.46
N TRP C 87 13.46 28.85 1.81
CA TRP C 87 13.84 28.93 0.40
C TRP C 87 14.92 29.99 0.18
N SER C 88 15.72 30.27 1.21
CA SER C 88 16.72 31.33 1.13
C SER C 88 18.07 30.83 0.64
N LYS C 89 18.06 30.23 -0.55
CA LYS C 89 19.28 29.84 -1.23
C LYS C 89 19.18 30.40 -2.64
N PRO C 90 20.32 30.66 -3.28
CA PRO C 90 20.27 31.15 -4.66
C PRO C 90 19.64 30.11 -5.57
N GLN C 91 19.08 30.56 -6.68
CA GLN C 91 18.52 29.67 -7.68
C GLN C 91 19.64 28.95 -8.43
N CYS C 92 19.47 27.65 -8.66
CA CYS C 92 20.47 26.87 -9.37
C CYS C 92 20.70 27.42 -10.77
N GLN C 93 21.95 27.48 -11.21
CA GLN C 93 22.23 27.84 -12.59
C GLN C 93 21.96 26.62 -13.45
N ILE C 94 21.09 26.77 -14.44
CA ILE C 94 20.71 25.63 -15.26
C ILE C 94 21.05 25.84 -16.73
N THR C 95 21.35 24.73 -17.41
CA THR C 95 21.67 24.74 -18.84
C THR C 95 20.48 24.19 -19.61
N GLY C 96 19.45 23.77 -18.88
CA GLY C 96 18.32 23.11 -19.47
C GLY C 96 17.69 22.14 -18.47
N PHE C 97 16.95 21.16 -18.99
CA PHE C 97 16.20 20.26 -18.13
C PHE C 97 16.45 18.79 -18.48
N ALA C 98 16.35 17.93 -17.47
CA ALA C 98 16.57 16.50 -17.67
C ALA C 98 15.34 15.70 -17.22
N PRO C 99 15.11 14.54 -17.85
CA PRO C 99 13.95 13.70 -17.55
C PRO C 99 13.92 13.29 -16.08
N PHE C 100 12.76 13.41 -15.45
CA PHE C 100 12.65 13.12 -14.02
C PHE C 100 11.58 12.05 -13.71
N SER C 101 10.44 12.12 -14.37
CA SER C 101 9.34 11.18 -14.07
C SER C 101 8.28 11.10 -15.16
N LYS C 102 7.55 9.99 -15.17
CA LYS C 102 6.49 9.76 -16.14
C LYS C 102 5.56 8.70 -15.57
N ASP C 103 4.26 8.90 -15.67
CA ASP C 103 3.35 7.97 -15.00
C ASP C 103 2.61 6.99 -15.91
N ASN C 104 2.59 7.25 -17.20
CA ASN C 104 2.01 6.30 -18.15
C ASN C 104 0.55 5.93 -17.86
N SER C 105 -0.19 6.86 -17.25
CA SER C 105 -1.55 6.60 -16.76
C SER C 105 -2.50 6.03 -17.80
N ILE C 106 -2.55 6.65 -18.98
CA ILE C 106 -3.51 6.25 -19.99
C ILE C 106 -3.20 4.84 -20.54
N ARG C 107 -1.93 4.58 -20.80
CA ARG C 107 -1.50 3.25 -21.23
C ARG C 107 -1.89 2.18 -20.22
N LEU C 108 -1.78 2.50 -18.93
CA LEU C 108 -2.13 1.56 -17.87
C LEU C 108 -3.64 1.37 -17.75
N SER C 109 -4.41 2.43 -18.01
CA SER C 109 -5.87 2.40 -17.91
C SER C 109 -6.51 1.42 -18.87
N ALA C 110 -5.76 1.03 -19.89
CA ALA C 110 -6.26 0.10 -20.90
C ALA C 110 -6.20 -1.35 -20.40
N GLY C 111 -5.63 -1.54 -19.21
CA GLY C 111 -5.53 -2.87 -18.63
C GLY C 111 -5.31 -2.79 -17.13
N GLY C 112 -6.22 -2.11 -16.45
CA GLY C 112 -6.12 -1.90 -15.02
C GLY C 112 -7.07 -0.79 -14.60
N ASP C 113 -7.32 -0.70 -13.30
CA ASP C 113 -8.25 0.31 -12.79
C ASP C 113 -7.52 1.58 -12.37
N ILE C 114 -7.63 2.61 -13.21
CA ILE C 114 -6.91 3.85 -13.02
C ILE C 114 -7.89 5.02 -13.02
N TRP C 115 -7.68 5.97 -12.12
CA TRP C 115 -8.55 7.14 -12.02
C TRP C 115 -8.57 7.94 -13.32
N VAL C 116 -9.71 8.52 -13.63
CA VAL C 116 -9.81 9.53 -14.66
C VAL C 116 -9.45 10.84 -13.99
N THR C 117 -8.53 11.61 -14.58
CA THR C 117 -8.08 12.85 -13.96
C THR C 117 -7.91 13.99 -14.97
N ARG C 118 -7.66 15.18 -14.44
CA ARG C 118 -7.15 16.30 -15.20
C ARG C 118 -6.58 17.34 -14.23
N GLU C 119 -5.97 18.39 -14.78
CA GLU C 119 -5.33 19.41 -13.97
C GLU C 119 -4.38 18.81 -12.92
N PRO C 120 -3.34 18.09 -13.37
CA PRO C 120 -2.36 17.53 -12.45
C PRO C 120 -1.33 18.57 -12.04
N TYR C 121 -0.58 18.29 -10.98
CA TYR C 121 0.60 19.07 -10.66
C TYR C 121 1.51 18.30 -9.73
N VAL C 122 2.67 18.89 -9.44
CA VAL C 122 3.66 18.23 -8.60
C VAL C 122 4.08 19.18 -7.49
N SER C 123 4.30 18.63 -6.31
CA SER C 123 4.83 19.41 -5.19
C SER C 123 5.61 18.47 -4.26
N CYS C 124 6.60 19.01 -3.57
CA CYS C 124 7.48 18.19 -2.77
C CYS C 124 7.52 18.62 -1.30
N ASP C 125 7.52 17.64 -0.39
CA ASP C 125 7.89 17.93 0.98
C ASP C 125 9.42 17.87 1.05
N PRO C 126 10.01 18.20 2.21
CA PRO C 126 11.48 18.27 2.25
C PRO C 126 12.18 16.99 1.80
N GLY C 127 11.52 15.85 1.96
CA GLY C 127 12.09 14.57 1.60
C GLY C 127 11.79 14.08 0.19
N LYS C 128 10.52 14.11 -0.21
CA LYS C 128 10.14 13.53 -1.50
C LYS C 128 9.03 14.27 -2.22
N CYS C 129 8.86 13.95 -3.49
CA CYS C 129 7.87 14.59 -4.34
C CYS C 129 6.57 13.78 -4.44
N TYR C 130 5.48 14.51 -4.64
CA TYR C 130 4.17 13.90 -4.80
C TYR C 130 3.51 14.43 -6.07
N GLN C 131 2.73 13.58 -6.73
CA GLN C 131 1.91 14.05 -7.83
C GLN C 131 0.48 14.21 -7.35
N PHE C 132 -0.17 15.29 -7.81
CA PHE C 132 -1.56 15.58 -7.51
C PHE C 132 -2.36 15.64 -8.81
N ALA C 133 -3.67 15.49 -8.70
CA ALA C 133 -4.56 15.68 -9.83
C ALA C 133 -6.00 15.74 -9.36
N LEU C 134 -6.86 16.36 -10.16
CA LEU C 134 -8.28 16.38 -9.85
C LEU C 134 -8.96 15.16 -10.46
N GLY C 135 -9.39 14.23 -9.61
CA GLY C 135 -10.11 13.05 -10.06
C GLY C 135 -11.49 13.43 -10.60
N GLN C 136 -12.12 12.50 -11.31
CA GLN C 136 -13.47 12.70 -11.80
C GLN C 136 -14.42 11.73 -11.11
N GLY C 137 -13.99 11.20 -9.98
CA GLY C 137 -14.80 10.29 -9.19
C GLY C 137 -15.12 8.99 -9.92
N THR C 138 -14.22 8.56 -10.78
CA THR C 138 -14.41 7.34 -11.56
C THR C 138 -13.08 6.87 -12.13
N THR C 139 -12.99 5.57 -12.41
CA THR C 139 -11.87 5.03 -13.17
C THR C 139 -12.22 5.11 -14.65
N LEU C 140 -11.25 4.80 -15.50
CA LEU C 140 -11.41 5.02 -16.94
C LEU C 140 -12.22 3.91 -17.60
N ASP C 141 -11.91 2.67 -17.27
CA ASP C 141 -12.69 1.54 -17.77
C ASP C 141 -13.91 1.36 -16.86
N ASN C 142 -14.92 2.18 -17.09
CA ASN C 142 -16.02 2.38 -16.16
C ASN C 142 -17.01 3.27 -16.90
N LYS C 143 -18.28 2.89 -16.91
CA LYS C 143 -19.27 3.66 -17.66
C LYS C 143 -19.42 5.10 -17.15
N HIS C 144 -18.99 5.35 -15.92
CA HIS C 144 -19.07 6.71 -15.39
C HIS C 144 -17.99 7.61 -16.00
N SER C 145 -17.13 7.06 -16.83
CA SER C 145 -16.08 7.86 -17.45
C SER C 145 -16.67 8.70 -18.59
N ASN C 146 -17.85 8.31 -19.04
CA ASN C 146 -18.53 9.00 -20.13
C ASN C 146 -18.73 10.48 -19.79
N ASP C 147 -18.37 11.35 -20.72
CA ASP C 147 -18.61 12.79 -20.58
C ASP C 147 -17.82 13.46 -19.45
N THR C 148 -16.61 12.97 -19.20
CA THR C 148 -15.77 13.57 -18.17
C THR C 148 -14.99 14.78 -18.69
N VAL C 149 -15.39 15.29 -19.85
CA VAL C 149 -14.78 16.50 -20.38
C VAL C 149 -15.15 17.71 -19.52
N HIS C 150 -16.30 17.61 -18.85
CA HIS C 150 -16.78 18.70 -18.01
C HIS C 150 -15.86 19.00 -16.82
N ASP C 151 -15.71 20.29 -16.54
CA ASP C 151 -14.74 20.77 -15.56
C ASP C 151 -15.14 20.63 -14.10
N ARG C 152 -16.43 20.73 -13.80
CA ARG C 152 -16.84 20.83 -12.41
C ARG C 152 -18.04 19.95 -12.06
N ILE C 153 -17.80 18.91 -11.27
CA ILE C 153 -18.88 18.12 -10.67
C ILE C 153 -18.56 17.88 -9.20
N PRO C 154 -19.58 17.55 -8.39
CA PRO C 154 -19.38 17.38 -6.95
C PRO C 154 -18.47 16.20 -6.62
N HIS C 155 -18.24 15.33 -7.59
CA HIS C 155 -17.50 14.11 -7.33
C HIS C 155 -16.00 14.25 -7.57
N ARG C 156 -15.58 15.41 -8.06
CA ARG C 156 -14.15 15.67 -8.22
C ARG C 156 -13.49 15.82 -6.86
N THR C 157 -12.38 15.10 -6.67
CA THR C 157 -11.62 15.16 -5.43
C THR C 157 -10.14 15.30 -5.77
N LEU C 158 -9.37 15.87 -4.85
CA LEU C 158 -7.93 15.99 -5.05
C LEU C 158 -7.23 14.67 -4.71
N LEU C 159 -6.52 14.12 -5.69
CA LEU C 159 -5.79 12.87 -5.54
C LEU C 159 -4.33 13.16 -5.17
N MET C 160 -3.74 12.32 -4.32
CA MET C 160 -2.35 12.50 -3.92
C MET C 160 -1.58 11.18 -3.77
N ASN C 161 -0.57 11.01 -4.63
CA ASN C 161 0.37 9.87 -4.54
C ASN C 161 1.80 10.38 -4.53
N GLU C 162 2.74 9.52 -4.16
CA GLU C 162 4.15 9.81 -4.40
C GLU C 162 4.39 9.86 -5.90
N LEU C 163 5.27 10.75 -6.34
CA LEU C 163 5.54 10.93 -7.75
C LEU C 163 5.94 9.60 -8.39
N GLY C 164 5.29 9.25 -9.49
CA GLY C 164 5.62 8.02 -10.19
C GLY C 164 4.69 6.86 -9.84
N VAL C 165 3.87 7.01 -8.81
CA VAL C 165 2.84 6.02 -8.50
C VAL C 165 1.57 6.43 -9.22
N PRO C 166 1.13 5.61 -10.19
CA PRO C 166 -0.06 5.94 -11.00
C PRO C 166 -1.27 6.02 -10.08
N PHE C 167 -2.31 6.73 -10.52
CA PHE C 167 -3.50 6.86 -9.68
C PHE C 167 -4.37 5.62 -9.70
N HIS C 168 -3.96 4.63 -8.91
CA HIS C 168 -4.70 3.39 -8.76
C HIS C 168 -5.75 3.50 -7.66
N LEU C 169 -6.50 2.44 -7.45
CA LEU C 169 -7.63 2.47 -6.51
C LEU C 169 -7.24 2.69 -5.05
N GLY C 170 -5.96 2.52 -4.73
CA GLY C 170 -5.48 2.75 -3.38
C GLY C 170 -5.03 4.18 -3.15
N THR C 171 -5.25 5.04 -4.15
CA THR C 171 -4.90 6.45 -4.04
C THR C 171 -5.78 7.17 -3.03
N ARG C 172 -5.18 8.05 -2.24
CA ARG C 172 -5.96 8.80 -1.25
C ARG C 172 -6.58 10.06 -1.84
N GLN C 173 -7.89 10.21 -1.65
CA GLN C 173 -8.56 11.45 -1.98
C GLN C 173 -8.43 12.42 -0.80
N VAL C 174 -7.68 13.49 -1.01
CA VAL C 174 -7.28 14.41 0.04
C VAL C 174 -8.37 15.40 0.44
N CYS C 175 -9.26 15.71 -0.49
CA CYS C 175 -10.37 16.62 -0.22
C CYS C 175 -11.28 16.72 -1.43
N ILE C 176 -12.42 17.40 -1.27
CA ILE C 176 -13.34 17.61 -2.37
C ILE C 176 -12.95 18.87 -3.13
N ALA C 177 -12.72 18.75 -4.43
CA ALA C 177 -12.19 19.87 -5.20
C ALA C 177 -12.36 19.72 -6.71
N TRP C 178 -12.88 20.76 -7.36
CA TRP C 178 -12.73 20.88 -8.81
C TRP C 178 -11.74 21.98 -9.18
N SER C 179 -11.04 22.49 -8.15
CA SER C 179 -9.94 23.43 -8.32
C SER C 179 -9.14 23.34 -7.03
N SER C 180 -7.81 23.35 -7.13
CA SER C 180 -7.00 23.17 -5.93
C SER C 180 -5.58 23.68 -6.02
N SER C 181 -4.93 23.76 -4.86
CA SER C 181 -3.53 24.11 -4.75
C SER C 181 -2.99 23.45 -3.50
N SER C 182 -1.75 23.00 -3.54
CA SER C 182 -1.15 22.34 -2.39
C SER C 182 0.30 22.78 -2.21
N CYS C 183 0.76 22.82 -0.96
CA CYS C 183 2.16 23.09 -0.66
C CYS C 183 2.50 22.68 0.76
N HIS C 184 3.78 22.46 1.01
CA HIS C 184 4.29 22.02 2.30
C HIS C 184 5.15 23.14 2.89
N ASP C 185 4.89 23.53 4.14
CA ASP C 185 5.59 24.68 4.72
C ASP C 185 6.86 24.26 5.46
N GLY C 186 7.17 22.98 5.38
CA GLY C 186 8.35 22.45 6.05
C GLY C 186 7.95 21.61 7.25
N LYS C 187 6.70 21.78 7.68
CA LYS C 187 6.18 21.05 8.83
C LYS C 187 5.01 20.16 8.43
N ALA C 188 4.10 20.70 7.63
CA ALA C 188 2.93 19.94 7.21
C ALA C 188 2.37 20.43 5.89
N TRP C 189 1.50 19.62 5.29
CA TRP C 189 0.83 19.96 4.04
C TRP C 189 -0.32 20.92 4.22
N LEU C 190 -0.41 21.88 3.31
CA LEU C 190 -1.59 22.71 3.16
C LEU C 190 -2.27 22.31 1.87
N HIS C 191 -3.59 22.17 1.92
CA HIS C 191 -4.38 21.93 0.73
C HIS C 191 -5.49 22.97 0.65
N VAL C 192 -5.59 23.60 -0.50
CA VAL C 192 -6.66 24.54 -0.79
C VAL C 192 -7.60 23.89 -1.79
N CYS C 193 -8.84 23.67 -1.39
CA CYS C 193 -9.77 22.91 -2.20
C CYS C 193 -11.09 23.62 -2.41
N ILE C 194 -11.47 23.80 -3.67
CA ILE C 194 -12.69 24.50 -4.02
C ILE C 194 -13.70 23.54 -4.67
N THR C 195 -14.95 23.63 -4.23
CA THR C 195 -16.02 22.79 -4.74
C THR C 195 -17.35 23.48 -4.51
N GLY C 196 -18.42 22.93 -5.06
CA GLY C 196 -19.75 23.50 -4.86
C GLY C 196 -20.29 24.19 -6.10
N ASP C 197 -21.40 24.90 -5.93
CA ASP C 197 -22.08 25.58 -7.04
C ASP C 197 -21.17 26.59 -7.74
N ASP C 198 -21.39 26.78 -9.03
CA ASP C 198 -20.60 27.75 -9.80
C ASP C 198 -20.74 29.15 -9.23
N LYS C 199 -21.94 29.50 -8.79
CA LYS C 199 -22.25 30.86 -8.36
C LYS C 199 -22.04 31.09 -6.87
N ASN C 200 -21.62 30.05 -6.16
CA ASN C 200 -21.56 30.12 -4.70
C ASN C 200 -20.63 29.03 -4.17
N ALA C 201 -19.41 29.01 -4.67
CA ALA C 201 -18.46 27.96 -4.30
C ALA C 201 -17.86 28.22 -2.94
N THR C 202 -17.23 27.20 -2.36
CA THR C 202 -16.50 27.38 -1.13
C THR C 202 -15.10 26.79 -1.23
N ALA C 203 -14.13 27.52 -0.67
CA ALA C 203 -12.75 27.05 -0.62
C ALA C 203 -12.45 26.57 0.79
N SER C 204 -11.99 25.33 0.90
CA SER C 204 -11.61 24.78 2.19
C SER C 204 -10.10 24.78 2.34
N PHE C 205 -9.62 25.10 3.54
CA PHE C 205 -8.18 25.14 3.80
C PHE C 205 -7.80 24.07 4.81
N ILE C 206 -7.13 23.04 4.32
CA ILE C 206 -6.78 21.90 5.14
C ILE C 206 -5.29 21.90 5.44
N TYR C 207 -4.96 21.88 6.73
CA TYR C 207 -3.58 21.94 7.16
C TYR C 207 -3.29 20.84 8.16
N ASP C 208 -2.23 20.08 7.91
CA ASP C 208 -1.82 19.01 8.82
C ASP C 208 -2.98 18.04 9.09
N GLY C 209 -3.76 17.75 8.05
CA GLY C 209 -4.82 16.77 8.14
C GLY C 209 -6.13 17.23 8.74
N ARG C 210 -6.28 18.53 8.99
CA ARG C 210 -7.52 19.03 9.56
C ARG C 210 -7.98 20.33 8.90
N LEU C 211 -9.29 20.54 8.84
CA LEU C 211 -9.83 21.76 8.25
C LEU C 211 -9.67 22.91 9.23
N VAL C 212 -8.99 23.95 8.79
CA VAL C 212 -8.69 25.08 9.67
C VAL C 212 -9.49 26.33 9.31
N ASP C 213 -9.81 26.49 8.03
CA ASP C 213 -10.49 27.70 7.58
C ASP C 213 -11.26 27.44 6.28
N SER C 214 -12.11 28.40 5.91
CA SER C 214 -12.81 28.35 4.64
C SER C 214 -13.32 29.74 4.27
N ILE C 215 -13.53 29.96 2.98
CA ILE C 215 -14.05 31.23 2.51
C ILE C 215 -15.00 31.01 1.35
N GLY C 216 -16.07 31.79 1.29
CA GLY C 216 -17.05 31.65 0.24
C GLY C 216 -16.72 32.51 -0.96
N SER C 217 -17.33 32.19 -2.10
CA SER C 217 -17.15 32.95 -3.33
C SER C 217 -17.43 34.43 -3.09
N TRP C 218 -16.60 35.31 -3.64
CA TRP C 218 -16.80 36.75 -3.45
C TRP C 218 -17.35 37.48 -4.67
N SER C 219 -17.40 36.79 -5.81
CA SER C 219 -17.95 37.37 -7.03
C SER C 219 -19.04 36.50 -7.64
N GLN C 220 -19.36 35.41 -6.96
CA GLN C 220 -20.43 34.52 -7.42
C GLN C 220 -20.22 34.06 -8.87
N ASN C 221 -18.99 33.76 -9.24
CA ASN C 221 -18.72 33.29 -10.59
C ASN C 221 -17.44 32.45 -10.66
N ILE C 222 -17.57 31.20 -10.23
CA ILE C 222 -16.51 30.21 -10.29
C ILE C 222 -15.22 30.62 -9.59
N LEU C 223 -15.28 30.72 -8.27
CA LEU C 223 -14.08 30.84 -7.45
C LEU C 223 -13.11 29.75 -7.91
N ARG C 224 -11.86 30.13 -8.18
CA ARG C 224 -10.88 29.19 -8.71
C ARG C 224 -9.46 29.58 -8.35
N THR C 225 -8.57 28.59 -8.31
CA THR C 225 -7.20 28.83 -7.88
C THR C 225 -6.15 28.27 -8.86
N GLN C 226 -4.94 28.01 -8.37
CA GLN C 226 -3.76 27.86 -9.23
C GLN C 226 -3.68 26.56 -10.05
N GLU C 227 -4.15 25.45 -9.48
CA GLU C 227 -3.95 24.12 -10.06
C GLU C 227 -2.46 23.77 -10.13
N SER C 228 -1.67 24.35 -9.23
CA SER C 228 -0.28 23.95 -9.04
C SER C 228 0.13 24.32 -7.62
N GLU C 229 1.39 24.08 -7.26
CA GLU C 229 1.78 24.24 -5.86
C GLU C 229 1.74 25.69 -5.40
N CYS C 230 1.29 25.91 -4.18
CA CYS C 230 1.43 27.22 -3.55
C CYS C 230 2.83 27.27 -2.96
N VAL C 231 3.23 28.41 -2.40
CA VAL C 231 4.57 28.48 -1.79
C VAL C 231 4.57 29.13 -0.42
N CYS C 232 5.37 28.56 0.47
CA CYS C 232 5.43 28.99 1.86
C CYS C 232 6.81 29.50 2.19
N ILE C 233 6.87 30.63 2.89
CA ILE C 233 8.13 31.16 3.42
C ILE C 233 7.96 31.47 4.90
N ASN C 234 8.81 30.87 5.72
CA ASN C 234 8.83 31.10 7.15
C ASN C 234 7.45 30.89 7.81
N GLY C 235 6.72 29.88 7.35
CA GLY C 235 5.46 29.53 7.97
C GLY C 235 4.26 30.24 7.40
N THR C 236 4.48 31.17 6.48
CA THR C 236 3.38 31.83 5.79
C THR C 236 3.30 31.37 4.33
N CYS C 237 2.17 30.77 3.97
CA CYS C 237 1.93 30.33 2.60
C CYS C 237 1.09 31.34 1.86
N THR C 238 1.34 31.47 0.57
CA THR C 238 0.56 32.38 -0.26
C THR C 238 -0.11 31.60 -1.39
N VAL C 239 -1.31 32.01 -1.77
CA VAL C 239 -2.01 31.37 -2.87
C VAL C 239 -2.85 32.39 -3.63
N VAL C 240 -2.91 32.24 -4.95
CA VAL C 240 -3.64 33.18 -5.80
C VAL C 240 -4.98 32.58 -6.21
N MET C 241 -6.04 33.35 -5.95
CA MET C 241 -7.42 32.94 -6.24
C MET C 241 -8.10 34.00 -7.09
N THR C 242 -8.98 33.56 -7.98
CA THR C 242 -9.76 34.48 -8.81
C THR C 242 -11.23 34.11 -8.71
N ASP C 243 -12.09 35.11 -8.84
CA ASP C 243 -13.53 34.90 -8.88
C ASP C 243 -14.10 35.93 -9.84
N GLY C 244 -14.89 35.49 -10.82
CA GLY C 244 -15.47 36.40 -11.79
C GLY C 244 -15.30 35.93 -13.23
N SER C 245 -15.55 36.85 -14.17
CA SER C 245 -15.58 36.51 -15.58
C SER C 245 -14.32 35.82 -16.11
N ALA C 246 -14.51 34.89 -17.03
CA ALA C 246 -13.40 34.21 -17.69
C ALA C 246 -12.96 34.98 -18.94
N SER C 247 -13.75 35.97 -19.32
CA SER C 247 -13.51 36.72 -20.55
C SER C 247 -13.74 38.21 -20.32
N GLY C 248 -13.33 38.68 -19.15
CA GLY C 248 -13.53 40.07 -18.77
C GLY C 248 -12.92 40.31 -17.41
N ARG C 249 -12.89 41.57 -16.99
CA ARG C 249 -12.34 41.90 -15.68
C ARG C 249 -12.90 40.99 -14.60
N ALA C 250 -12.02 40.46 -13.76
CA ALA C 250 -12.41 39.59 -12.67
C ALA C 250 -11.83 40.11 -11.36
N ASP C 251 -12.11 39.39 -10.27
CA ASP C 251 -11.66 39.81 -8.95
C ASP C 251 -10.61 38.84 -8.43
N THR C 252 -9.34 39.22 -8.57
CA THR C 252 -8.25 38.35 -8.14
C THR C 252 -7.72 38.80 -6.78
N ARG C 253 -7.49 37.82 -5.91
CA ARG C 253 -6.99 38.12 -4.57
C ARG C 253 -5.89 37.17 -4.17
N ILE C 254 -4.96 37.65 -3.37
CA ILE C 254 -3.86 36.83 -2.89
C ILE C 254 -4.03 36.57 -1.39
N LEU C 255 -4.13 35.30 -1.03
CA LEU C 255 -4.32 34.93 0.37
C LEU C 255 -3.01 34.55 1.02
N PHE C 256 -2.86 34.95 2.29
CA PHE C 256 -1.71 34.59 3.08
C PHE C 256 -2.19 33.72 4.23
N ILE C 257 -1.60 32.54 4.35
CA ILE C 257 -2.14 31.51 5.23
C ILE C 257 -1.07 30.98 6.17
N GLU C 258 -1.38 30.95 7.47
CA GLU C 258 -0.45 30.42 8.47
C GLU C 258 -1.07 29.24 9.19
N GLU C 259 -0.46 28.07 9.03
CA GLU C 259 -1.01 26.83 9.59
C GLU C 259 -2.49 26.65 9.25
N GLY C 260 -2.85 26.98 8.02
CA GLY C 260 -4.19 26.75 7.52
C GLY C 260 -5.14 27.91 7.77
N LYS C 261 -4.70 28.87 8.57
CA LYS C 261 -5.53 30.03 8.93
C LYS C 261 -5.24 31.24 8.03
N ILE C 262 -6.27 31.77 7.38
CA ILE C 262 -6.13 32.97 6.57
C ILE C 262 -5.84 34.18 7.46
N VAL C 263 -4.66 34.77 7.30
CA VAL C 263 -4.27 35.91 8.14
C VAL C 263 -4.34 37.26 7.42
N HIS C 264 -4.33 37.22 6.09
CA HIS C 264 -4.42 38.45 5.31
C HIS C 264 -4.84 38.17 3.88
N ILE C 265 -5.53 39.13 3.28
CA ILE C 265 -5.93 39.03 1.88
C ILE C 265 -5.66 40.34 1.16
N SER C 266 -4.87 40.28 0.09
CA SER C 266 -4.54 41.48 -0.67
C SER C 266 -5.15 41.43 -2.07
N PRO C 267 -5.77 42.55 -2.48
CA PRO C 267 -6.31 42.61 -3.85
C PRO C 267 -5.17 42.55 -4.84
N LEU C 268 -5.44 42.05 -6.05
CA LEU C 268 -4.46 42.13 -7.11
C LEU C 268 -4.19 43.60 -7.37
N SER C 269 -2.94 43.91 -7.73
CA SER C 269 -2.56 45.28 -8.03
C SER C 269 -1.53 45.24 -9.15
N GLY C 270 -1.35 46.36 -9.84
CA GLY C 270 -0.40 46.42 -10.95
C GLY C 270 -1.08 46.55 -12.30
N SER C 271 -0.44 46.04 -13.36
CA SER C 271 -0.98 46.22 -14.70
C SER C 271 -1.55 44.95 -15.35
N ALA C 272 -1.45 43.81 -14.67
CA ALA C 272 -2.07 42.59 -15.20
C ALA C 272 -3.59 42.74 -15.18
N GLN C 273 -4.23 42.44 -16.31
CA GLN C 273 -5.66 42.71 -16.44
C GLN C 273 -6.54 41.46 -16.30
N HIS C 274 -5.92 40.30 -16.28
CA HIS C 274 -6.65 39.05 -16.09
C HIS C 274 -5.70 37.96 -15.64
N ILE C 275 -6.03 37.33 -14.51
CA ILE C 275 -5.15 36.35 -13.87
C ILE C 275 -5.87 35.04 -13.58
N GLU C 276 -5.31 33.95 -14.08
CA GLU C 276 -5.84 32.63 -13.78
C GLU C 276 -4.69 31.63 -13.67
N GLU C 277 -4.89 30.61 -12.84
CA GLU C 277 -4.00 29.45 -12.83
C GLU C 277 -2.52 29.83 -12.78
N CYS C 278 -2.13 30.59 -11.76
CA CYS C 278 -0.75 31.00 -11.59
C CYS C 278 0.21 29.85 -11.27
N SER C 279 1.36 29.84 -11.93
CA SER C 279 2.44 28.95 -11.58
C SER C 279 3.47 29.75 -10.79
N CYS C 280 3.53 29.50 -9.48
CA CYS C 280 4.30 30.33 -8.57
C CYS C 280 5.55 29.62 -8.06
N TYR C 281 6.57 30.42 -7.73
CA TYR C 281 7.79 29.87 -7.15
C TYR C 281 8.44 30.81 -6.16
N PRO C 282 9.15 30.26 -5.18
CA PRO C 282 9.84 31.09 -4.20
C PRO C 282 11.00 31.84 -4.83
N ARG C 283 11.03 33.15 -4.59
CA ARG C 283 12.16 33.97 -5.00
C ARG C 283 12.52 34.84 -3.81
N TYR C 284 13.11 34.21 -2.79
CA TYR C 284 13.38 34.88 -1.53
C TYR C 284 13.86 36.30 -1.75
N PRO C 285 13.30 37.27 -1.00
CA PRO C 285 12.39 37.09 0.14
C PRO C 285 10.92 36.99 -0.28
N GLY C 286 10.64 37.01 -1.58
CA GLY C 286 9.26 37.05 -2.04
C GLY C 286 8.82 35.83 -2.82
N VAL C 287 7.71 35.98 -3.54
CA VAL C 287 7.18 34.92 -4.38
C VAL C 287 6.82 35.50 -5.73
N ARG C 288 7.10 34.75 -6.79
CA ARG C 288 6.81 35.19 -8.15
C ARG C 288 5.91 34.19 -8.87
N CYS C 289 4.88 34.69 -9.55
CA CYS C 289 3.94 33.82 -10.25
C CYS C 289 3.82 34.19 -11.72
N ILE C 290 3.82 33.18 -12.58
CA ILE C 290 3.56 33.37 -14.01
C ILE C 290 2.23 32.73 -14.32
N CYS C 291 1.33 33.49 -14.93
CA CYS C 291 -0.06 33.09 -14.95
C CYS C 291 -0.68 33.01 -16.35
N ARG C 292 -2.00 32.92 -16.38
CA ARG C 292 -2.74 32.81 -17.63
C ARG C 292 -3.74 33.96 -17.71
N ASP C 293 -3.61 34.75 -18.76
CA ASP C 293 -4.56 35.82 -19.04
C ASP C 293 -5.56 35.23 -20.01
N ASN C 294 -6.81 35.07 -19.59
CA ASN C 294 -7.80 34.38 -20.41
C ASN C 294 -8.63 35.36 -21.23
N TRP C 295 -8.29 36.65 -21.16
CA TRP C 295 -9.12 37.71 -21.71
C TRP C 295 -8.51 38.41 -22.93
N LYS C 296 -7.42 39.15 -22.74
CA LYS C 296 -6.85 39.94 -23.83
C LYS C 296 -5.40 39.61 -24.21
N GLY C 297 -4.69 38.83 -23.40
CA GLY C 297 -3.27 38.63 -23.65
C GLY C 297 -2.87 37.21 -24.01
N SER C 298 -2.01 37.07 -25.00
CA SER C 298 -1.38 35.79 -25.27
C SER C 298 0.01 35.81 -24.64
N ASN C 299 0.41 36.97 -24.13
CA ASN C 299 1.56 37.04 -23.25
C ASN C 299 1.10 36.73 -21.83
N ARG C 300 1.98 36.11 -21.04
CA ARG C 300 1.62 35.69 -19.69
C ARG C 300 1.81 36.79 -18.65
N PRO C 301 0.81 37.01 -17.80
CA PRO C 301 0.91 37.97 -16.69
C PRO C 301 1.91 37.50 -15.65
N VAL C 302 2.57 38.45 -14.99
CA VAL C 302 3.44 38.15 -13.87
C VAL C 302 2.84 38.75 -12.60
N VAL C 303 2.93 38.03 -11.50
CA VAL C 303 2.47 38.56 -10.22
C VAL C 303 3.57 38.45 -9.18
N ASP C 304 3.94 39.58 -8.59
CA ASP C 304 4.97 39.61 -7.54
C ASP C 304 4.33 39.75 -6.18
N ILE C 305 4.69 38.87 -5.25
CA ILE C 305 4.10 38.87 -3.93
C ILE C 305 5.16 39.18 -2.87
N ASN C 306 4.97 40.27 -2.15
CA ASN C 306 5.85 40.63 -1.04
C ASN C 306 5.36 39.99 0.26
N MET C 307 6.13 39.05 0.80
CA MET C 307 5.70 38.28 1.97
C MET C 307 5.94 39.02 3.27
N GLU C 308 6.62 40.15 3.19
CA GLU C 308 6.92 40.94 4.39
C GLU C 308 5.82 41.96 4.72
N ASP C 309 5.25 42.59 3.69
CA ASP C 309 4.19 43.57 3.91
C ASP C 309 2.91 43.30 3.10
N TYR C 310 2.85 42.15 2.44
CA TYR C 310 1.65 41.72 1.74
C TYR C 310 1.31 42.55 0.50
N SER C 311 2.22 43.40 0.06
CA SER C 311 1.96 44.19 -1.13
C SER C 311 2.04 43.35 -2.40
N ILE C 312 1.31 43.76 -3.42
CA ILE C 312 1.20 43.02 -4.67
C ILE C 312 1.56 43.90 -5.86
N ASP C 313 2.30 43.33 -6.82
CA ASP C 313 2.57 44.01 -8.07
C ASP C 313 2.35 43.03 -9.22
N SER C 314 2.09 43.54 -10.41
CA SER C 314 1.84 42.67 -11.54
C SER C 314 2.19 43.34 -12.86
N SER C 315 2.47 42.53 -13.87
CA SER C 315 2.83 43.02 -15.19
C SER C 315 2.77 41.85 -16.16
N TYR C 316 3.54 41.91 -17.23
CA TYR C 316 3.57 40.81 -18.20
C TYR C 316 5.01 40.40 -18.52
N VAL C 317 5.19 39.13 -18.85
CA VAL C 317 6.49 38.63 -19.26
C VAL C 317 6.96 39.41 -20.49
N CYS C 318 8.19 39.91 -20.44
CA CYS C 318 8.77 40.71 -21.52
C CYS C 318 8.87 39.99 -22.86
N SER C 319 9.28 38.73 -22.83
CA SER C 319 9.62 37.99 -24.04
C SER C 319 8.62 38.17 -25.19
N GLY C 320 9.15 38.48 -26.37
CA GLY C 320 8.34 38.58 -27.57
C GLY C 320 7.95 37.20 -28.08
N LEU C 321 8.59 36.17 -27.52
CA LEU C 321 8.15 34.80 -27.73
C LEU C 321 7.19 34.47 -26.59
N VAL C 322 5.90 34.55 -26.87
CA VAL C 322 4.90 34.49 -25.81
C VAL C 322 4.53 33.04 -25.48
N GLY C 323 4.03 32.82 -24.28
CA GLY C 323 3.87 31.48 -23.76
C GLY C 323 2.46 30.90 -23.72
N ASP C 324 1.47 31.69 -24.09
CA ASP C 324 0.09 31.23 -24.02
C ASP C 324 -0.28 30.46 -25.28
N THR C 325 -1.42 29.77 -25.22
CA THR C 325 -2.05 29.14 -26.38
C THR C 325 -3.55 29.38 -26.28
N PRO C 326 -4.16 29.97 -27.31
CA PRO C 326 -3.57 30.36 -28.59
C PRO C 326 -2.68 31.60 -28.50
N ARG C 327 -2.05 31.92 -29.62
CA ARG C 327 -1.11 33.03 -29.72
C ARG C 327 -0.75 33.22 -31.18
N ASN C 328 -0.18 34.37 -31.53
CA ASN C 328 0.35 34.57 -32.87
C ASN C 328 1.61 33.74 -33.08
N ASP C 329 2.01 33.54 -34.34
CA ASP C 329 3.27 32.87 -34.61
C ASP C 329 4.45 33.79 -34.21
N ASP C 330 5.64 33.21 -34.14
CA ASP C 330 6.80 33.91 -33.62
C ASP C 330 7.14 35.24 -34.31
N SER C 331 6.83 35.35 -35.60
CA SER C 331 7.20 36.54 -36.35
C SER C 331 6.23 37.71 -36.13
N SER C 332 5.04 37.44 -35.58
CA SER C 332 4.06 38.50 -35.40
C SER C 332 3.50 38.62 -33.97
N SER C 333 4.20 38.00 -33.01
CA SER C 333 3.81 38.09 -31.61
C SER C 333 4.58 39.19 -30.89
N ASN C 334 3.97 39.76 -29.85
CA ASN C 334 4.58 40.88 -29.15
C ASN C 334 4.26 40.92 -27.66
N SER C 335 5.13 41.57 -26.90
CA SER C 335 4.84 41.87 -25.50
C SER C 335 5.60 43.13 -25.12
N ASN C 336 4.96 44.03 -24.37
CA ASN C 336 5.63 45.25 -23.94
C ASN C 336 5.92 45.25 -22.44
N CYS C 337 5.70 44.10 -21.80
CA CYS C 337 5.99 43.93 -20.37
C CYS C 337 4.89 44.49 -19.48
N ARG C 338 4.03 45.34 -20.03
CA ARG C 338 3.08 46.08 -19.20
C ARG C 338 1.61 45.74 -19.47
N ASN C 339 1.25 45.59 -20.74
CA ASN C 339 -0.14 45.36 -21.09
C ASN C 339 -0.34 44.04 -21.80
N PRO C 340 -1.57 43.52 -21.78
CA PRO C 340 -1.89 42.35 -22.61
C PRO C 340 -1.73 42.75 -24.09
N ASN C 341 -1.23 41.84 -24.90
CA ASN C 341 -0.86 42.19 -26.27
C ASN C 341 -2.02 42.25 -27.26
N ASN C 342 -3.21 41.82 -26.81
CA ASN C 342 -4.38 41.77 -27.70
C ASN C 342 -4.10 40.98 -28.98
N GLU C 343 -3.29 39.93 -28.87
CA GLU C 343 -3.05 39.03 -29.97
C GLU C 343 -3.63 37.66 -29.64
N ARG C 344 -4.73 37.32 -30.29
CA ARG C 344 -5.46 36.09 -29.99
C ARG C 344 -5.52 35.88 -28.49
N GLY C 345 -5.83 36.97 -27.77
CA GLY C 345 -5.76 36.96 -26.33
C GLY C 345 -6.78 36.11 -25.61
N THR C 346 -7.94 35.89 -26.21
CA THR C 346 -9.01 35.18 -25.51
C THR C 346 -8.71 33.68 -25.39
N GLN C 347 -9.17 33.07 -24.30
CA GLN C 347 -8.85 31.68 -23.98
C GLN C 347 -7.39 31.57 -23.56
N GLY C 348 -6.90 30.35 -23.37
CA GLY C 348 -5.52 30.19 -22.93
C GLY C 348 -5.25 28.82 -22.33
N VAL C 349 -4.10 28.67 -21.71
CA VAL C 349 -3.71 27.41 -21.07
C VAL C 349 -2.75 27.71 -19.92
N LYS C 350 -2.85 26.97 -18.83
CA LYS C 350 -1.92 27.16 -17.72
C LYS C 350 -0.51 26.86 -18.21
N GLY C 351 0.44 27.72 -17.85
CA GLY C 351 1.84 27.53 -18.20
C GLY C 351 2.76 28.14 -17.16
N TRP C 352 4.05 28.22 -17.47
CA TRP C 352 5.04 28.68 -16.50
C TRP C 352 6.23 29.36 -17.16
N ALA C 353 7.05 29.99 -16.34
CA ALA C 353 8.30 30.58 -16.77
C ALA C 353 9.00 31.04 -15.51
N PHE C 354 10.31 31.21 -15.57
CA PHE C 354 11.02 31.81 -14.45
C PHE C 354 12.20 32.64 -14.95
N ASP C 355 12.56 33.64 -14.15
CA ASP C 355 13.63 34.55 -14.52
C ASP C 355 14.99 34.03 -14.08
N ASN C 356 16.01 34.33 -14.88
CA ASN C 356 17.39 34.17 -14.47
C ASN C 356 18.20 35.39 -14.90
N GLY C 357 18.37 36.34 -13.99
CA GLY C 357 18.95 37.62 -14.34
C GLY C 357 18.06 38.33 -15.34
N ASN C 358 18.60 38.67 -16.51
CA ASN C 358 17.83 39.30 -17.55
C ASN C 358 17.15 38.28 -18.47
N ASP C 359 17.56 37.02 -18.34
CA ASP C 359 17.07 35.97 -19.21
C ASP C 359 15.83 35.29 -18.65
N LEU C 360 15.15 34.53 -19.50
CA LEU C 360 13.91 33.87 -19.12
C LEU C 360 13.90 32.42 -19.60
N TRP C 361 13.62 31.50 -18.68
CA TRP C 361 13.34 30.12 -19.06
C TRP C 361 11.82 29.95 -19.12
N MET C 362 11.33 29.35 -20.21
CA MET C 362 9.89 29.12 -20.35
C MET C 362 9.56 27.85 -21.12
N GLY C 363 8.34 27.36 -20.92
CA GLY C 363 7.80 26.29 -21.72
C GLY C 363 6.57 26.80 -22.44
N ARG C 364 6.18 26.10 -23.51
CA ARG C 364 4.96 26.42 -24.23
C ARG C 364 4.58 25.24 -25.11
N THR C 365 3.31 25.17 -25.51
CA THR C 365 2.92 24.19 -26.50
C THR C 365 3.67 24.55 -27.78
N ILE C 366 3.94 23.55 -28.60
CA ILE C 366 4.62 23.81 -29.87
C ILE C 366 3.65 24.45 -30.85
N SER C 367 2.44 23.90 -30.90
CA SER C 367 1.39 24.48 -31.73
C SER C 367 0.93 25.80 -31.14
N LYS C 368 0.67 26.77 -32.00
CA LYS C 368 0.26 28.09 -31.54
C LYS C 368 -1.25 28.21 -31.33
N GLU C 369 -2.00 27.19 -31.75
CA GLU C 369 -3.45 27.27 -31.67
C GLU C 369 -4.10 26.10 -30.94
N SER C 370 -3.36 25.01 -30.76
CA SER C 370 -3.89 23.87 -30.03
C SER C 370 -2.93 23.36 -28.96
N ARG C 371 -3.48 22.64 -28.00
CA ARG C 371 -2.67 22.07 -26.93
C ARG C 371 -1.95 20.83 -27.42
N SER C 372 -0.97 21.08 -28.30
CA SER C 372 -0.24 20.02 -28.98
C SER C 372 1.26 20.30 -28.88
N GLY C 373 2.03 19.27 -28.57
CA GLY C 373 3.47 19.42 -28.43
C GLY C 373 3.83 20.21 -27.18
N TYR C 374 5.10 20.15 -26.81
CA TYR C 374 5.62 20.99 -25.74
C TYR C 374 7.12 21.19 -25.89
N GLU C 375 7.56 22.43 -25.70
CA GLU C 375 8.97 22.79 -25.86
C GLU C 375 9.38 23.75 -24.74
N THR C 376 10.66 23.70 -24.36
CA THR C 376 11.22 24.66 -23.43
C THR C 376 12.44 25.31 -24.09
N PHE C 377 12.74 26.54 -23.66
CA PHE C 377 13.95 27.22 -24.12
C PHE C 377 14.27 28.41 -23.22
N LYS C 378 15.44 28.99 -23.41
CA LYS C 378 15.81 30.22 -22.71
C LYS C 378 15.71 31.38 -23.70
N VAL C 379 15.09 32.47 -23.25
CA VAL C 379 15.03 33.67 -24.08
C VAL C 379 16.04 34.68 -23.53
N ILE C 380 16.99 35.06 -24.38
CA ILE C 380 18.01 36.03 -24.00
C ILE C 380 17.37 37.40 -23.82
N GLY C 381 17.43 37.92 -22.60
CA GLY C 381 16.80 39.19 -22.29
C GLY C 381 15.29 39.05 -22.17
N GLY C 382 14.82 37.81 -22.09
CA GLY C 382 13.40 37.53 -22.03
C GLY C 382 12.72 38.06 -20.78
N TRP C 383 13.50 38.38 -19.76
CA TRP C 383 12.90 38.93 -18.55
C TRP C 383 12.94 40.45 -18.51
N SER C 384 14.01 41.05 -19.03
CA SER C 384 14.23 42.48 -18.90
C SER C 384 13.98 43.29 -20.18
N THR C 385 14.12 42.65 -21.33
CA THR C 385 14.01 43.36 -22.60
C THR C 385 12.68 43.10 -23.30
N PRO C 386 11.84 44.14 -23.41
CA PRO C 386 10.56 44.02 -24.09
C PRO C 386 10.71 43.45 -25.49
N ASN C 387 9.90 42.44 -25.81
CA ASN C 387 9.81 41.91 -27.17
C ASN C 387 11.03 41.12 -27.65
N SER C 388 11.93 40.75 -26.74
CA SER C 388 13.09 39.97 -27.15
C SER C 388 12.67 38.60 -27.69
N LYS C 389 13.30 38.19 -28.79
CA LYS C 389 12.94 36.96 -29.47
C LYS C 389 14.15 36.09 -29.78
N SER C 390 15.28 36.40 -29.15
CA SER C 390 16.47 35.59 -29.30
C SER C 390 16.39 34.40 -28.34
N GLN C 391 16.33 33.21 -28.92
CA GLN C 391 16.12 31.98 -28.15
C GLN C 391 17.38 31.11 -28.16
N VAL C 392 17.56 30.32 -27.11
CA VAL C 392 18.66 29.36 -27.08
C VAL C 392 18.34 28.17 -26.15
N ASN C 393 19.07 27.07 -26.31
CA ASN C 393 18.88 25.87 -25.49
C ASN C 393 17.47 25.28 -25.56
N ARG C 394 16.90 25.26 -26.76
CA ARG C 394 15.59 24.64 -26.92
C ARG C 394 15.64 23.14 -26.63
N GLN C 395 14.56 22.62 -26.05
CA GLN C 395 14.38 21.19 -25.88
C GLN C 395 12.95 20.82 -26.21
N VAL C 396 12.77 19.83 -27.08
CA VAL C 396 11.46 19.25 -27.30
C VAL C 396 11.15 18.30 -26.14
N ILE C 397 10.02 18.52 -25.47
CA ILE C 397 9.59 17.61 -24.41
C ILE C 397 8.54 16.64 -24.97
N VAL C 398 7.63 17.17 -25.77
CA VAL C 398 6.60 16.38 -26.44
C VAL C 398 6.52 16.84 -27.90
N ASP C 399 6.74 15.95 -28.85
CA ASP C 399 6.71 16.34 -30.25
C ASP C 399 5.30 16.78 -30.68
N ASN C 400 5.24 17.58 -31.74
CA ASN C 400 3.98 18.20 -32.15
C ASN C 400 2.97 17.24 -32.76
N ASN C 401 3.31 15.96 -32.83
CA ASN C 401 2.35 14.95 -33.28
C ASN C 401 1.53 14.40 -32.12
N ASN C 402 1.82 14.88 -30.92
CA ASN C 402 1.18 14.38 -29.70
C ASN C 402 0.57 15.47 -28.86
N TRP C 403 -0.47 15.12 -28.10
CA TRP C 403 -1.20 16.10 -27.31
C TRP C 403 -0.48 16.45 -26.01
N SER C 404 -0.55 17.72 -25.64
CA SER C 404 -0.06 18.16 -24.34
C SER C 404 -1.24 18.68 -23.53
N GLY C 405 -1.07 19.85 -22.93
CA GLY C 405 -2.08 20.43 -22.07
C GLY C 405 -1.46 21.38 -21.07
N TYR C 406 -2.02 21.40 -19.86
CA TYR C 406 -1.50 22.25 -18.79
C TYR C 406 -0.05 21.96 -18.50
N SER C 407 0.65 22.96 -17.96
CA SER C 407 2.00 22.76 -17.43
C SER C 407 2.23 23.72 -16.28
N GLY C 408 3.18 23.37 -15.41
CA GLY C 408 3.38 24.14 -14.21
C GLY C 408 4.75 23.92 -13.62
N ILE C 409 5.14 24.82 -12.73
CA ILE C 409 6.45 24.78 -12.14
C ILE C 409 6.38 24.23 -10.72
N PHE C 410 7.49 23.66 -10.27
CA PHE C 410 7.67 23.38 -8.85
C PHE C 410 9.13 23.54 -8.49
N SER C 411 9.41 23.80 -7.22
CA SER C 411 10.77 24.09 -6.80
C SER C 411 11.28 23.03 -5.84
N VAL C 412 12.55 22.69 -5.98
CA VAL C 412 13.16 21.65 -5.17
C VAL C 412 14.43 22.19 -4.52
N GLU C 413 14.49 22.17 -3.20
CA GLU C 413 15.68 22.63 -2.50
C GLU C 413 16.80 21.61 -2.59
N GLY C 414 17.92 22.04 -3.16
CA GLY C 414 19.11 21.20 -3.20
C GLY C 414 20.03 21.57 -2.06
N LYS C 415 21.23 21.01 -2.06
CA LYS C 415 22.19 21.24 -0.99
C LYS C 415 22.61 22.70 -0.89
N SER C 416 22.82 23.35 -2.03
CA SER C 416 23.33 24.71 -2.04
C SER C 416 22.45 25.72 -2.78
N CYS C 417 21.38 25.23 -3.42
CA CYS C 417 20.57 26.10 -4.26
C CYS C 417 19.17 25.57 -4.49
N ILE C 418 18.28 26.44 -4.98
CA ILE C 418 16.92 26.06 -5.30
C ILE C 418 16.82 25.73 -6.79
N ASN C 419 16.42 24.50 -7.09
CA ASN C 419 16.24 24.08 -8.48
C ASN C 419 14.79 24.31 -8.92
N ARG C 420 14.59 24.52 -10.21
CA ARG C 420 13.24 24.64 -10.75
C ARG C 420 12.95 23.43 -11.62
N CYS C 421 11.77 22.85 -11.44
CA CYS C 421 11.33 21.72 -12.24
C CYS C 421 9.96 22.07 -12.82
N PHE C 422 9.50 21.29 -13.79
CA PHE C 422 8.16 21.48 -14.34
C PHE C 422 7.50 20.16 -14.73
N TYR C 423 6.18 20.16 -14.80
CA TYR C 423 5.43 19.01 -15.27
C TYR C 423 4.64 19.40 -16.49
N VAL C 424 4.30 18.42 -17.32
CA VAL C 424 3.41 18.67 -18.45
C VAL C 424 2.25 17.68 -18.40
N GLU C 425 1.03 18.20 -18.50
CA GLU C 425 -0.18 17.40 -18.56
C GLU C 425 -0.39 16.90 -19.99
N LEU C 426 -0.57 15.59 -20.14
CA LEU C 426 -0.78 15.01 -21.46
C LEU C 426 -2.22 14.54 -21.60
N ILE C 427 -3.06 15.39 -22.20
CA ILE C 427 -4.50 15.14 -22.25
C ILE C 427 -4.87 14.20 -23.39
N ARG C 428 -5.61 13.14 -23.06
CA ARG C 428 -6.11 12.22 -24.06
C ARG C 428 -7.64 12.16 -24.02
N GLY C 429 -8.26 11.86 -25.16
CA GLY C 429 -9.69 11.77 -25.26
C GLY C 429 -10.36 13.03 -25.78
N ARG C 430 -11.60 13.27 -25.35
CA ARG C 430 -12.38 14.40 -25.83
C ARG C 430 -11.80 15.72 -25.33
N PRO C 431 -11.94 16.78 -26.13
CA PRO C 431 -12.68 16.86 -27.40
C PRO C 431 -11.88 16.42 -28.62
N GLN C 432 -10.56 16.35 -28.51
CA GLN C 432 -9.72 16.08 -29.69
C GLN C 432 -9.89 14.68 -30.27
N GLU C 433 -10.04 13.69 -29.40
CA GLU C 433 -10.13 12.29 -29.84
C GLU C 433 -11.51 11.75 -29.53
N THR C 434 -12.33 11.57 -30.56
CA THR C 434 -13.75 11.27 -30.38
C THR C 434 -14.11 9.79 -30.39
N ARG C 435 -13.14 8.92 -30.64
CA ARG C 435 -13.41 7.49 -30.57
C ARG C 435 -13.88 7.10 -29.17
N VAL C 436 -13.33 7.77 -28.16
CA VAL C 436 -13.72 7.51 -26.78
C VAL C 436 -14.62 8.62 -26.26
N TRP C 437 -15.26 8.36 -25.13
CA TRP C 437 -16.22 9.32 -24.57
C TRP C 437 -15.68 10.02 -23.33
N TRP C 438 -14.50 9.60 -22.89
CA TRP C 438 -13.89 10.17 -21.70
C TRP C 438 -12.81 11.19 -22.01
N THR C 439 -12.37 11.90 -20.97
CA THR C 439 -11.25 12.82 -21.05
C THR C 439 -10.36 12.56 -19.84
N SER C 440 -9.07 12.36 -20.09
CA SER C 440 -8.14 12.08 -19.01
C SER C 440 -6.74 12.55 -19.38
N ASN C 441 -5.77 12.23 -18.54
CA ASN C 441 -4.39 12.65 -18.78
C ASN C 441 -3.37 11.76 -18.10
N SER C 442 -2.16 11.75 -18.64
CA SER C 442 -0.99 11.26 -17.91
C SER C 442 -0.07 12.47 -17.72
N ILE C 443 1.12 12.27 -17.14
CA ILE C 443 2.06 13.38 -17.00
C ILE C 443 3.49 12.97 -17.32
N VAL C 444 4.31 13.96 -17.65
CA VAL C 444 5.74 13.78 -17.77
C VAL C 444 6.40 14.94 -17.02
N VAL C 445 7.51 14.67 -16.35
CA VAL C 445 8.12 15.66 -15.46
C VAL C 445 9.62 15.81 -15.71
N PHE C 446 10.09 17.05 -15.80
CA PHE C 446 11.52 17.35 -16.00
C PHE C 446 12.07 18.28 -14.92
N CYS C 447 13.36 18.18 -14.64
CA CYS C 447 13.99 19.02 -13.64
C CYS C 447 15.19 19.78 -14.18
N GLY C 448 15.39 21.00 -13.66
CA GLY C 448 16.53 21.80 -14.04
C GLY C 448 17.82 21.05 -13.80
N THR C 449 18.77 21.23 -14.71
CA THR C 449 20.09 20.61 -14.55
C THR C 449 21.20 21.59 -14.91
N SER C 450 22.34 21.45 -14.24
CA SER C 450 23.52 22.25 -14.57
C SER C 450 24.48 21.39 -15.39
N GLY C 451 24.05 20.16 -15.69
CA GLY C 451 24.85 19.25 -16.49
C GLY C 451 24.50 19.32 -17.96
N THR C 452 24.72 18.21 -18.66
CA THR C 452 24.43 18.15 -20.09
C THR C 452 23.33 17.14 -20.36
N TYR C 453 22.86 17.10 -21.59
CA TYR C 453 21.69 16.30 -21.96
C TYR C 453 21.56 16.19 -23.47
N GLY C 454 20.72 15.27 -23.93
CA GLY C 454 20.50 15.07 -25.36
C GLY C 454 19.10 15.47 -25.79
N THR C 455 18.47 14.61 -26.58
CA THR C 455 17.14 14.92 -27.11
C THR C 455 16.21 13.73 -26.97
N GLY C 456 14.91 13.97 -27.16
CA GLY C 456 13.92 12.93 -27.15
C GLY C 456 12.51 13.48 -27.21
N SER C 457 11.53 12.60 -27.04
CA SER C 457 10.13 12.99 -26.98
C SER C 457 9.39 11.99 -26.10
N TRP C 458 8.68 12.50 -25.11
CA TRP C 458 8.03 11.65 -24.13
C TRP C 458 6.54 11.94 -24.05
N PRO C 459 5.78 11.50 -25.05
CA PRO C 459 4.33 11.75 -25.10
C PRO C 459 3.58 10.77 -24.19
N ASP C 460 2.26 10.92 -24.14
CA ASP C 460 1.43 10.01 -23.37
C ASP C 460 1.70 8.55 -23.76
N GLY C 461 1.62 8.27 -25.06
CA GLY C 461 2.02 6.97 -25.57
C GLY C 461 0.91 5.95 -25.73
N ALA C 462 -0.31 6.31 -25.36
CA ALA C 462 -1.43 5.38 -25.49
C ALA C 462 -1.94 5.32 -26.92
N ASN C 463 -2.39 4.15 -27.34
CA ASN C 463 -3.03 4.01 -28.64
C ASN C 463 -4.54 4.13 -28.45
N ILE C 464 -5.10 5.22 -28.95
CA ILE C 464 -6.53 5.52 -28.75
C ILE C 464 -7.43 4.37 -29.21
N ASN C 465 -6.94 3.59 -30.17
CA ASN C 465 -7.70 2.46 -30.71
C ASN C 465 -7.72 1.27 -29.76
N PHE C 466 -6.78 1.25 -28.82
CA PHE C 466 -6.69 0.17 -27.84
C PHE C 466 -7.51 0.46 -26.57
N MET C 467 -8.09 1.65 -26.49
CA MET C 467 -8.72 2.09 -25.25
C MET C 467 -10.17 1.66 -25.09
N PRO C 468 -10.58 1.38 -23.85
CA PRO C 468 -12.01 1.26 -23.56
C PRO C 468 -12.67 2.57 -23.94
N ILE C 469 -13.80 2.54 -24.62
CA ILE C 469 -14.41 3.77 -25.10
C ILE C 469 -15.16 4.52 -23.99
N VAL D 82 15.17 -1.78 21.39
CA VAL D 82 14.30 -2.95 21.36
C VAL D 82 15.01 -4.18 21.93
N GLU D 83 14.35 -4.87 22.85
CA GLU D 83 14.94 -6.01 23.57
C GLU D 83 14.38 -7.34 23.09
N TYR D 84 15.13 -8.41 23.32
CA TYR D 84 14.63 -9.76 23.01
C TYR D 84 13.43 -10.10 23.87
N ARG D 85 12.48 -10.82 23.29
CA ARG D 85 11.34 -11.35 24.03
C ARG D 85 11.78 -12.47 24.97
N ASN D 86 11.21 -12.49 26.17
CA ASN D 86 11.47 -13.55 27.14
C ASN D 86 10.22 -14.36 27.46
N TRP D 87 9.06 -13.78 27.18
CA TRP D 87 7.79 -14.44 27.47
C TRP D 87 7.70 -14.84 28.94
N SER D 88 8.35 -14.08 29.82
CA SER D 88 8.41 -14.43 31.23
C SER D 88 7.28 -13.80 32.03
N LYS D 89 6.05 -14.06 31.61
CA LYS D 89 4.87 -13.66 32.37
C LYS D 89 3.96 -14.88 32.47
N PRO D 90 3.16 -14.94 33.54
CA PRO D 90 2.23 -16.07 33.66
C PRO D 90 1.25 -16.11 32.50
N GLN D 91 0.72 -17.28 32.22
CA GLN D 91 -0.30 -17.45 31.20
C GLN D 91 -1.60 -16.81 31.68
N CYS D 92 -2.32 -16.16 30.75
CA CYS D 92 -3.60 -15.55 31.10
C CYS D 92 -4.62 -16.62 31.47
N GLN D 93 -5.36 -16.39 32.54
CA GLN D 93 -6.46 -17.27 32.90
C GLN D 93 -7.62 -16.99 31.96
N ILE D 94 -8.05 -17.99 31.21
CA ILE D 94 -9.11 -17.79 30.23
C ILE D 94 -10.35 -18.59 30.55
N THR D 95 -11.50 -18.07 30.13
CA THR D 95 -12.78 -18.73 30.31
C THR D 95 -13.26 -19.27 28.97
N GLY D 96 -12.44 -19.07 27.94
CA GLY D 96 -12.80 -19.46 26.59
C GLY D 96 -12.18 -18.50 25.59
N PHE D 97 -12.79 -18.38 24.41
CA PHE D 97 -12.22 -17.57 23.34
C PHE D 97 -13.23 -16.62 22.70
N ALA D 98 -12.73 -15.49 22.24
CA ALA D 98 -13.58 -14.48 21.60
C ALA D 98 -13.08 -14.19 20.18
N PRO D 99 -14.01 -13.85 19.27
CA PRO D 99 -13.70 -13.53 17.87
C PRO D 99 -12.65 -12.45 17.75
N PHE D 100 -11.67 -12.65 16.87
CA PHE D 100 -10.56 -11.71 16.73
C PHE D 100 -10.38 -11.24 15.28
N SER D 101 -10.48 -12.16 14.33
CA SER D 101 -10.26 -11.80 12.93
C SER D 101 -10.83 -12.81 11.94
N LYS D 102 -11.01 -12.36 10.69
CA LYS D 102 -11.53 -13.21 9.62
C LYS D 102 -11.20 -12.52 8.31
N ASP D 103 -10.68 -13.26 7.33
CA ASP D 103 -10.20 -12.59 6.12
C ASP D 103 -11.10 -12.67 4.88
N ASN D 104 -12.07 -13.59 4.87
CA ASN D 104 -13.05 -13.67 3.78
C ASN D 104 -12.43 -13.84 2.39
N SER D 105 -11.28 -14.53 2.32
CA SER D 105 -10.50 -14.65 1.10
C SER D 105 -11.27 -15.24 -0.08
N ILE D 106 -11.94 -16.36 0.14
CA ILE D 106 -12.61 -17.06 -0.95
C ILE D 106 -13.79 -16.25 -1.51
N ARG D 107 -14.56 -15.64 -0.61
CA ARG D 107 -15.67 -14.78 -1.01
C ARG D 107 -15.18 -13.63 -1.88
N LEU D 108 -14.06 -13.03 -1.49
CA LEU D 108 -13.45 -11.94 -2.24
C LEU D 108 -12.86 -12.42 -3.55
N SER D 109 -12.37 -13.67 -3.57
CA SER D 109 -11.76 -14.26 -4.75
C SER D 109 -12.72 -14.32 -5.94
N ALA D 110 -14.01 -14.29 -5.64
CA ALA D 110 -15.04 -14.38 -6.67
C ALA D 110 -15.28 -13.03 -7.33
N GLY D 111 -14.57 -12.01 -6.86
CA GLY D 111 -14.70 -10.68 -7.41
C GLY D 111 -13.49 -9.84 -7.12
N GLY D 112 -12.32 -10.35 -7.49
CA GLY D 112 -11.07 -9.67 -7.26
C GLY D 112 -9.89 -10.62 -7.41
N ASP D 113 -8.69 -10.07 -7.49
CA ASP D 113 -7.49 -10.88 -7.67
C ASP D 113 -6.87 -11.23 -6.31
N ILE D 114 -7.08 -12.47 -5.89
CA ILE D 114 -6.67 -12.95 -4.58
C ILE D 114 -5.84 -14.21 -4.70
N TRP D 115 -4.74 -14.27 -3.95
CA TRP D 115 -3.84 -15.42 -3.97
C TRP D 115 -4.55 -16.73 -3.63
N VAL D 116 -4.18 -17.80 -4.33
CA VAL D 116 -4.54 -19.14 -3.90
C VAL D 116 -3.55 -19.54 -2.83
N THR D 117 -4.05 -20.01 -1.69
CA THR D 117 -3.16 -20.36 -0.59
C THR D 117 -3.56 -21.66 0.08
N ARG D 118 -2.71 -22.11 1.00
CA ARG D 118 -3.06 -23.11 2.01
C ARG D 118 -2.01 -23.06 3.11
N GLU D 119 -2.22 -23.82 4.18
CA GLU D 119 -1.33 -23.82 5.33
C GLU D 119 -1.08 -22.40 5.87
N PRO D 120 -2.15 -21.70 6.26
CA PRO D 120 -1.97 -20.36 6.84
C PRO D 120 -1.51 -20.44 8.29
N TYR D 121 -1.00 -19.34 8.82
CA TYR D 121 -0.80 -19.22 10.25
C TYR D 121 -0.69 -17.76 10.65
N VAL D 122 -0.61 -17.52 11.95
CA VAL D 122 -0.56 -16.18 12.48
C VAL D 122 0.60 -16.04 13.44
N SER D 123 1.28 -14.90 13.37
CA SER D 123 2.33 -14.59 14.32
C SER D 123 2.41 -13.08 14.49
N CYS D 124 2.75 -12.64 15.69
CA CYS D 124 2.76 -11.22 15.99
C CYS D 124 4.14 -10.73 16.42
N ASP D 125 4.52 -9.53 15.98
CA ASP D 125 5.66 -8.84 16.59
C ASP D 125 5.14 -8.12 17.84
N PRO D 126 6.02 -7.44 18.58
CA PRO D 126 5.55 -6.84 19.84
C PRO D 126 4.41 -5.84 19.64
N GLY D 127 4.28 -5.29 18.43
CA GLY D 127 3.28 -4.29 18.14
C GLY D 127 1.99 -4.80 17.54
N LYS D 128 2.10 -5.62 16.49
CA LYS D 128 0.91 -6.08 15.76
C LYS D 128 1.04 -7.48 15.17
N CYS D 129 -0.10 -8.04 14.78
CA CYS D 129 -0.16 -9.39 14.25
C CYS D 129 -0.09 -9.42 12.73
N TYR D 130 0.44 -10.52 12.21
CA TYR D 130 0.51 -10.75 10.77
C TYR D 130 -0.08 -12.10 10.44
N GLN D 131 -0.74 -12.20 9.29
CA GLN D 131 -1.14 -13.50 8.77
C GLN D 131 -0.16 -13.95 7.71
N PHE D 132 0.13 -15.25 7.72
CA PHE D 132 1.02 -15.89 6.77
C PHE D 132 0.26 -16.97 6.03
N ALA D 133 0.77 -17.37 4.87
CA ALA D 133 0.21 -18.51 4.15
C ALA D 133 1.17 -18.94 3.06
N LEU D 134 1.04 -20.18 2.61
CA LEU D 134 1.83 -20.64 1.48
C LEU D 134 1.03 -20.43 0.19
N GLY D 135 1.47 -19.46 -0.62
CA GLY D 135 0.83 -19.20 -1.89
C GLY D 135 1.04 -20.37 -2.84
N GLN D 136 0.30 -20.38 -3.94
CA GLN D 136 0.50 -21.38 -4.98
C GLN D 136 1.01 -20.73 -6.26
N GLY D 137 1.60 -19.56 -6.11
CA GLY D 137 2.16 -18.83 -7.24
C GLY D 137 1.12 -18.38 -8.26
N THR D 138 -0.11 -18.20 -7.80
CA THR D 138 -1.21 -17.84 -8.69
C THR D 138 -2.38 -17.26 -7.90
N THR D 139 -3.23 -16.49 -8.59
CA THR D 139 -4.49 -16.05 -7.98
C THR D 139 -5.56 -17.07 -8.30
N LEU D 140 -6.75 -16.91 -7.71
CA LEU D 140 -7.79 -17.92 -7.83
C LEU D 140 -8.50 -17.84 -9.17
N ASP D 141 -8.90 -16.64 -9.57
CA ASP D 141 -9.51 -16.43 -10.88
C ASP D 141 -8.40 -16.32 -11.93
N ASN D 142 -7.86 -17.47 -12.29
CA ASN D 142 -6.60 -17.57 -13.04
C ASN D 142 -6.47 -19.03 -13.44
N LYS D 143 -6.24 -19.31 -14.71
CA LYS D 143 -6.17 -20.70 -15.15
C LYS D 143 -5.08 -21.49 -14.45
N HIS D 144 -4.11 -20.79 -13.85
CA HIS D 144 -3.04 -21.49 -13.14
C HIS D 144 -3.51 -22.05 -11.80
N SER D 145 -4.76 -21.79 -11.45
CA SER D 145 -5.29 -22.28 -10.18
C SER D 145 -5.73 -23.73 -10.31
N ASN D 146 -5.83 -24.21 -11.55
CA ASN D 146 -6.20 -25.60 -11.80
C ASN D 146 -5.20 -26.53 -11.12
N ASP D 147 -5.71 -27.51 -10.39
CA ASP D 147 -4.87 -28.55 -9.79
C ASP D 147 -3.93 -28.04 -8.69
N THR D 148 -4.35 -27.03 -7.95
CA THR D 148 -3.55 -26.53 -6.84
C THR D 148 -3.77 -27.35 -5.55
N VAL D 149 -4.32 -28.54 -5.71
CA VAL D 149 -4.47 -29.45 -4.56
C VAL D 149 -3.12 -30.00 -4.13
N HIS D 150 -2.18 -30.03 -5.07
CA HIS D 150 -0.83 -30.54 -4.80
C HIS D 150 -0.05 -29.70 -3.78
N ASP D 151 0.67 -30.40 -2.90
CA ASP D 151 1.35 -29.77 -1.77
C ASP D 151 2.64 -29.03 -2.10
N ARG D 152 3.36 -29.48 -3.12
CA ARG D 152 4.71 -28.97 -3.33
C ARG D 152 5.06 -28.70 -4.80
N ILE D 153 5.17 -27.42 -5.14
CA ILE D 153 5.70 -27.00 -6.44
C ILE D 153 6.71 -25.87 -6.19
N PRO D 154 7.61 -25.63 -7.14
CA PRO D 154 8.66 -24.62 -6.93
C PRO D 154 8.11 -23.20 -6.77
N HIS D 155 6.86 -22.99 -7.16
CA HIS D 155 6.30 -21.65 -7.20
C HIS D 155 5.61 -21.24 -5.91
N ARG D 156 5.53 -22.15 -4.95
CA ARG D 156 4.97 -21.80 -3.65
C ARG D 156 5.93 -20.87 -2.90
N THR D 157 5.39 -19.75 -2.42
CA THR D 157 6.15 -18.78 -1.65
C THR D 157 5.40 -18.43 -0.38
N LEU D 158 6.13 -18.02 0.65
CA LEU D 158 5.53 -17.60 1.90
C LEU D 158 4.98 -16.18 1.78
N LEU D 159 3.68 -16.02 2.02
CA LEU D 159 3.04 -14.71 1.96
C LEU D 159 2.91 -14.11 3.36
N MET D 160 3.03 -12.79 3.46
CA MET D 160 2.95 -12.12 4.76
C MET D 160 2.26 -10.76 4.66
N ASN D 161 1.12 -10.65 5.37
CA ASN D 161 0.33 -9.43 5.45
C ASN D 161 0.02 -9.12 6.91
N GLU D 162 -0.32 -7.87 7.21
CA GLU D 162 -0.90 -7.57 8.51
C GLU D 162 -2.20 -8.37 8.63
N LEU D 163 -2.48 -8.88 9.83
CA LEU D 163 -3.66 -9.70 10.03
C LEU D 163 -4.92 -8.95 9.59
N GLY D 164 -5.78 -9.60 8.81
CA GLY D 164 -7.00 -8.97 8.34
C GLY D 164 -6.88 -8.32 6.96
N VAL D 165 -5.65 -8.21 6.45
CA VAL D 165 -5.44 -7.77 5.08
C VAL D 165 -5.42 -9.00 4.18
N PRO D 166 -6.40 -9.12 3.27
CA PRO D 166 -6.48 -10.29 2.39
C PRO D 166 -5.24 -10.37 1.50
N PHE D 167 -4.92 -11.58 1.03
CA PHE D 167 -3.76 -11.75 0.16
C PHE D 167 -4.05 -11.25 -1.25
N HIS D 168 -3.96 -9.95 -1.44
CA HIS D 168 -4.14 -9.31 -2.73
C HIS D 168 -2.80 -9.23 -3.45
N LEU D 169 -2.79 -8.66 -4.65
CA LEU D 169 -1.59 -8.65 -5.48
C LEU D 169 -0.44 -7.79 -4.93
N GLY D 170 -0.72 -6.98 -3.92
CA GLY D 170 0.32 -6.19 -3.28
C GLY D 170 0.98 -6.91 -2.11
N THR D 171 0.61 -8.18 -1.89
CA THR D 171 1.19 -8.96 -0.80
C THR D 171 2.67 -9.26 -1.06
N ARG D 172 3.49 -9.16 -0.03
CA ARG D 172 4.91 -9.49 -0.17
C ARG D 172 5.16 -10.99 -0.02
N GLN D 173 5.87 -11.55 -1.01
CA GLN D 173 6.36 -12.91 -0.91
C GLN D 173 7.70 -12.91 -0.19
N VAL D 174 7.74 -13.50 0.99
CA VAL D 174 8.87 -13.39 1.90
C VAL D 174 10.02 -14.33 1.53
N CYS D 175 9.70 -15.45 0.90
CA CYS D 175 10.71 -16.42 0.50
C CYS D 175 10.07 -17.55 -0.28
N ILE D 176 10.90 -18.43 -0.84
CA ILE D 176 10.39 -19.60 -1.54
C ILE D 176 10.15 -20.71 -0.52
N ALA D 177 8.94 -21.26 -0.50
CA ALA D 177 8.58 -22.22 0.53
C ALA D 177 7.33 -23.05 0.21
N TRP D 178 7.45 -24.37 0.31
CA TRP D 178 6.26 -25.21 0.36
C TRP D 178 6.05 -25.77 1.77
N SER D 179 6.84 -25.27 2.70
CA SER D 179 6.70 -25.54 4.12
C SER D 179 7.46 -24.43 4.85
N SER D 180 6.92 -23.94 5.96
CA SER D 180 7.56 -22.81 6.62
C SER D 180 7.18 -22.60 8.07
N SER D 181 7.95 -21.73 8.72
CA SER D 181 7.69 -21.30 10.08
C SER D 181 8.28 -19.91 10.24
N SER D 182 7.61 -19.06 11.02
CA SER D 182 8.07 -17.69 11.22
C SER D 182 7.88 -17.29 12.68
N CYS D 183 8.74 -16.41 13.16
CA CYS D 183 8.60 -15.84 14.50
C CYS D 183 9.48 -14.61 14.66
N HIS D 184 9.12 -13.78 15.64
CA HIS D 184 9.83 -12.53 15.89
C HIS D 184 10.45 -12.65 17.29
N ASP D 185 11.74 -12.34 17.39
CA ASP D 185 12.46 -12.54 18.65
C ASP D 185 12.46 -11.29 19.54
N GLY D 186 11.82 -10.23 19.05
CA GLY D 186 11.75 -8.97 19.77
C GLY D 186 12.50 -7.88 19.04
N LYS D 187 13.38 -8.29 18.12
CA LYS D 187 14.18 -7.34 17.35
C LYS D 187 13.88 -7.46 15.87
N ALA D 188 13.75 -8.69 15.38
CA ALA D 188 13.52 -8.89 13.96
C ALA D 188 12.80 -10.21 13.69
N TRP D 189 12.33 -10.37 12.45
CA TRP D 189 11.64 -11.58 12.03
C TRP D 189 12.61 -12.67 11.60
N LEU D 190 12.29 -13.90 12.00
CA LEU D 190 12.93 -15.08 11.47
C LEU D 190 11.92 -15.81 10.59
N HIS D 191 12.37 -16.23 9.42
CA HIS D 191 11.57 -17.09 8.56
C HIS D 191 12.37 -18.33 8.21
N VAL D 192 11.76 -19.48 8.39
CA VAL D 192 12.33 -20.76 8.01
C VAL D 192 11.55 -21.28 6.81
N CYS D 193 12.22 -21.41 5.66
CA CYS D 193 11.53 -21.72 4.42
C CYS D 193 12.13 -22.91 3.68
N ILE D 194 11.28 -23.89 3.36
CA ILE D 194 11.76 -25.12 2.72
C ILE D 194 11.18 -25.26 1.32
N THR D 195 12.04 -25.57 0.35
CA THR D 195 11.62 -25.76 -1.02
C THR D 195 12.60 -26.69 -1.74
N GLY D 196 12.30 -27.04 -2.98
CA GLY D 196 13.15 -27.92 -3.76
C GLY D 196 12.60 -29.33 -3.92
N ASP D 197 13.45 -30.24 -4.40
CA ASP D 197 13.08 -31.63 -4.63
C ASP D 197 12.64 -32.33 -3.35
N ASP D 198 11.67 -33.24 -3.48
CA ASP D 198 11.18 -34.01 -2.34
C ASP D 198 12.32 -34.75 -1.66
N LYS D 199 13.24 -35.30 -2.44
CA LYS D 199 14.29 -36.16 -1.92
C LYS D 199 15.55 -35.42 -1.53
N ASN D 200 15.56 -34.10 -1.73
CA ASN D 200 16.78 -33.32 -1.52
C ASN D 200 16.43 -31.85 -1.34
N ALA D 201 15.53 -31.58 -0.38
CA ALA D 201 15.04 -30.23 -0.16
C ALA D 201 16.06 -29.39 0.59
N THR D 202 15.88 -28.08 0.54
CA THR D 202 16.72 -27.19 1.35
C THR D 202 15.89 -26.22 2.19
N ALA D 203 16.32 -26.03 3.43
CA ALA D 203 15.70 -25.08 4.33
C ALA D 203 16.57 -23.81 4.43
N SER D 204 15.98 -22.67 4.10
CA SER D 204 16.68 -21.39 4.23
C SER D 204 16.23 -20.69 5.50
N PHE D 205 17.17 -20.07 6.19
CA PHE D 205 16.86 -19.30 7.40
C PHE D 205 17.11 -17.81 7.18
N ILE D 206 16.03 -17.03 7.17
CA ILE D 206 16.10 -15.62 6.86
C ILE D 206 15.80 -14.79 8.10
N TYR D 207 16.75 -13.93 8.47
CA TYR D 207 16.63 -13.15 9.69
C TYR D 207 16.87 -11.67 9.38
N ASP D 208 15.94 -10.83 9.79
CA ASP D 208 16.07 -9.40 9.56
C ASP D 208 16.28 -9.11 8.08
N GLY D 209 15.53 -9.82 7.23
CA GLY D 209 15.56 -9.56 5.79
C GLY D 209 16.79 -10.05 5.04
N ARG D 210 17.58 -10.93 5.65
CA ARG D 210 18.74 -11.48 4.94
C ARG D 210 18.94 -12.96 5.23
N LEU D 211 19.49 -13.69 4.27
CA LEU D 211 19.71 -15.12 4.46
C LEU D 211 20.96 -15.32 5.28
N VAL D 212 20.81 -16.06 6.37
CA VAL D 212 21.90 -16.22 7.33
C VAL D 212 22.42 -17.65 7.35
N ASP D 213 21.55 -18.60 7.06
CA ASP D 213 21.93 -20.01 7.13
C ASP D 213 21.04 -20.87 6.25
N SER D 214 21.42 -22.13 6.09
CA SER D 214 20.60 -23.09 5.36
C SER D 214 21.05 -24.50 5.69
N ILE D 215 20.14 -25.45 5.56
CA ILE D 215 20.49 -26.85 5.80
C ILE D 215 19.77 -27.74 4.81
N GLY D 216 20.45 -28.80 4.36
CA GLY D 216 19.87 -29.71 3.40
C GLY D 216 19.14 -30.85 4.07
N SER D 217 18.30 -31.55 3.30
CA SER D 217 17.57 -32.70 3.80
C SER D 217 18.52 -33.76 4.37
N TRP D 218 18.17 -34.33 5.51
CA TRP D 218 19.01 -35.33 6.16
C TRP D 218 18.51 -36.77 6.01
N SER D 219 17.25 -36.93 5.61
CA SER D 219 16.68 -38.25 5.37
C SER D 219 16.20 -38.43 3.93
N GLN D 220 16.40 -37.41 3.10
CA GLN D 220 16.05 -37.49 1.68
C GLN D 220 14.58 -37.85 1.47
N ASN D 221 13.70 -37.34 2.33
CA ASN D 221 12.29 -37.64 2.20
C ASN D 221 11.39 -36.53 2.75
N ILE D 222 11.26 -35.48 1.94
CA ILE D 222 10.38 -34.34 2.24
C ILE D 222 10.67 -33.67 3.59
N LEU D 223 11.80 -32.98 3.65
CA LEU D 223 12.10 -32.12 4.79
C LEU D 223 10.91 -31.19 4.99
N ARG D 224 10.44 -31.06 6.22
CA ARG D 224 9.23 -30.28 6.49
C ARG D 224 9.22 -29.74 7.92
N THR D 225 8.52 -28.62 8.12
CA THR D 225 8.48 -27.99 9.43
C THR D 225 7.04 -27.67 9.92
N GLN D 226 6.91 -26.69 10.80
CA GLN D 226 5.70 -26.52 11.62
C GLN D 226 4.42 -26.06 10.91
N GLU D 227 4.56 -25.15 9.95
CA GLU D 227 3.41 -24.47 9.33
C GLU D 227 2.67 -23.62 10.35
N SER D 228 3.38 -23.19 11.40
CA SER D 228 2.87 -22.17 12.33
C SER D 228 4.06 -21.48 12.97
N GLU D 229 3.81 -20.55 13.90
CA GLU D 229 4.90 -19.75 14.43
C GLU D 229 5.90 -20.56 15.24
N CYS D 230 7.17 -20.24 15.11
CA CYS D 230 8.18 -20.77 16.01
C CYS D 230 8.20 -19.85 17.22
N VAL D 231 9.02 -20.15 18.22
CA VAL D 231 9.07 -19.27 19.38
C VAL D 231 10.50 -19.00 19.85
N CYS D 232 10.73 -17.76 20.28
CA CYS D 232 12.06 -17.30 20.66
C CYS D 232 12.07 -16.87 22.11
N ILE D 233 13.11 -17.27 22.83
CA ILE D 233 13.32 -16.79 24.19
C ILE D 233 14.73 -16.24 24.33
N ASN D 234 14.82 -15.00 24.79
CA ASN D 234 16.11 -14.35 25.02
C ASN D 234 17.06 -14.44 23.84
N GLY D 235 16.52 -14.31 22.63
CA GLY D 235 17.34 -14.26 21.44
C GLY D 235 17.59 -15.59 20.78
N THR D 236 17.12 -16.66 21.39
CA THR D 236 17.23 -17.99 20.79
C THR D 236 15.87 -18.50 20.35
N CYS D 237 15.74 -18.77 19.06
CA CYS D 237 14.49 -19.30 18.51
C CYS D 237 14.60 -20.80 18.32
N THR D 238 13.50 -21.50 18.50
CA THR D 238 13.50 -22.94 18.31
C THR D 238 12.44 -23.33 17.30
N VAL D 239 12.75 -24.31 16.46
CA VAL D 239 11.81 -24.77 15.46
C VAL D 239 11.93 -26.28 15.30
N VAL D 240 10.81 -26.95 15.05
CA VAL D 240 10.79 -28.40 14.94
C VAL D 240 10.68 -28.81 13.47
N MET D 241 11.62 -29.64 13.02
CA MET D 241 11.67 -30.11 11.65
C MET D 241 11.65 -31.63 11.58
N THR D 242 11.02 -32.17 10.55
CA THR D 242 10.98 -33.61 10.35
C THR D 242 11.39 -33.95 8.92
N ASP D 243 12.08 -35.09 8.78
CA ASP D 243 12.48 -35.59 7.47
C ASP D 243 12.34 -37.10 7.53
N GLY D 244 11.63 -37.67 6.56
CA GLY D 244 11.41 -39.11 6.57
C GLY D 244 9.96 -39.50 6.35
N SER D 245 9.66 -40.77 6.57
CA SER D 245 8.36 -41.33 6.22
C SER D 245 7.17 -40.60 6.85
N ALA D 246 6.09 -40.51 6.09
CA ALA D 246 4.84 -39.95 6.59
C ALA D 246 4.02 -41.02 7.31
N SER D 247 4.41 -42.27 7.15
CA SER D 247 3.62 -43.40 7.66
C SER D 247 4.51 -44.42 8.37
N GLY D 248 5.54 -43.93 9.05
CA GLY D 248 6.48 -44.78 9.74
C GLY D 248 7.51 -43.95 10.47
N ARG D 249 8.43 -44.60 11.16
CA ARG D 249 9.48 -43.89 11.88
C ARG D 249 10.17 -42.86 11.00
N ALA D 250 10.30 -41.65 11.51
CA ALA D 250 10.95 -40.57 10.78
C ALA D 250 12.05 -39.95 11.62
N ASP D 251 12.76 -38.98 11.05
CA ASP D 251 13.88 -38.35 11.73
C ASP D 251 13.54 -36.89 12.07
N THR D 252 13.16 -36.66 13.32
CA THR D 252 12.71 -35.36 13.77
C THR D 252 13.80 -34.65 14.57
N ARG D 253 14.04 -33.38 14.26
CA ARG D 253 15.09 -32.64 14.93
C ARG D 253 14.59 -31.27 15.38
N ILE D 254 15.12 -30.79 16.50
CA ILE D 254 14.79 -29.47 17.00
C ILE D 254 15.98 -28.55 16.82
N LEU D 255 15.78 -27.46 16.10
CA LEU D 255 16.85 -26.52 15.83
C LEU D 255 16.79 -25.32 16.76
N PHE D 256 17.95 -24.82 17.14
CA PHE D 256 18.05 -23.61 17.95
C PHE D 256 18.81 -22.58 17.13
N ILE D 257 18.19 -21.42 16.96
CA ILE D 257 18.65 -20.45 15.99
C ILE D 257 18.80 -19.06 16.63
N GLU D 258 19.96 -18.46 16.43
CA GLU D 258 20.22 -17.14 16.98
C GLU D 258 20.53 -16.15 15.86
N GLU D 259 19.69 -15.13 15.71
CA GLU D 259 19.83 -14.20 14.61
C GLU D 259 19.99 -14.91 13.26
N GLY D 260 19.22 -15.97 13.08
CA GLY D 260 19.19 -16.70 11.81
C GLY D 260 20.23 -17.79 11.70
N LYS D 261 21.10 -17.89 12.70
CA LYS D 261 22.21 -18.84 12.67
C LYS D 261 21.92 -20.07 13.52
N ILE D 262 21.97 -21.25 12.90
CA ILE D 262 21.78 -22.48 13.64
C ILE D 262 22.93 -22.70 14.61
N VAL D 263 22.63 -22.75 15.91
CA VAL D 263 23.67 -22.89 16.93
C VAL D 263 23.68 -24.27 17.56
N HIS D 264 22.62 -25.03 17.35
CA HIS D 264 22.54 -26.36 17.93
C HIS D 264 21.34 -27.11 17.35
N ILE D 265 21.48 -28.43 17.25
CA ILE D 265 20.42 -29.29 16.78
C ILE D 265 20.30 -30.49 17.71
N SER D 266 19.12 -30.67 18.29
CA SER D 266 18.87 -31.80 19.18
C SER D 266 17.93 -32.80 18.51
N PRO D 267 18.23 -34.10 18.66
CA PRO D 267 17.32 -35.10 18.09
C PRO D 267 16.06 -35.16 18.93
N LEU D 268 14.95 -35.58 18.34
CA LEU D 268 13.75 -35.83 19.10
C LEU D 268 14.05 -36.91 20.12
N SER D 269 13.51 -36.77 21.32
CA SER D 269 13.71 -37.74 22.39
C SER D 269 12.39 -37.93 23.14
N GLY D 270 12.25 -39.05 23.83
CA GLY D 270 11.01 -39.33 24.56
C GLY D 270 10.20 -40.46 23.97
N SER D 271 8.87 -40.42 24.16
CA SER D 271 8.02 -41.51 23.71
C SER D 271 7.13 -41.19 22.50
N ALA D 272 7.16 -39.96 22.03
CA ALA D 272 6.42 -39.64 20.80
C ALA D 272 7.04 -40.40 19.63
N GLN D 273 6.21 -41.10 18.87
CA GLN D 273 6.73 -41.98 17.82
C GLN D 273 6.66 -41.38 16.42
N HIS D 274 5.92 -40.29 16.27
CA HIS D 274 5.82 -39.60 14.98
C HIS D 274 5.41 -38.16 15.19
N ILE D 275 6.18 -37.25 14.62
CA ILE D 275 5.98 -35.83 14.85
C ILE D 275 5.89 -35.06 13.53
N GLU D 276 4.83 -34.27 13.40
CA GLU D 276 4.71 -33.37 12.25
C GLU D 276 3.95 -32.11 12.65
N GLU D 277 4.28 -31.01 11.98
CA GLU D 277 3.48 -29.80 12.06
C GLU D 277 3.16 -29.41 13.50
N CYS D 278 4.20 -29.09 14.26
CA CYS D 278 4.02 -28.75 15.67
C CYS D 278 3.43 -27.36 15.86
N SER D 279 2.45 -27.25 16.75
CA SER D 279 1.96 -25.96 17.19
C SER D 279 2.59 -25.68 18.53
N CYS D 280 3.52 -24.72 18.55
CA CYS D 280 4.33 -24.47 19.73
C CYS D 280 3.99 -23.16 20.40
N TYR D 281 4.26 -23.09 21.70
CA TYR D 281 4.06 -21.85 22.43
C TYR D 281 5.09 -21.70 23.53
N PRO D 282 5.40 -20.45 23.91
CA PRO D 282 6.33 -20.21 25.00
C PRO D 282 5.72 -20.61 26.33
N ARG D 283 6.46 -21.38 27.11
CA ARG D 283 6.05 -21.70 28.47
C ARG D 283 7.28 -21.50 29.35
N TYR D 284 7.65 -20.25 29.56
CA TYR D 284 8.89 -19.91 30.27
C TYR D 284 9.13 -20.87 31.43
N PRO D 285 10.36 -21.39 31.55
CA PRO D 285 11.57 -21.03 30.80
C PRO D 285 11.72 -21.77 29.48
N GLY D 286 10.78 -22.66 29.16
CA GLY D 286 10.91 -23.49 27.98
C GLY D 286 9.86 -23.27 26.91
N VAL D 287 9.75 -24.24 26.00
CA VAL D 287 8.80 -24.17 24.91
C VAL D 287 8.07 -25.49 24.81
N ARG D 288 6.76 -25.43 24.60
CA ARG D 288 5.95 -26.65 24.50
C ARG D 288 5.21 -26.71 23.17
N CYS D 289 5.19 -27.88 22.55
CA CYS D 289 4.57 -28.05 21.23
C CYS D 289 3.55 -29.18 21.25
N ILE D 290 2.41 -28.93 20.63
CA ILE D 290 1.41 -29.98 20.43
C ILE D 290 1.36 -30.27 18.93
N CYS D 291 1.55 -31.52 18.56
CA CYS D 291 1.85 -31.85 17.18
C CYS D 291 0.88 -32.83 16.55
N ARG D 292 1.29 -33.39 15.43
CA ARG D 292 0.48 -34.32 14.65
C ARG D 292 1.23 -35.64 14.48
N ASP D 293 0.62 -36.73 14.89
CA ASP D 293 1.15 -38.06 14.64
C ASP D 293 0.45 -38.60 13.41
N ASN D 294 1.19 -38.84 12.34
CA ASN D 294 0.57 -39.24 11.07
C ASN D 294 0.60 -40.75 10.87
N TRP D 295 1.06 -41.47 11.88
CA TRP D 295 1.37 -42.89 11.76
C TRP D 295 0.45 -43.79 12.59
N LYS D 296 0.56 -43.72 13.92
CA LYS D 296 -0.19 -44.64 14.77
C LYS D 296 -1.15 -44.00 15.76
N GLY D 297 -1.13 -42.68 15.89
CA GLY D 297 -1.91 -42.05 16.94
C GLY D 297 -2.95 -41.06 16.47
N SER D 298 -4.12 -41.12 17.06
CA SER D 298 -5.13 -40.08 16.86
C SER D 298 -5.09 -39.13 18.07
N ASN D 299 -4.34 -39.54 19.09
CA ASN D 299 -3.96 -38.64 20.15
C ASN D 299 -2.76 -37.80 19.70
N ARG D 300 -2.68 -36.56 20.16
CA ARG D 300 -1.63 -35.65 19.70
C ARG D 300 -0.35 -35.76 20.53
N PRO D 301 0.80 -35.87 19.87
CA PRO D 301 2.10 -35.89 20.53
C PRO D 301 2.41 -34.55 21.19
N VAL D 302 3.16 -34.58 22.28
CA VAL D 302 3.65 -33.38 22.93
C VAL D 302 5.18 -33.36 22.83
N VAL D 303 5.75 -32.22 22.52
CA VAL D 303 7.20 -32.07 22.56
C VAL D 303 7.58 -30.96 23.52
N ASP D 304 8.46 -31.27 24.46
CA ASP D 304 8.94 -30.27 25.42
C ASP D 304 10.36 -29.89 25.10
N ILE D 305 10.61 -28.60 24.99
CA ILE D 305 11.93 -28.12 24.59
C ILE D 305 12.56 -27.27 25.68
N ASN D 306 13.69 -27.74 26.20
CA ASN D 306 14.45 -27.01 27.19
C ASN D 306 15.44 -26.04 26.53
N MET D 307 15.20 -24.74 26.70
CA MET D 307 16.00 -23.72 26.02
C MET D 307 17.33 -23.44 26.70
N GLU D 308 17.50 -24.01 27.88
CA GLU D 308 18.72 -23.78 28.66
C GLU D 308 19.83 -24.78 28.34
N ASP D 309 19.48 -26.05 28.21
CA ASP D 309 20.46 -27.09 27.89
C ASP D 309 20.13 -27.87 26.63
N TYR D 310 19.13 -27.41 25.88
CA TYR D 310 18.78 -27.98 24.58
C TYR D 310 18.19 -29.39 24.64
N SER D 311 17.93 -29.89 25.84
CA SER D 311 17.36 -31.22 25.98
C SER D 311 15.91 -31.27 25.51
N ILE D 312 15.47 -32.45 25.08
CA ILE D 312 14.14 -32.64 24.52
C ILE D 312 13.41 -33.79 25.21
N ASP D 313 12.11 -33.62 25.44
CA ASP D 313 11.28 -34.72 25.94
C ASP D 313 10.00 -34.76 25.12
N SER D 314 9.34 -35.92 25.07
CA SER D 314 8.09 -36.03 24.34
C SER D 314 7.18 -37.11 24.90
N SER D 315 5.89 -36.98 24.60
CA SER D 315 4.88 -37.92 25.05
C SER D 315 3.61 -37.63 24.27
N TYR D 316 2.46 -37.85 24.90
CA TYR D 316 1.17 -37.62 24.25
C TYR D 316 0.23 -36.88 25.18
N VAL D 317 -0.70 -36.12 24.59
CA VAL D 317 -1.72 -35.45 25.39
C VAL D 317 -2.57 -36.50 26.11
N CYS D 318 -2.74 -36.29 27.42
CA CYS D 318 -3.49 -37.24 28.25
C CYS D 318 -4.96 -37.39 27.85
N SER D 319 -5.59 -36.29 27.46
CA SER D 319 -7.03 -36.25 27.22
C SER D 319 -7.57 -37.43 26.43
N GLY D 320 -8.60 -38.07 26.98
CA GLY D 320 -9.27 -39.17 26.31
C GLY D 320 -10.12 -38.65 25.16
N LEU D 321 -10.36 -37.34 25.15
CA LEU D 321 -10.98 -36.67 24.01
C LEU D 321 -9.84 -36.19 23.13
N VAL D 322 -9.57 -36.94 22.05
CA VAL D 322 -8.36 -36.74 21.26
C VAL D 322 -8.54 -35.70 20.17
N GLY D 323 -7.46 -35.04 19.78
CA GLY D 323 -7.54 -33.87 18.93
C GLY D 323 -7.29 -34.07 17.44
N ASP D 324 -6.91 -35.28 17.05
CA ASP D 324 -6.56 -35.51 15.65
C ASP D 324 -7.79 -35.86 14.82
N THR D 325 -7.61 -35.90 13.50
CA THR D 325 -8.62 -36.34 12.55
C THR D 325 -7.88 -37.07 11.44
N PRO D 326 -8.26 -38.33 11.16
CA PRO D 326 -9.39 -39.06 11.74
C PRO D 326 -9.12 -39.52 13.18
N ARG D 327 -10.16 -40.06 13.82
CA ARG D 327 -10.09 -40.50 15.20
C ARG D 327 -11.37 -41.28 15.51
N ASN D 328 -11.36 -42.08 16.58
CA ASN D 328 -12.58 -42.74 17.06
C ASN D 328 -13.56 -41.72 17.64
N ASP D 329 -14.82 -42.12 17.78
CA ASP D 329 -15.80 -41.26 18.44
C ASP D 329 -15.53 -41.20 19.94
N ASP D 330 -16.16 -40.27 20.63
CA ASP D 330 -15.82 -39.94 22.02
C ASP D 330 -15.93 -41.11 23.00
N SER D 331 -16.80 -42.07 22.70
CA SER D 331 -17.03 -43.17 23.62
C SER D 331 -16.03 -44.31 23.48
N SER D 332 -15.23 -44.28 22.42
CA SER D 332 -14.24 -45.35 22.20
C SER D 332 -12.85 -44.84 21.85
N SER D 333 -12.57 -43.58 22.17
CA SER D 333 -11.24 -43.01 21.97
C SER D 333 -10.46 -43.08 23.27
N ASN D 334 -9.14 -43.25 23.17
CA ASN D 334 -8.30 -43.37 24.36
C ASN D 334 -6.96 -42.68 24.20
N SER D 335 -6.33 -42.39 25.34
CA SER D 335 -4.95 -41.92 25.36
C SER D 335 -4.34 -42.26 26.71
N ASN D 336 -3.11 -42.79 26.71
CA ASN D 336 -2.45 -43.12 27.96
C ASN D 336 -1.31 -42.17 28.32
N CYS D 337 -1.19 -41.07 27.57
CA CYS D 337 -0.18 -40.04 27.83
C CYS D 337 1.19 -40.39 27.27
N ARG D 338 1.41 -41.67 26.98
CA ARG D 338 2.75 -42.14 26.65
C ARG D 338 2.92 -42.67 25.23
N ASN D 339 1.97 -43.47 24.77
CA ASN D 339 2.10 -44.09 23.46
C ASN D 339 0.99 -43.66 22.52
N PRO D 340 1.22 -43.78 21.21
CA PRO D 340 0.14 -43.56 20.25
C PRO D 340 -0.95 -44.59 20.53
N ASN D 341 -2.21 -44.19 20.36
CA ASN D 341 -3.33 -45.04 20.76
C ASN D 341 -3.72 -46.11 19.75
N ASN D 342 -3.11 -46.09 18.57
CA ASN D 342 -3.47 -47.03 17.51
C ASN D 342 -4.97 -47.06 17.22
N GLU D 343 -5.60 -45.90 17.34
CA GLU D 343 -7.02 -45.77 16.98
C GLU D 343 -7.13 -44.86 15.76
N ARG D 344 -7.40 -45.46 14.60
CA ARG D 344 -7.41 -44.73 13.33
C ARG D 344 -6.24 -43.76 13.28
N GLY D 345 -5.07 -44.24 13.69
CA GLY D 345 -3.91 -43.39 13.84
C GLY D 345 -3.29 -42.87 12.55
N THR D 346 -3.51 -43.55 11.44
CA THR D 346 -2.85 -43.13 10.20
C THR D 346 -3.47 -41.84 9.68
N GLN D 347 -2.65 -41.02 9.03
CA GLN D 347 -3.06 -39.70 8.56
C GLN D 347 -3.34 -38.78 9.74
N GLY D 348 -3.79 -37.55 9.47
CA GLY D 348 -4.03 -36.62 10.55
C GLY D 348 -4.23 -35.20 10.04
N VAL D 349 -4.26 -34.24 10.96
CA VAL D 349 -4.37 -32.83 10.59
C VAL D 349 -3.63 -32.00 11.64
N LYS D 350 -3.00 -30.92 11.20
CA LYS D 350 -2.35 -30.03 12.15
C LYS D 350 -3.39 -29.49 13.13
N GLY D 351 -3.07 -29.51 14.42
CA GLY D 351 -3.95 -28.99 15.45
C GLY D 351 -3.16 -28.40 16.61
N TRP D 352 -3.84 -28.10 17.71
CA TRP D 352 -3.19 -27.46 18.85
C TRP D 352 -3.90 -27.77 20.16
N ALA D 353 -3.23 -27.43 21.26
CA ALA D 353 -3.80 -27.53 22.59
C ALA D 353 -2.81 -26.86 23.52
N PHE D 354 -3.26 -26.49 24.72
CA PHE D 354 -2.33 -26.00 25.72
C PHE D 354 -2.79 -26.30 27.14
N ASP D 355 -1.83 -26.45 28.03
CA ASP D 355 -2.10 -26.81 29.41
C ASP D 355 -2.49 -25.61 30.25
N ASN D 356 -3.37 -25.85 31.21
CA ASN D 356 -3.62 -24.91 32.29
C ASN D 356 -3.73 -25.71 33.58
N GLY D 357 -2.63 -25.79 34.32
CA GLY D 357 -2.58 -26.66 35.48
C GLY D 357 -2.78 -28.11 35.07
N ASN D 358 -3.78 -28.75 35.65
CA ASN D 358 -4.11 -30.12 35.31
C ASN D 358 -5.06 -30.22 34.12
N ASP D 359 -5.60 -29.06 33.72
CA ASP D 359 -6.60 -29.02 32.66
C ASP D 359 -6.00 -28.70 31.31
N LEU D 360 -6.79 -28.89 30.26
CA LEU D 360 -6.31 -28.75 28.90
C LEU D 360 -7.33 -28.00 28.05
N TRP D 361 -6.89 -26.95 27.38
CA TRP D 361 -7.69 -26.30 26.35
C TRP D 361 -7.26 -26.87 25.01
N MET D 362 -8.22 -27.23 24.18
CA MET D 362 -7.91 -27.80 22.87
C MET D 362 -8.97 -27.47 21.83
N GLY D 363 -8.59 -27.56 20.57
CA GLY D 363 -9.53 -27.45 19.47
C GLY D 363 -9.46 -28.72 18.66
N ARG D 364 -10.47 -28.94 17.83
CA ARG D 364 -10.50 -30.10 16.94
C ARG D 364 -11.63 -29.91 15.93
N THR D 365 -11.59 -30.67 14.84
CA THR D 365 -12.71 -30.70 13.92
C THR D 365 -13.88 -31.37 14.63
N ILE D 366 -15.08 -31.00 14.26
CA ILE D 366 -16.25 -31.60 14.88
C ILE D 366 -16.43 -33.02 14.35
N SER D 367 -16.31 -33.18 13.05
CA SER D 367 -16.36 -34.50 12.42
C SER D 367 -15.14 -35.33 12.83
N LYS D 368 -15.35 -36.63 13.04
CA LYS D 368 -14.25 -37.49 13.47
C LYS D 368 -13.50 -38.15 12.32
N GLU D 369 -13.98 -37.96 11.10
CA GLU D 369 -13.33 -38.58 9.94
C GLU D 369 -12.93 -37.60 8.85
N SER D 370 -13.56 -36.42 8.85
CA SER D 370 -13.23 -35.43 7.83
C SER D 370 -12.94 -34.06 8.42
N ARG D 371 -12.30 -33.21 7.63
CA ARG D 371 -11.93 -31.87 8.07
C ARG D 371 -13.10 -30.93 7.95
N SER D 372 -14.10 -31.19 8.79
CA SER D 372 -15.36 -30.48 8.76
C SER D 372 -15.69 -29.98 10.16
N GLY D 373 -16.18 -28.75 10.24
CA GLY D 373 -16.51 -28.15 11.52
C GLY D 373 -15.28 -27.88 12.37
N TYR D 374 -15.46 -27.11 13.43
CA TYR D 374 -14.39 -26.89 14.39
C TYR D 374 -14.93 -26.46 15.74
N GLU D 375 -14.42 -27.08 16.80
CA GLU D 375 -14.89 -26.81 18.16
C GLU D 375 -13.71 -26.71 19.10
N THR D 376 -13.84 -25.88 20.13
CA THR D 376 -12.86 -25.84 21.21
C THR D 376 -13.55 -26.12 22.53
N PHE D 377 -12.78 -26.60 23.51
CA PHE D 377 -13.31 -26.83 24.85
C PHE D 377 -12.19 -27.08 25.85
N LYS D 378 -12.54 -27.04 27.13
CA LYS D 378 -11.60 -27.36 28.17
C LYS D 378 -11.87 -28.77 28.67
N VAL D 379 -10.81 -29.56 28.80
CA VAL D 379 -10.95 -30.90 29.36
C VAL D 379 -10.42 -30.90 30.80
N ILE D 380 -11.29 -31.23 31.74
CA ILE D 380 -10.91 -31.28 33.15
C ILE D 380 -9.98 -32.47 33.35
N GLY D 381 -8.75 -32.19 33.78
CA GLY D 381 -7.75 -33.22 33.92
C GLY D 381 -7.13 -33.63 32.59
N GLY D 382 -7.50 -32.91 31.54
CA GLY D 382 -7.02 -33.21 30.21
C GLY D 382 -5.50 -33.22 30.07
N TRP D 383 -4.81 -32.52 30.95
CA TRP D 383 -3.35 -32.49 30.88
C TRP D 383 -2.69 -33.55 31.77
N SER D 384 -3.21 -33.73 32.98
CA SER D 384 -2.57 -34.58 33.98
C SER D 384 -3.14 -35.99 34.07
N THR D 385 -4.42 -36.13 33.75
CA THR D 385 -5.12 -37.41 33.95
C THR D 385 -5.32 -38.17 32.65
N PRO D 386 -4.69 -39.35 32.54
CA PRO D 386 -4.87 -40.19 31.35
C PRO D 386 -6.34 -40.49 31.10
N ASN D 387 -6.77 -40.37 29.85
CA ASN D 387 -8.10 -40.77 29.43
C ASN D 387 -9.27 -39.94 29.99
N SER D 388 -8.98 -38.75 30.51
CA SER D 388 -10.06 -37.91 31.02
C SER D 388 -10.94 -37.43 29.87
N LYS D 389 -12.26 -37.46 30.09
CA LYS D 389 -13.21 -37.13 29.04
C LYS D 389 -14.27 -36.15 29.55
N SER D 390 -14.03 -35.57 30.71
CA SER D 390 -14.95 -34.58 31.25
C SER D 390 -14.66 -33.22 30.63
N GLN D 391 -15.61 -32.72 29.86
CA GLN D 391 -15.45 -31.51 29.08
C GLN D 391 -16.27 -30.35 29.63
N VAL D 392 -15.77 -29.13 29.48
CA VAL D 392 -16.53 -27.93 29.86
C VAL D 392 -16.16 -26.72 28.99
N ASN D 393 -17.06 -25.74 28.92
CA ASN D 393 -16.82 -24.50 28.17
C ASN D 393 -16.63 -24.72 26.67
N ARG D 394 -17.42 -25.62 26.08
CA ARG D 394 -17.36 -25.84 24.64
C ARG D 394 -17.79 -24.60 23.86
N GLN D 395 -17.16 -24.38 22.73
CA GLN D 395 -17.56 -23.33 21.80
C GLN D 395 -17.50 -23.87 20.38
N VAL D 396 -18.57 -23.68 19.63
CA VAL D 396 -18.53 -23.97 18.20
C VAL D 396 -17.84 -22.80 17.49
N ILE D 397 -16.79 -23.08 16.74
CA ILE D 397 -16.13 -22.04 15.95
C ILE D 397 -16.65 -22.09 14.52
N VAL D 398 -16.73 -23.31 13.98
CA VAL D 398 -17.26 -23.54 12.65
C VAL D 398 -18.25 -24.70 12.75
N ASP D 399 -19.49 -24.49 12.33
CA ASP D 399 -20.49 -25.56 12.44
C ASP D 399 -20.14 -26.72 11.51
N ASN D 400 -20.71 -27.89 11.79
CA ASN D 400 -20.30 -29.11 11.09
C ASN D 400 -20.79 -29.19 9.65
N ASN D 401 -21.58 -28.20 9.22
CA ASN D 401 -22.01 -28.15 7.82
C ASN D 401 -20.99 -27.45 6.93
N ASN D 402 -19.86 -27.05 7.51
CA ASN D 402 -18.86 -26.27 6.79
C ASN D 402 -17.45 -26.84 6.94
N TRP D 403 -16.64 -26.68 5.91
CA TRP D 403 -15.29 -27.22 5.91
C TRP D 403 -14.34 -26.41 6.78
N SER D 404 -13.47 -27.10 7.49
CA SER D 404 -12.37 -26.44 8.21
C SER D 404 -11.04 -26.88 7.61
N GLY D 405 -10.10 -27.30 8.44
CA GLY D 405 -8.79 -27.69 7.99
C GLY D 405 -7.75 -27.56 9.09
N TYR D 406 -6.54 -27.15 8.72
CA TYR D 406 -5.48 -26.93 9.70
C TYR D 406 -5.90 -25.93 10.76
N SER D 407 -5.29 -26.05 11.93
CA SER D 407 -5.46 -25.04 12.97
C SER D 407 -4.17 -24.96 13.78
N GLY D 408 -3.94 -23.82 14.42
CA GLY D 408 -2.70 -23.64 15.15
C GLY D 408 -2.79 -22.56 16.19
N ILE D 409 -1.80 -22.53 17.08
CA ILE D 409 -1.77 -21.60 18.18
C ILE D 409 -0.81 -20.45 17.89
N PHE D 410 -1.07 -19.30 18.50
CA PHE D 410 -0.05 -18.25 18.62
C PHE D 410 -0.23 -17.52 19.95
N SER D 411 0.83 -16.89 20.42
CA SER D 411 0.80 -16.28 21.74
C SER D 411 1.03 -14.77 21.66
N VAL D 412 0.30 -14.03 22.49
CA VAL D 412 0.32 -12.57 22.46
C VAL D 412 0.59 -12.03 23.85
N GLU D 413 1.69 -11.28 24.00
CA GLU D 413 2.04 -10.73 25.29
C GLU D 413 1.14 -9.56 25.68
N GLY D 414 0.45 -9.72 26.80
CA GLY D 414 -0.35 -8.65 27.36
C GLY D 414 0.43 -7.88 28.41
N LYS D 415 -0.26 -7.00 29.12
CA LYS D 415 0.39 -6.14 30.10
C LYS D 415 0.95 -6.93 31.27
N SER D 416 0.22 -7.96 31.72
N SER D 416 0.22 -7.95 31.71
CA SER D 416 0.64 -8.72 32.89
CA SER D 416 0.60 -8.70 32.90
C SER D 416 0.84 -10.20 32.58
C SER D 416 0.62 -10.22 32.68
N CYS D 417 0.26 -10.66 31.48
CA CYS D 417 0.23 -12.09 31.20
C CYS D 417 0.35 -12.41 29.71
N ILE D 418 0.62 -13.69 29.42
CA ILE D 418 0.67 -14.19 28.05
C ILE D 418 -0.65 -14.82 27.66
N ASN D 419 -1.26 -14.31 26.61
CA ASN D 419 -2.51 -14.85 26.11
C ASN D 419 -2.26 -15.88 25.00
N ARG D 420 -3.16 -16.84 24.86
CA ARG D 420 -3.08 -17.80 23.77
C ARG D 420 -4.22 -17.55 22.79
N CYS D 421 -3.92 -17.58 21.50
CA CYS D 421 -4.92 -17.41 20.46
C CYS D 421 -4.75 -18.56 19.48
N PHE D 422 -5.74 -18.76 18.62
CA PHE D 422 -5.61 -19.76 17.57
C PHE D 422 -6.30 -19.31 16.29
N TYR D 423 -5.87 -19.88 15.17
CA TYR D 423 -6.50 -19.65 13.88
C TYR D 423 -7.03 -20.99 13.38
N VAL D 424 -8.00 -20.92 12.48
CA VAL D 424 -8.49 -22.12 11.80
C VAL D 424 -8.46 -21.87 10.30
N GLU D 425 -7.86 -22.80 9.56
CA GLU D 425 -7.84 -22.78 8.10
C GLU D 425 -9.18 -23.30 7.58
N LEU D 426 -9.82 -22.53 6.72
CA LEU D 426 -11.10 -22.97 6.15
C LEU D 426 -10.91 -23.32 4.67
N ILE D 427 -10.70 -24.60 4.40
CA ILE D 427 -10.35 -25.07 3.07
C ILE D 427 -11.55 -25.19 2.15
N ARG D 428 -11.46 -24.60 0.97
CA ARG D 428 -12.51 -24.73 -0.04
C ARG D 428 -11.95 -25.30 -1.33
N GLY D 429 -12.82 -25.94 -2.12
CA GLY D 429 -12.40 -26.55 -3.36
C GLY D 429 -12.05 -28.02 -3.19
N ARG D 430 -11.19 -28.53 -4.08
CA ARG D 430 -10.84 -29.94 -4.09
C ARG D 430 -10.03 -30.33 -2.85
N PRO D 431 -10.12 -31.59 -2.44
CA PRO D 431 -10.87 -32.67 -3.10
C PRO D 431 -12.36 -32.69 -2.78
N GLN D 432 -12.80 -31.97 -1.76
CA GLN D 432 -14.19 -32.12 -1.29
C GLN D 432 -15.24 -31.53 -2.23
N GLU D 433 -14.92 -30.42 -2.88
CA GLU D 433 -15.88 -29.74 -3.74
C GLU D 433 -15.38 -29.70 -5.18
N THR D 434 -15.97 -30.53 -6.03
CA THR D 434 -15.40 -30.77 -7.36
C THR D 434 -15.95 -29.90 -8.49
N ARG D 435 -16.91 -29.03 -8.19
CA ARG D 435 -17.36 -28.08 -9.21
C ARG D 435 -16.18 -27.24 -9.67
N VAL D 436 -15.24 -26.98 -8.76
CA VAL D 436 -14.08 -26.18 -9.09
C VAL D 436 -12.83 -27.04 -9.18
N TRP D 437 -11.81 -26.52 -9.84
CA TRP D 437 -10.58 -27.29 -10.05
C TRP D 437 -9.46 -26.89 -9.10
N TRP D 438 -9.67 -25.81 -8.36
CA TRP D 438 -8.66 -25.29 -7.45
C TRP D 438 -8.86 -25.74 -6.01
N THR D 439 -7.86 -25.49 -5.18
CA THR D 439 -7.93 -25.69 -3.75
C THR D 439 -7.38 -24.43 -3.08
N SER D 440 -8.12 -23.87 -2.15
CA SER D 440 -7.65 -22.67 -1.45
C SER D 440 -8.26 -22.59 -0.07
N ASN D 441 -8.03 -21.47 0.62
CA ASN D 441 -8.53 -21.33 1.98
C ASN D 441 -8.73 -19.88 2.40
N SER D 442 -9.62 -19.67 3.36
CA SER D 442 -9.64 -18.43 4.13
C SER D 442 -9.33 -18.78 5.58
N ILE D 443 -9.36 -17.81 6.47
CA ILE D 443 -9.08 -18.09 7.87
C ILE D 443 -10.05 -17.38 8.80
N VAL D 444 -10.17 -17.90 10.01
CA VAL D 444 -10.88 -17.22 11.08
C VAL D 444 -9.98 -17.33 12.30
N VAL D 445 -9.99 -16.32 13.17
CA VAL D 445 -9.01 -16.24 14.25
C VAL D 445 -9.68 -15.85 15.57
N PHE D 446 -9.36 -16.60 16.63
CA PHE D 446 -9.92 -16.33 17.95
C PHE D 446 -8.81 -16.11 18.99
N CYS D 447 -9.11 -15.36 20.04
CA CYS D 447 -8.14 -15.13 21.11
C CYS D 447 -8.70 -15.42 22.49
N GLY D 448 -7.86 -15.94 23.36
CA GLY D 448 -8.26 -16.24 24.73
C GLY D 448 -8.86 -15.01 25.39
N THR D 449 -9.87 -15.23 26.22
CA THR D 449 -10.46 -14.15 26.99
C THR D 449 -10.73 -14.56 28.42
N SER D 450 -10.60 -13.61 29.34
CA SER D 450 -10.96 -13.83 30.73
C SER D 450 -12.36 -13.29 30.98
N GLY D 451 -12.96 -12.70 29.94
CA GLY D 451 -14.30 -12.15 30.03
C GLY D 451 -15.37 -13.15 29.67
N THR D 452 -16.53 -12.66 29.23
CA THR D 452 -17.62 -13.54 28.84
C THR D 452 -17.89 -13.46 27.34
N TYR D 453 -18.74 -14.37 26.85
CA TYR D 453 -18.98 -14.49 25.41
C TYR D 453 -20.25 -15.29 25.14
N GLY D 454 -20.71 -15.27 23.89
CA GLY D 454 -21.90 -15.99 23.50
C GLY D 454 -21.61 -17.15 22.56
N THR D 455 -22.38 -17.23 21.48
CA THR D 455 -22.24 -18.33 20.54
C THR D 455 -22.29 -17.81 19.10
N GLY D 456 -21.89 -18.65 18.16
CA GLY D 456 -21.98 -18.32 16.75
C GLY D 456 -21.29 -19.36 15.90
N SER D 457 -21.17 -19.05 14.61
CA SER D 457 -20.46 -19.90 13.68
C SER D 457 -19.89 -19.01 12.58
N TRP D 458 -18.59 -19.11 12.34
CA TRP D 458 -17.91 -18.24 11.39
C TRP D 458 -17.18 -19.03 10.31
N PRO D 459 -17.93 -19.60 9.36
CA PRO D 459 -17.32 -20.44 8.31
C PRO D 459 -16.75 -19.59 7.19
N ASP D 460 -16.18 -20.24 6.19
CA ASP D 460 -15.65 -19.53 5.03
C ASP D 460 -16.71 -18.63 4.42
N GLY D 461 -17.86 -19.20 4.10
CA GLY D 461 -19.00 -18.42 3.65
C GLY D 461 -19.14 -18.24 2.15
N ALA D 462 -18.21 -18.79 1.38
CA ALA D 462 -18.31 -18.69 -0.06
C ALA D 462 -19.33 -19.67 -0.62
N ASN D 463 -20.05 -19.23 -1.65
CA ASN D 463 -20.97 -20.11 -2.35
C ASN D 463 -20.24 -20.74 -3.51
N ILE D 464 -19.93 -22.03 -3.40
CA ILE D 464 -19.13 -22.72 -4.40
C ILE D 464 -19.69 -22.55 -5.82
N ASN D 465 -20.99 -22.27 -5.91
CA ASN D 465 -21.65 -22.10 -7.20
C ASN D 465 -21.37 -20.74 -7.83
N PHE D 466 -20.94 -19.79 -7.00
CA PHE D 466 -20.62 -18.44 -7.44
C PHE D 466 -19.17 -18.31 -7.86
N MET D 467 -18.39 -19.37 -7.68
CA MET D 467 -16.94 -19.28 -7.83
C MET D 467 -16.47 -19.52 -9.27
N PRO D 468 -15.41 -18.80 -9.68
CA PRO D 468 -14.72 -19.17 -10.93
C PRO D 468 -14.22 -20.61 -10.78
N ILE D 469 -14.42 -21.45 -11.78
CA ILE D 469 -14.06 -22.85 -11.65
C ILE D 469 -12.55 -23.07 -11.81
#